data_1UG7
#
_entry.id   1UG7
#
_entity_poly.entity_id   1
_entity_poly.type   'polypeptide(L)'
_entity_poly.pdbx_seq_one_letter_code
;GSSGSSGMSEVTRSLLQRWGASLRRGADFDSWGQLVEAIDEYQILARHLQKEAQAQHNNSEFTEEQKKTIGKIATCLELR
SAALQSTQSQEEFKLEDLKKLEPILKNILTYNKEFPFDVQPISGPSSG
;
_entity_poly.pdbx_strand_id   A
#
# COMPACT_ATOMS: atom_id res chain seq x y z
N GLY A 1 -3.49 14.83 -24.18
CA GLY A 1 -2.86 14.18 -23.05
C GLY A 1 -3.83 13.23 -22.35
N SER A 2 -3.53 12.95 -21.09
CA SER A 2 -4.36 12.06 -20.30
C SER A 2 -4.46 12.58 -18.86
N SER A 3 -3.30 12.65 -18.22
CA SER A 3 -3.24 13.12 -16.84
C SER A 3 -3.91 14.49 -16.72
N GLY A 4 -3.35 15.45 -17.45
CA GLY A 4 -3.88 16.80 -17.44
C GLY A 4 -2.83 17.79 -16.95
N SER A 5 -2.87 18.06 -15.65
CA SER A 5 -1.93 19.00 -15.05
C SER A 5 -1.08 18.27 -14.01
N SER A 6 0.19 18.67 -13.96
CA SER A 6 1.12 18.07 -13.02
C SER A 6 0.70 18.39 -11.58
N GLY A 7 0.81 17.39 -10.73
CA GLY A 7 0.45 17.55 -9.33
C GLY A 7 -0.55 16.47 -8.90
N MET A 8 -1.78 16.91 -8.69
CA MET A 8 -2.83 16.00 -8.28
C MET A 8 -4.22 16.54 -8.66
N SER A 9 -4.82 15.88 -9.63
CA SER A 9 -6.14 16.29 -10.11
C SER A 9 -7.04 16.59 -8.92
N GLU A 10 -7.43 15.54 -8.22
CA GLU A 10 -8.29 15.68 -7.05
C GLU A 10 -8.78 14.30 -6.59
N VAL A 11 -8.94 13.40 -7.55
CA VAL A 11 -9.39 12.06 -7.25
C VAL A 11 -8.29 11.31 -6.50
N THR A 12 -7.05 11.65 -6.84
CA THR A 12 -5.90 11.02 -6.21
C THR A 12 -5.93 11.25 -4.70
N ARG A 13 -6.49 12.38 -4.32
CA ARG A 13 -6.59 12.74 -2.91
C ARG A 13 -7.61 11.86 -2.20
N SER A 14 -8.66 11.51 -2.94
CA SER A 14 -9.71 10.67 -2.39
C SER A 14 -9.19 9.26 -2.16
N LEU A 15 -8.18 8.90 -2.95
CA LEU A 15 -7.58 7.58 -2.85
C LEU A 15 -6.82 7.48 -1.53
N LEU A 16 -5.79 8.30 -1.41
CA LEU A 16 -4.97 8.31 -0.21
C LEU A 16 -5.88 8.20 1.02
N GLN A 17 -7.09 8.71 0.86
CA GLN A 17 -8.06 8.67 1.94
C GLN A 17 -8.60 7.25 2.14
N ARG A 18 -9.36 6.80 1.15
CA ARG A 18 -9.93 5.46 1.22
C ARG A 18 -8.84 4.43 1.50
N TRP A 19 -7.65 4.71 0.98
CA TRP A 19 -6.52 3.82 1.17
C TRP A 19 -6.13 3.86 2.66
N GLY A 20 -5.70 5.03 3.10
CA GLY A 20 -5.30 5.21 4.49
C GLY A 20 -6.40 4.73 5.44
N ALA A 21 -7.62 4.69 4.91
CA ALA A 21 -8.76 4.26 5.70
C ALA A 21 -8.74 2.73 5.83
N SER A 22 -8.16 2.09 4.82
CA SER A 22 -8.08 0.64 4.79
C SER A 22 -7.08 0.17 5.85
N LEU A 23 -5.85 0.63 5.72
CA LEU A 23 -4.80 0.26 6.65
C LEU A 23 -5.29 0.54 8.09
N ARG A 24 -5.68 1.78 8.32
CA ARG A 24 -6.15 2.19 9.63
C ARG A 24 -7.08 1.13 10.20
N ARG A 25 -8.02 0.69 9.37
CA ARG A 25 -8.98 -0.32 9.78
C ARG A 25 -8.30 -1.69 9.87
N GLY A 26 -7.69 -2.08 8.76
CA GLY A 26 -7.00 -3.36 8.71
C GLY A 26 -6.29 -3.66 10.03
N ALA A 27 -5.88 -2.59 10.70
CA ALA A 27 -5.19 -2.73 11.97
C ALA A 27 -6.23 -2.90 13.09
N ASP A 28 -7.19 -2.01 13.10
CA ASP A 28 -8.24 -2.04 14.11
C ASP A 28 -8.65 -3.49 14.35
N PHE A 29 -8.76 -4.24 13.25
CA PHE A 29 -9.15 -5.64 13.35
C PHE A 29 -8.11 -6.45 14.13
N ASP A 30 -6.87 -6.34 13.69
CA ASP A 30 -5.78 -7.04 14.35
C ASP A 30 -5.89 -6.86 15.86
N SER A 31 -5.72 -5.61 16.28
CA SER A 31 -5.80 -5.28 17.70
C SER A 31 -6.93 -6.06 18.35
N TRP A 32 -8.14 -5.77 17.92
CA TRP A 32 -9.32 -6.43 18.45
C TRP A 32 -9.08 -7.94 18.38
N GLY A 33 -9.17 -8.47 17.17
CA GLY A 33 -8.96 -9.90 16.95
C GLY A 33 -9.68 -10.37 15.69
N GLN A 34 -9.57 -9.57 14.65
CA GLN A 34 -10.19 -9.88 13.38
C GLN A 34 -9.13 -10.08 12.29
N LEU A 35 -8.30 -11.09 12.50
CA LEU A 35 -7.24 -11.40 11.55
C LEU A 35 -7.85 -11.57 10.15
N VAL A 36 -8.84 -12.45 10.08
CA VAL A 36 -9.50 -12.73 8.82
C VAL A 36 -9.81 -11.40 8.11
N GLU A 37 -10.73 -10.65 8.70
CA GLU A 37 -11.13 -9.38 8.14
C GLU A 37 -9.89 -8.52 7.84
N ALA A 38 -8.97 -8.52 8.80
CA ALA A 38 -7.74 -7.77 8.66
C ALA A 38 -7.08 -8.11 7.33
N ILE A 39 -6.67 -9.36 7.22
CA ILE A 39 -6.03 -9.84 6.00
C ILE A 39 -6.74 -9.24 4.78
N ASP A 40 -8.02 -9.55 4.68
CA ASP A 40 -8.83 -9.05 3.58
C ASP A 40 -8.49 -7.59 3.32
N GLU A 41 -8.73 -6.77 4.33
CA GLU A 41 -8.45 -5.35 4.23
C GLU A 41 -7.08 -5.12 3.60
N TYR A 42 -6.05 -5.64 4.27
CA TYR A 42 -4.69 -5.51 3.79
C TYR A 42 -4.58 -5.93 2.33
N GLN A 43 -4.91 -7.20 2.09
CA GLN A 43 -4.85 -7.74 0.74
C GLN A 43 -5.55 -6.81 -0.25
N ILE A 44 -6.85 -6.66 -0.05
CA ILE A 44 -7.65 -5.81 -0.90
C ILE A 44 -6.88 -4.51 -1.18
N LEU A 45 -6.48 -3.86 -0.11
CA LEU A 45 -5.74 -2.61 -0.22
C LEU A 45 -4.46 -2.86 -1.02
N ALA A 46 -3.82 -3.99 -0.72
CA ALA A 46 -2.58 -4.35 -1.40
C ALA A 46 -2.85 -4.49 -2.90
N ARG A 47 -3.86 -5.28 -3.21
CA ARG A 47 -4.24 -5.50 -4.60
C ARG A 47 -4.39 -4.16 -5.34
N HIS A 48 -5.07 -3.24 -4.66
CA HIS A 48 -5.29 -1.92 -5.23
C HIS A 48 -3.94 -1.22 -5.48
N LEU A 49 -3.10 -1.27 -4.45
CA LEU A 49 -1.79 -0.66 -4.54
C LEU A 49 -1.12 -1.08 -5.85
N GLN A 50 -1.30 -2.35 -6.19
CA GLN A 50 -0.72 -2.88 -7.42
C GLN A 50 -1.47 -2.34 -8.64
N LYS A 51 -2.79 -2.48 -8.59
CA LYS A 51 -3.62 -2.00 -9.69
C LYS A 51 -3.12 -0.63 -10.14
N GLU A 52 -2.55 0.10 -9.21
CA GLU A 52 -2.03 1.42 -9.49
C GLU A 52 -0.54 1.35 -9.83
N ALA A 53 0.14 0.43 -9.16
CA ALA A 53 1.57 0.25 -9.38
C ALA A 53 1.80 -0.36 -10.76
N GLN A 54 1.30 -1.58 -10.92
CA GLN A 54 1.45 -2.28 -12.19
C GLN A 54 0.64 -1.59 -13.27
N ALA A 55 -0.49 -1.05 -12.87
CA ALA A 55 -1.36 -0.34 -13.81
C ALA A 55 -1.76 -1.29 -14.94
N GLN A 56 -2.65 -0.81 -15.79
CA GLN A 56 -3.11 -1.60 -16.92
C GLN A 56 -2.31 -1.25 -18.18
N HIS A 57 -2.21 0.05 -18.43
CA HIS A 57 -1.48 0.53 -19.59
C HIS A 57 -0.33 1.43 -19.14
N ASN A 58 0.43 0.92 -18.18
CA ASN A 58 1.56 1.67 -17.65
C ASN A 58 1.17 3.14 -17.50
N ASN A 59 -0.10 3.36 -17.20
CA ASN A 59 -0.61 4.70 -17.03
C ASN A 59 -0.29 5.19 -15.61
N SER A 60 -1.11 4.73 -14.67
CA SER A 60 -0.93 5.11 -13.28
C SER A 60 -1.17 6.61 -13.10
N GLU A 61 -2.26 6.92 -12.41
CA GLU A 61 -2.61 8.31 -12.16
C GLU A 61 -1.49 9.03 -11.42
N PHE A 62 -0.60 8.22 -10.84
CA PHE A 62 0.52 8.76 -10.09
C PHE A 62 1.81 8.68 -10.90
N THR A 63 2.80 9.46 -10.48
CA THR A 63 4.08 9.48 -11.16
C THR A 63 4.78 8.12 -11.01
N GLU A 64 6.07 8.11 -11.33
CA GLU A 64 6.86 6.90 -11.24
C GLU A 64 7.40 6.73 -9.82
N GLU A 65 7.79 7.85 -9.22
CA GLU A 65 8.32 7.83 -7.87
C GLU A 65 7.22 7.47 -6.87
N GLN A 66 5.99 7.74 -7.26
CA GLN A 66 4.85 7.44 -6.42
C GLN A 66 4.49 5.95 -6.51
N LYS A 67 3.99 5.57 -7.68
CA LYS A 67 3.62 4.19 -7.91
C LYS A 67 4.64 3.26 -7.25
N LYS A 68 5.90 3.62 -7.41
CA LYS A 68 6.98 2.84 -6.84
C LYS A 68 6.61 2.40 -5.42
N THR A 69 6.45 3.39 -4.56
CA THR A 69 6.08 3.13 -3.17
C THR A 69 4.79 2.31 -3.11
N ILE A 70 3.79 2.79 -3.84
CA ILE A 70 2.50 2.12 -3.87
C ILE A 70 2.72 0.63 -4.15
N GLY A 71 3.46 0.37 -5.21
CA GLY A 71 3.75 -1.01 -5.60
C GLY A 71 4.56 -1.72 -4.52
N LYS A 72 5.15 -0.93 -3.65
CA LYS A 72 5.97 -1.46 -2.57
C LYS A 72 5.08 -1.71 -1.34
N ILE A 73 4.41 -0.65 -0.92
CA ILE A 73 3.54 -0.73 0.23
C ILE A 73 2.81 -2.08 0.23
N ALA A 74 2.37 -2.47 -0.96
CA ALA A 74 1.67 -3.73 -1.11
C ALA A 74 2.53 -4.87 -0.54
N THR A 75 3.75 -4.96 -1.07
CA THR A 75 4.67 -5.99 -0.62
C THR A 75 4.54 -6.20 0.89
N CYS A 76 4.76 -5.13 1.64
CA CYS A 76 4.67 -5.19 3.09
C CYS A 76 3.37 -5.91 3.45
N LEU A 77 2.27 -5.41 2.89
CA LEU A 77 0.97 -5.99 3.16
C LEU A 77 1.05 -7.51 3.02
N GLU A 78 1.46 -7.94 1.83
CA GLU A 78 1.59 -9.36 1.55
C GLU A 78 2.24 -10.08 2.74
N LEU A 79 3.06 -9.33 3.46
CA LEU A 79 3.75 -9.87 4.62
C LEU A 79 2.80 -9.88 5.82
N ARG A 80 2.19 -8.73 6.06
CA ARG A 80 1.26 -8.60 7.17
C ARG A 80 0.18 -9.69 7.08
N SER A 81 -0.63 -9.60 6.04
CA SER A 81 -1.71 -10.55 5.83
C SER A 81 -1.19 -11.97 6.08
N ALA A 82 -0.10 -12.30 5.40
CA ALA A 82 0.51 -13.61 5.54
C ALA A 82 0.86 -13.86 7.01
N ALA A 83 1.54 -12.89 7.58
CA ALA A 83 1.96 -12.99 8.97
C ALA A 83 0.78 -13.52 9.81
N LEU A 84 -0.41 -13.03 9.48
CA LEU A 84 -1.61 -13.45 10.18
C LEU A 84 -1.88 -14.93 9.87
N GLN A 85 -1.95 -15.22 8.59
CA GLN A 85 -2.21 -16.59 8.16
C GLN A 85 -1.16 -17.53 8.73
N SER A 86 0.10 -17.16 8.54
CA SER A 86 1.21 -17.97 9.02
C SER A 86 0.91 -18.44 10.45
N THR A 87 1.19 -19.72 10.69
CA THR A 87 0.97 -20.31 12.00
C THR A 87 2.30 -20.66 12.66
N GLN A 88 3.07 -21.48 11.96
CA GLN A 88 4.36 -21.91 12.47
C GLN A 88 5.45 -20.90 12.08
N SER A 89 5.44 -19.76 12.77
CA SER A 89 6.40 -18.72 12.50
C SER A 89 6.16 -17.53 13.43
N GLN A 90 7.08 -16.58 13.37
CA GLN A 90 6.98 -15.39 14.21
C GLN A 90 8.20 -14.48 13.99
N GLU A 91 8.38 -14.11 12.73
CA GLU A 91 9.49 -13.24 12.37
C GLU A 91 9.19 -12.49 11.08
N GLU A 92 7.90 -12.34 10.82
CA GLU A 92 7.46 -11.64 9.62
C GLU A 92 7.22 -10.16 9.93
N PHE A 93 6.25 -9.59 9.23
CA PHE A 93 5.91 -8.19 9.42
C PHE A 93 5.02 -8.00 10.64
N LYS A 94 5.23 -6.88 11.31
CA LYS A 94 4.44 -6.56 12.51
C LYS A 94 3.44 -5.46 12.17
N LEU A 95 2.82 -4.93 13.22
CA LEU A 95 1.84 -3.87 13.05
C LEU A 95 2.56 -2.55 12.82
N GLU A 96 3.42 -2.21 13.77
CA GLU A 96 4.18 -0.97 13.68
C GLU A 96 4.80 -0.83 12.29
N ASP A 97 5.40 -1.92 11.83
CA ASP A 97 6.04 -1.92 10.53
C ASP A 97 4.98 -1.72 9.44
N LEU A 98 3.76 -2.13 9.76
CA LEU A 98 2.65 -2.00 8.84
C LEU A 98 2.12 -0.56 8.89
N LYS A 99 1.86 -0.10 10.11
CA LYS A 99 1.35 1.23 10.32
C LYS A 99 2.36 2.25 9.81
N LYS A 100 3.58 1.76 9.57
CA LYS A 100 4.65 2.61 9.09
C LYS A 100 4.33 3.07 7.67
N LEU A 101 3.29 2.48 7.11
CA LEU A 101 2.87 2.81 5.75
C LEU A 101 1.68 3.77 5.82
N GLU A 102 1.04 3.79 6.97
CA GLU A 102 -0.11 4.64 7.18
C GLU A 102 0.20 6.07 6.70
N PRO A 103 1.34 6.60 7.19
CA PRO A 103 1.76 7.94 6.82
C PRO A 103 2.32 7.96 5.39
N ILE A 104 3.22 7.03 5.13
CA ILE A 104 3.84 6.94 3.82
C ILE A 104 2.77 7.19 2.74
N LEU A 105 1.79 6.30 2.71
CA LEU A 105 0.72 6.41 1.74
C LEU A 105 0.32 7.89 1.59
N LYS A 106 0.09 8.52 2.73
CA LYS A 106 -0.29 9.92 2.75
C LYS A 106 0.86 10.77 2.21
N ASN A 107 2.05 10.48 2.72
CA ASN A 107 3.24 11.20 2.30
C ASN A 107 3.83 10.53 1.07
N ILE A 108 2.95 10.11 0.18
CA ILE A 108 3.38 9.45 -1.04
C ILE A 108 3.98 10.48 -2.00
N LEU A 109 3.28 11.60 -2.12
CA LEU A 109 3.73 12.67 -2.99
C LEU A 109 5.05 13.23 -2.46
N THR A 110 5.13 13.34 -1.14
CA THR A 110 6.33 13.86 -0.51
C THR A 110 7.19 12.71 0.00
N TYR A 111 7.40 11.73 -0.87
CA TYR A 111 8.21 10.57 -0.51
C TYR A 111 9.52 10.56 -1.28
N ASN A 112 10.60 10.86 -0.56
CA ASN A 112 11.92 10.90 -1.16
C ASN A 112 12.54 9.50 -1.08
N LYS A 113 11.76 8.52 -1.50
CA LYS A 113 12.23 7.15 -1.49
C LYS A 113 12.93 6.86 -0.16
N GLU A 114 13.62 5.72 -0.12
CA GLU A 114 14.34 5.34 1.07
C GLU A 114 13.41 4.62 2.05
N PHE A 115 12.70 3.63 1.53
CA PHE A 115 11.76 2.88 2.35
C PHE A 115 12.44 2.35 3.61
N PRO A 116 11.68 2.40 4.74
CA PRO A 116 12.20 1.94 6.02
C PRO A 116 12.23 0.40 6.07
N PHE A 117 11.83 -0.20 4.96
CA PHE A 117 11.80 -1.65 4.87
C PHE A 117 12.38 -2.13 3.54
N ASP A 118 12.67 -3.42 3.49
CA ASP A 118 13.24 -4.02 2.28
C ASP A 118 12.12 -4.70 1.49
N VAL A 119 11.46 -3.90 0.65
CA VAL A 119 10.38 -4.41 -0.17
C VAL A 119 10.53 -3.88 -1.59
N GLN A 120 10.66 -4.79 -2.53
CA GLN A 120 10.81 -4.43 -3.93
C GLN A 120 9.46 -4.00 -4.51
N PRO A 121 9.53 -3.10 -5.52
CA PRO A 121 8.32 -2.61 -6.18
C PRO A 121 7.73 -3.66 -7.10
N ILE A 122 6.52 -4.08 -6.77
CA ILE A 122 5.82 -5.08 -7.57
C ILE A 122 5.52 -4.51 -8.95
N SER A 123 6.04 -5.17 -9.97
CA SER A 123 5.84 -4.75 -11.34
C SER A 123 6.49 -3.38 -11.56
N GLY A 124 6.66 -3.04 -12.83
CA GLY A 124 7.26 -1.77 -13.19
C GLY A 124 8.55 -1.98 -14.00
N PRO A 125 8.78 -1.05 -14.97
CA PRO A 125 9.96 -1.13 -15.82
C PRO A 125 11.21 -0.69 -15.05
N SER A 126 12.15 -1.60 -14.96
CA SER A 126 13.40 -1.33 -14.26
C SER A 126 14.56 -1.29 -15.25
N SER A 127 15.65 -0.66 -14.83
CA SER A 127 16.82 -0.54 -15.68
C SER A 127 16.49 0.24 -16.95
N GLY A 128 16.99 1.46 -17.00
CA GLY A 128 16.76 2.31 -18.15
C GLY A 128 16.33 3.72 -17.71
N GLY A 1 -16.35 15.68 -19.17
CA GLY A 1 -15.05 15.97 -18.59
C GLY A 1 -14.04 14.87 -18.94
N SER A 2 -13.02 14.76 -18.11
CA SER A 2 -11.98 13.77 -18.32
C SER A 2 -11.15 13.60 -17.06
N SER A 3 -10.88 12.34 -16.72
CA SER A 3 -10.10 12.03 -15.54
C SER A 3 -8.61 12.22 -15.83
N GLY A 4 -8.02 13.19 -15.15
CA GLY A 4 -6.60 13.47 -15.33
C GLY A 4 -6.05 14.28 -14.16
N SER A 5 -5.23 15.26 -14.50
CA SER A 5 -4.62 16.11 -13.49
C SER A 5 -3.90 15.26 -12.44
N SER A 6 -2.60 15.10 -12.63
CA SER A 6 -1.79 14.32 -11.71
C SER A 6 -1.54 15.11 -10.43
N GLY A 7 -1.26 14.37 -9.36
CA GLY A 7 -1.00 14.99 -8.07
C GLY A 7 -2.28 15.07 -7.24
N MET A 8 -2.09 15.10 -5.93
CA MET A 8 -3.22 15.18 -5.01
C MET A 8 -4.11 16.35 -5.34
N SER A 9 -5.20 16.05 -6.06
CA SER A 9 -6.15 17.07 -6.44
C SER A 9 -7.58 16.55 -6.29
N GLU A 10 -8.02 16.49 -5.05
CA GLU A 10 -9.36 16.01 -4.75
C GLU A 10 -9.49 14.53 -5.11
N VAL A 11 -9.53 14.28 -6.42
CA VAL A 11 -9.65 12.92 -6.92
C VAL A 11 -8.65 12.02 -6.19
N THR A 12 -7.38 12.26 -6.48
CA THR A 12 -6.32 11.48 -5.87
C THR A 12 -6.47 11.48 -4.35
N ARG A 13 -6.72 12.66 -3.80
CA ARG A 13 -6.90 12.81 -2.37
C ARG A 13 -7.81 11.70 -1.83
N SER A 14 -8.90 11.48 -2.55
CA SER A 14 -9.86 10.46 -2.15
C SER A 14 -9.15 9.10 -2.02
N LEU A 15 -8.15 8.91 -2.87
CA LEU A 15 -7.40 7.67 -2.86
C LEU A 15 -6.57 7.59 -1.57
N LEU A 16 -5.57 8.44 -1.50
CA LEU A 16 -4.70 8.47 -0.34
C LEU A 16 -5.54 8.28 0.93
N GLN A 17 -6.78 8.74 0.84
CA GLN A 17 -7.69 8.65 1.97
C GLN A 17 -8.27 7.23 2.05
N ARG A 18 -9.05 6.88 1.04
CA ARG A 18 -9.67 5.57 1.00
C ARG A 18 -8.64 4.48 1.30
N TRP A 19 -7.40 4.76 0.88
CA TRP A 19 -6.32 3.81 1.10
C TRP A 19 -6.02 3.78 2.60
N GLY A 20 -5.57 4.92 3.11
CA GLY A 20 -5.25 5.03 4.52
C GLY A 20 -6.38 4.48 5.39
N ALA A 21 -7.57 4.47 4.81
CA ALA A 21 -8.74 3.97 5.52
C ALA A 21 -8.63 2.44 5.67
N SER A 22 -8.01 1.83 4.67
CA SER A 22 -7.83 0.38 4.68
C SER A 22 -6.85 -0.01 5.78
N LEU A 23 -5.61 0.40 5.61
CA LEU A 23 -4.57 0.10 6.58
C LEU A 23 -5.10 0.37 7.98
N ARG A 24 -5.57 1.59 8.19
CA ARG A 24 -6.11 1.99 9.48
C ARG A 24 -7.06 0.91 10.01
N ARG A 25 -8.05 0.59 9.20
CA ARG A 25 -9.03 -0.43 9.57
C ARG A 25 -8.34 -1.78 9.79
N GLY A 26 -7.54 -2.16 8.81
CA GLY A 26 -6.82 -3.42 8.88
C GLY A 26 -6.18 -3.61 10.25
N ALA A 27 -5.84 -2.48 10.87
CA ALA A 27 -5.22 -2.51 12.18
C ALA A 27 -6.29 -2.72 13.25
N ASP A 28 -7.35 -1.92 13.14
CA ASP A 28 -8.45 -2.01 14.09
C ASP A 28 -8.86 -3.48 14.25
N PHE A 29 -8.93 -4.17 13.12
CA PHE A 29 -9.31 -5.57 13.12
C PHE A 29 -8.27 -6.42 13.85
N ASP A 30 -7.02 -6.23 13.45
CA ASP A 30 -5.93 -6.98 14.05
C ASP A 30 -5.97 -6.79 15.57
N SER A 31 -5.83 -5.55 15.99
CA SER A 31 -5.84 -5.23 17.41
C SER A 31 -6.89 -6.10 18.12
N TRP A 32 -8.14 -5.81 17.83
CA TRP A 32 -9.24 -6.56 18.43
C TRP A 32 -8.92 -8.05 18.31
N GLY A 33 -9.00 -8.55 17.08
CA GLY A 33 -8.73 -9.94 16.82
C GLY A 33 -9.43 -10.42 15.55
N GLN A 34 -9.35 -9.57 14.53
CA GLN A 34 -9.98 -9.88 13.25
C GLN A 34 -8.91 -10.09 12.17
N LEU A 35 -8.21 -11.21 12.27
CA LEU A 35 -7.16 -11.53 11.32
C LEU A 35 -7.78 -11.67 9.92
N VAL A 36 -8.79 -12.52 9.84
CA VAL A 36 -9.47 -12.75 8.58
C VAL A 36 -9.76 -11.41 7.91
N GLU A 37 -10.63 -10.64 8.55
CA GLU A 37 -11.00 -9.33 8.03
C GLU A 37 -9.76 -8.49 7.78
N ALA A 38 -8.84 -8.55 8.72
CA ALA A 38 -7.60 -7.80 8.61
C ALA A 38 -6.90 -8.15 7.30
N ILE A 39 -6.63 -9.44 7.14
CA ILE A 39 -5.97 -9.92 5.94
C ILE A 39 -6.63 -9.29 4.72
N ASP A 40 -7.89 -9.63 4.52
CA ASP A 40 -8.64 -9.10 3.39
C ASP A 40 -8.40 -7.58 3.29
N GLU A 41 -8.62 -6.90 4.40
CA GLU A 41 -8.42 -5.47 4.45
C GLU A 41 -7.08 -5.09 3.83
N TYR A 42 -6.03 -5.70 4.35
CA TYR A 42 -4.69 -5.44 3.86
C TYR A 42 -4.55 -5.86 2.39
N GLN A 43 -5.00 -7.08 2.11
CA GLN A 43 -4.93 -7.60 0.76
C GLN A 43 -5.59 -6.64 -0.23
N ILE A 44 -6.87 -6.41 -0.01
CA ILE A 44 -7.64 -5.51 -0.86
C ILE A 44 -6.79 -4.29 -1.19
N LEU A 45 -6.41 -3.58 -0.15
CA LEU A 45 -5.59 -2.38 -0.31
C LEU A 45 -4.34 -2.73 -1.12
N ALA A 46 -3.79 -3.89 -0.81
CA ALA A 46 -2.59 -4.35 -1.50
C ALA A 46 -2.90 -4.50 -3.00
N ARG A 47 -3.98 -5.20 -3.29
CA ARG A 47 -4.39 -5.42 -4.67
C ARG A 47 -4.56 -4.09 -5.38
N HIS A 48 -5.18 -3.15 -4.68
CA HIS A 48 -5.41 -1.82 -5.24
C HIS A 48 -4.07 -1.14 -5.53
N LEU A 49 -3.20 -1.20 -4.54
CA LEU A 49 -1.88 -0.59 -4.67
C LEU A 49 -1.24 -1.05 -5.97
N GLN A 50 -1.32 -2.36 -6.21
CA GLN A 50 -0.77 -2.94 -7.42
C GLN A 50 -1.37 -2.28 -8.66
N LYS A 51 -2.69 -2.27 -8.70
CA LYS A 51 -3.40 -1.68 -9.82
C LYS A 51 -2.74 -0.35 -10.19
N GLU A 52 -2.14 0.27 -9.19
CA GLU A 52 -1.46 1.54 -9.40
C GLU A 52 0.03 1.32 -9.67
N ALA A 53 0.57 0.30 -9.02
CA ALA A 53 1.98 -0.03 -9.18
C ALA A 53 2.21 -0.58 -10.58
N GLN A 54 1.39 -1.56 -10.94
CA GLN A 54 1.49 -2.18 -12.25
C GLN A 54 0.42 -1.62 -13.19
N ALA A 55 0.28 -0.30 -13.17
CA ALA A 55 -0.70 0.36 -14.01
C ALA A 55 0.00 0.95 -15.23
N GLN A 56 1.11 1.63 -14.97
CA GLN A 56 1.87 2.25 -16.03
C GLN A 56 1.11 3.43 -16.62
N HIS A 57 0.20 3.12 -17.54
CA HIS A 57 -0.61 4.14 -18.19
C HIS A 57 -1.93 3.53 -18.65
N ASN A 58 -2.75 3.17 -17.67
CA ASN A 58 -4.05 2.58 -17.97
C ASN A 58 -5.10 3.19 -17.05
N ASN A 59 -4.84 3.12 -15.76
CA ASN A 59 -5.75 3.67 -14.77
C ASN A 59 -4.96 4.13 -13.55
N SER A 60 -4.59 5.39 -13.56
CA SER A 60 -3.82 5.97 -12.46
C SER A 60 -3.41 7.40 -12.80
N GLU A 61 -3.23 8.19 -11.76
CA GLU A 61 -2.84 9.58 -11.93
C GLU A 61 -1.65 9.91 -11.03
N PHE A 62 -0.66 9.02 -11.07
CA PHE A 62 0.54 9.21 -10.27
C PHE A 62 1.80 9.05 -11.11
N THR A 63 2.93 9.34 -10.49
CA THR A 63 4.20 9.23 -11.18
C THR A 63 4.90 7.90 -10.82
N GLU A 64 5.85 7.53 -11.67
CA GLU A 64 6.58 6.29 -11.45
C GLU A 64 6.97 6.15 -9.98
N GLU A 65 7.64 7.17 -9.47
CA GLU A 65 8.07 7.18 -8.08
C GLU A 65 6.92 6.71 -7.17
N GLN A 66 5.77 7.34 -7.36
CA GLN A 66 4.60 7.01 -6.56
C GLN A 66 4.23 5.54 -6.77
N LYS A 67 3.77 5.23 -7.98
CA LYS A 67 3.38 3.88 -8.32
C LYS A 67 4.46 2.90 -7.82
N LYS A 68 5.69 3.37 -7.85
CA LYS A 68 6.82 2.56 -7.42
C LYS A 68 6.63 2.18 -5.95
N THR A 69 6.49 3.22 -5.12
CA THR A 69 6.30 3.01 -3.69
C THR A 69 4.97 2.31 -3.42
N ILE A 70 3.93 2.81 -4.09
CA ILE A 70 2.60 2.25 -3.93
C ILE A 70 2.71 0.72 -3.89
N GLY A 71 3.58 0.19 -4.73
CA GLY A 71 3.78 -1.25 -4.80
C GLY A 71 4.38 -1.77 -3.50
N LYS A 72 5.57 -1.26 -3.19
CA LYS A 72 6.27 -1.67 -1.98
C LYS A 72 5.25 -1.81 -0.83
N ILE A 73 4.36 -0.83 -0.76
CA ILE A 73 3.35 -0.83 0.28
C ILE A 73 2.61 -2.17 0.28
N ALA A 74 2.07 -2.50 -0.88
CA ALA A 74 1.34 -3.75 -1.04
C ALA A 74 2.21 -4.91 -0.56
N THR A 75 3.40 -4.99 -1.15
CA THR A 75 4.34 -6.05 -0.79
C THR A 75 4.29 -6.31 0.72
N CYS A 76 4.45 -5.24 1.48
CA CYS A 76 4.41 -5.34 2.93
C CYS A 76 3.12 -6.06 3.34
N LEU A 77 2.01 -5.48 2.90
CA LEU A 77 0.71 -6.05 3.20
C LEU A 77 0.80 -7.57 3.17
N GLU A 78 1.12 -8.09 1.99
CA GLU A 78 1.24 -9.53 1.79
C GLU A 78 1.91 -10.16 3.01
N LEU A 79 2.97 -9.51 3.47
CA LEU A 79 3.71 -10.00 4.61
C LEU A 79 2.82 -9.94 5.86
N ARG A 80 2.25 -8.77 6.09
CA ARG A 80 1.39 -8.57 7.23
C ARG A 80 0.27 -9.62 7.25
N SER A 81 -0.47 -9.67 6.15
CA SER A 81 -1.56 -10.63 6.02
C SER A 81 -1.07 -12.03 6.40
N ALA A 82 -0.11 -12.52 5.63
CA ALA A 82 0.45 -13.83 5.88
C ALA A 82 0.87 -13.94 7.35
N ALA A 83 1.63 -12.94 7.79
CA ALA A 83 2.10 -12.92 9.17
C ALA A 83 0.98 -13.40 10.09
N LEU A 84 -0.24 -13.00 9.76
CA LEU A 84 -1.39 -13.38 10.55
C LEU A 84 -1.68 -14.87 10.35
N GLN A 85 -1.79 -15.25 9.09
CA GLN A 85 -2.06 -16.64 8.75
C GLN A 85 -1.02 -17.55 9.41
N SER A 86 0.22 -17.09 9.42
CA SER A 86 1.30 -17.85 10.01
C SER A 86 1.15 -17.87 11.54
N THR A 87 1.84 -18.82 12.16
CA THR A 87 1.79 -18.96 13.60
C THR A 87 2.28 -17.67 14.27
N GLN A 88 1.31 -16.85 14.65
CA GLN A 88 1.61 -15.58 15.30
C GLN A 88 2.45 -14.70 14.38
N SER A 89 3.75 -14.85 14.48
CA SER A 89 4.67 -14.07 13.66
C SER A 89 6.08 -14.69 13.72
N GLN A 90 6.42 -15.38 12.64
CA GLN A 90 7.72 -16.01 12.54
C GLN A 90 8.82 -14.95 12.41
N GLU A 91 8.77 -14.23 11.30
CA GLU A 91 9.76 -13.19 11.05
C GLU A 91 9.34 -12.34 9.85
N GLU A 92 8.02 -12.17 9.72
CA GLU A 92 7.48 -11.39 8.62
C GLU A 92 7.29 -9.93 9.06
N PHE A 93 6.24 -9.32 8.52
CA PHE A 93 5.94 -7.94 8.84
C PHE A 93 5.15 -7.85 10.15
N LYS A 94 5.31 -6.71 10.82
CA LYS A 94 4.62 -6.49 12.08
C LYS A 94 3.56 -5.40 11.89
N LEU A 95 3.02 -4.94 13.01
CA LEU A 95 1.99 -3.90 12.98
C LEU A 95 2.66 -2.55 12.81
N GLU A 96 3.62 -2.29 13.69
CA GLU A 96 4.35 -1.02 13.65
C GLU A 96 4.88 -0.75 12.24
N ASP A 97 5.58 -1.73 11.70
CA ASP A 97 6.14 -1.61 10.37
C ASP A 97 5.01 -1.44 9.35
N LEU A 98 3.83 -1.91 9.75
CA LEU A 98 2.66 -1.82 8.89
C LEU A 98 2.08 -0.40 9.00
N LYS A 99 1.88 0.03 10.23
CA LYS A 99 1.33 1.36 10.49
C LYS A 99 2.26 2.41 9.88
N LYS A 100 3.48 1.98 9.59
CA LYS A 100 4.47 2.88 9.01
C LYS A 100 4.10 3.17 7.56
N LEU A 101 3.09 2.46 7.08
CA LEU A 101 2.63 2.64 5.72
C LEU A 101 1.43 3.59 5.70
N GLU A 102 0.99 3.95 6.90
CA GLU A 102 -0.15 4.85 7.05
C GLU A 102 0.21 6.25 6.55
N PRO A 103 1.36 6.77 7.06
CA PRO A 103 1.83 8.10 6.67
C PRO A 103 2.43 8.07 5.28
N ILE A 104 3.02 6.93 4.93
CA ILE A 104 3.65 6.77 3.63
C ILE A 104 2.59 6.99 2.54
N LEU A 105 1.44 6.38 2.75
CA LEU A 105 0.34 6.49 1.80
C LEU A 105 -0.18 7.92 1.80
N LYS A 106 -0.12 8.54 2.97
CA LYS A 106 -0.58 9.92 3.12
C LYS A 106 0.41 10.86 2.42
N ASN A 107 1.67 10.72 2.79
CA ASN A 107 2.72 11.55 2.22
C ASN A 107 3.32 10.83 1.01
N ILE A 108 2.51 9.97 0.41
CA ILE A 108 2.95 9.22 -0.76
C ILE A 108 3.68 10.16 -1.73
N LEU A 109 3.08 11.33 -1.93
CA LEU A 109 3.67 12.31 -2.82
C LEU A 109 4.94 12.87 -2.19
N THR A 110 4.80 13.39 -0.97
CA THR A 110 5.93 13.95 -0.26
C THR A 110 6.59 12.88 0.62
N TYR A 111 6.80 11.71 0.01
CA TYR A 111 7.42 10.61 0.72
C TYR A 111 8.79 10.28 0.13
N ASN A 112 9.78 10.20 1.01
CA ASN A 112 11.13 9.90 0.59
C ASN A 112 11.20 8.43 0.13
N LYS A 113 11.77 8.24 -1.05
CA LYS A 113 11.90 6.91 -1.60
C LYS A 113 12.82 6.07 -0.70
N GLU A 114 13.11 4.87 -1.16
CA GLU A 114 13.97 3.97 -0.42
C GLU A 114 13.24 3.46 0.83
N PHE A 115 12.24 2.62 0.60
CA PHE A 115 11.47 2.06 1.69
C PHE A 115 12.36 1.76 2.90
N PRO A 116 11.76 1.90 4.11
CA PRO A 116 12.48 1.66 5.34
C PRO A 116 12.66 0.15 5.58
N PHE A 117 11.64 -0.60 5.17
CA PHE A 117 11.67 -2.05 5.34
C PHE A 117 12.10 -2.74 4.03
N ASP A 118 12.71 -3.89 4.19
CA ASP A 118 13.17 -4.66 3.04
C ASP A 118 11.96 -5.16 2.26
N VAL A 119 11.56 -4.38 1.27
CA VAL A 119 10.43 -4.73 0.44
C VAL A 119 10.65 -4.20 -0.98
N GLN A 120 10.50 -5.09 -1.94
CA GLN A 120 10.69 -4.72 -3.34
C GLN A 120 9.36 -4.28 -3.95
N PRO A 121 9.47 -3.53 -5.08
CA PRO A 121 8.29 -3.03 -5.76
C PRO A 121 7.58 -4.16 -6.53
N ILE A 122 6.27 -4.14 -6.46
CA ILE A 122 5.47 -5.14 -7.15
C ILE A 122 5.30 -4.75 -8.61
N SER A 123 5.54 -5.72 -9.49
CA SER A 123 5.42 -5.48 -10.92
C SER A 123 5.22 -6.81 -11.66
N GLY A 124 4.52 -6.73 -12.77
CA GLY A 124 4.24 -7.92 -13.57
C GLY A 124 5.01 -7.87 -14.89
N PRO A 125 4.79 -8.91 -15.73
CA PRO A 125 5.44 -9.01 -17.02
C PRO A 125 4.84 -8.03 -18.02
N SER A 126 5.60 -6.99 -18.32
CA SER A 126 5.15 -5.97 -19.26
C SER A 126 6.36 -5.25 -19.86
N SER A 127 6.44 -5.30 -21.18
CA SER A 127 7.53 -4.66 -21.89
C SER A 127 7.01 -3.43 -22.65
N GLY A 128 7.58 -2.28 -22.32
CA GLY A 128 7.18 -1.04 -22.96
C GLY A 128 8.30 -0.51 -23.86
N GLY A 1 -9.43 7.57 -28.29
CA GLY A 1 -8.12 7.67 -28.91
C GLY A 1 -7.03 7.15 -27.98
N SER A 2 -6.19 8.07 -27.53
CA SER A 2 -5.10 7.72 -26.63
C SER A 2 -4.65 8.96 -25.86
N SER A 3 -5.24 9.14 -24.68
CA SER A 3 -4.90 10.28 -23.84
C SER A 3 -4.61 9.80 -22.42
N GLY A 4 -3.61 10.42 -21.81
CA GLY A 4 -3.22 10.07 -20.46
C GLY A 4 -3.00 11.33 -19.61
N SER A 5 -3.08 11.14 -18.30
CA SER A 5 -2.89 12.24 -17.38
C SER A 5 -1.88 11.86 -16.29
N SER A 6 -1.26 12.88 -15.72
CA SER A 6 -0.27 12.65 -14.68
C SER A 6 -0.32 13.81 -13.66
N GLY A 7 -0.39 13.42 -12.40
CA GLY A 7 -0.45 14.40 -11.33
C GLY A 7 -1.80 14.36 -10.61
N MET A 8 -1.75 14.57 -9.30
CA MET A 8 -2.95 14.57 -8.49
C MET A 8 -4.09 15.29 -9.20
N SER A 9 -5.31 14.81 -8.94
CA SER A 9 -6.49 15.40 -9.55
C SER A 9 -7.73 15.07 -8.72
N GLU A 10 -7.68 15.47 -7.46
CA GLU A 10 -8.78 15.22 -6.54
C GLU A 10 -8.95 13.72 -6.31
N VAL A 11 -9.47 13.04 -7.32
CA VAL A 11 -9.67 11.61 -7.24
C VAL A 11 -8.49 10.97 -6.53
N THR A 12 -7.30 11.24 -7.06
CA THR A 12 -6.08 10.70 -6.49
C THR A 12 -5.90 11.16 -5.05
N ARG A 13 -6.14 12.45 -4.85
CA ARG A 13 -6.01 13.03 -3.52
C ARG A 13 -6.83 12.24 -2.50
N SER A 14 -8.08 12.01 -2.87
CA SER A 14 -8.98 11.26 -2.00
C SER A 14 -8.47 9.83 -1.83
N LEU A 15 -7.84 9.33 -2.88
CA LEU A 15 -7.30 7.97 -2.86
C LEU A 15 -6.45 7.80 -1.60
N LEU A 16 -5.65 8.82 -1.31
CA LEU A 16 -4.79 8.79 -0.14
C LEU A 16 -5.63 8.44 1.10
N GLN A 17 -6.91 8.71 1.00
CA GLN A 17 -7.82 8.44 2.10
C GLN A 17 -8.26 6.97 2.07
N ARG A 18 -9.12 6.66 1.11
CA ARG A 18 -9.62 5.30 0.97
C ARG A 18 -8.52 4.29 1.29
N TRP A 19 -7.35 4.53 0.71
CA TRP A 19 -6.21 3.65 0.93
C TRP A 19 -5.93 3.61 2.43
N GLY A 20 -5.49 4.74 2.96
CA GLY A 20 -5.19 4.84 4.38
C GLY A 20 -6.34 4.29 5.23
N ALA A 21 -7.55 4.50 4.74
CA ALA A 21 -8.73 4.03 5.44
C ALA A 21 -8.66 2.52 5.60
N SER A 22 -8.28 1.86 4.51
CA SER A 22 -8.17 0.41 4.52
C SER A 22 -7.22 -0.04 5.62
N LEU A 23 -5.96 0.38 5.48
CA LEU A 23 -4.95 0.04 6.46
C LEU A 23 -5.48 0.29 7.87
N ARG A 24 -5.87 1.54 8.10
CA ARG A 24 -6.41 1.93 9.40
C ARG A 24 -7.30 0.82 9.95
N ARG A 25 -8.33 0.49 9.19
CA ARG A 25 -9.26 -0.55 9.60
C ARG A 25 -8.53 -1.87 9.81
N GLY A 26 -7.69 -2.21 8.85
CA GLY A 26 -6.92 -3.44 8.91
C GLY A 26 -6.23 -3.58 10.27
N ALA A 27 -5.84 -2.44 10.81
CA ALA A 27 -5.16 -2.43 12.10
C ALA A 27 -6.19 -2.60 13.22
N ASP A 28 -7.32 -1.92 13.05
CA ASP A 28 -8.39 -2.00 14.02
C ASP A 28 -8.75 -3.46 14.26
N PHE A 29 -8.93 -4.18 13.17
CA PHE A 29 -9.27 -5.59 13.24
C PHE A 29 -8.19 -6.39 13.98
N ASP A 30 -6.97 -6.26 13.48
CA ASP A 30 -5.85 -6.95 14.07
C ASP A 30 -5.84 -6.71 15.58
N SER A 31 -5.76 -5.44 15.95
CA SER A 31 -5.76 -5.05 17.36
C SER A 31 -6.74 -5.93 18.14
N TRP A 32 -8.01 -5.76 17.81
CA TRP A 32 -9.06 -6.52 18.48
C TRP A 32 -8.70 -8.00 18.38
N GLY A 33 -8.71 -8.51 17.16
CA GLY A 33 -8.39 -9.91 16.91
C GLY A 33 -9.17 -10.45 15.71
N GLN A 34 -9.17 -9.66 14.65
CA GLN A 34 -9.87 -10.05 13.44
C GLN A 34 -8.88 -10.26 12.30
N LEU A 35 -8.06 -11.29 12.45
CA LEU A 35 -7.07 -11.60 11.44
C LEU A 35 -7.75 -11.73 10.07
N VAL A 36 -8.66 -12.68 9.99
CA VAL A 36 -9.39 -12.92 8.75
C VAL A 36 -9.75 -11.57 8.12
N GLU A 37 -10.70 -10.89 8.75
CA GLU A 37 -11.15 -9.60 8.27
C GLU A 37 -9.94 -8.70 7.96
N ALA A 38 -9.02 -8.68 8.90
CA ALA A 38 -7.82 -7.87 8.75
C ALA A 38 -7.16 -8.19 7.41
N ILE A 39 -6.71 -9.44 7.29
CA ILE A 39 -6.06 -9.89 6.06
C ILE A 39 -6.81 -9.33 4.86
N ASP A 40 -8.10 -9.60 4.83
CA ASP A 40 -8.95 -9.13 3.75
C ASP A 40 -8.65 -7.67 3.46
N GLU A 41 -8.73 -6.86 4.50
CA GLU A 41 -8.47 -5.44 4.39
C GLU A 41 -7.12 -5.21 3.69
N TYR A 42 -6.06 -5.55 4.40
CA TYR A 42 -4.72 -5.39 3.86
C TYR A 42 -4.65 -5.86 2.41
N GLN A 43 -4.83 -7.16 2.23
CA GLN A 43 -4.79 -7.75 0.90
C GLN A 43 -5.49 -6.83 -0.11
N ILE A 44 -6.77 -6.65 0.08
CA ILE A 44 -7.56 -5.80 -0.80
C ILE A 44 -6.76 -4.55 -1.12
N LEU A 45 -6.39 -3.84 -0.06
CA LEU A 45 -5.62 -2.62 -0.22
C LEU A 45 -4.35 -2.91 -1.02
N ALA A 46 -3.75 -4.05 -0.70
CA ALA A 46 -2.53 -4.45 -1.38
C ALA A 46 -2.78 -4.53 -2.89
N ARG A 47 -3.86 -5.23 -3.23
CA ARG A 47 -4.23 -5.39 -4.63
C ARG A 47 -4.45 -4.02 -5.28
N HIS A 48 -5.23 -3.20 -4.60
CA HIS A 48 -5.53 -1.86 -5.09
C HIS A 48 -4.22 -1.13 -5.40
N LEU A 49 -3.35 -1.09 -4.41
CA LEU A 49 -2.06 -0.42 -4.57
C LEU A 49 -1.49 -0.76 -5.94
N GLN A 50 -1.51 -2.05 -6.26
CA GLN A 50 -0.98 -2.52 -7.54
C GLN A 50 -1.72 -1.83 -8.69
N LYS A 51 -3.05 -1.83 -8.59
CA LYS A 51 -3.87 -1.21 -9.61
C LYS A 51 -3.21 0.09 -10.07
N GLU A 52 -2.52 0.73 -9.14
CA GLU A 52 -1.85 1.98 -9.45
C GLU A 52 -0.38 1.72 -9.79
N ALA A 53 0.19 0.75 -9.10
CA ALA A 53 1.59 0.39 -9.31
C ALA A 53 1.74 -0.24 -10.70
N GLN A 54 1.12 -1.41 -10.85
CA GLN A 54 1.18 -2.13 -12.11
C GLN A 54 0.50 -1.32 -13.22
N ALA A 55 -0.38 -0.43 -12.79
CA ALA A 55 -1.11 0.42 -13.72
C ALA A 55 -1.58 -0.43 -14.91
N GLN A 56 -2.61 -1.24 -14.65
CA GLN A 56 -3.16 -2.10 -15.68
C GLN A 56 -3.31 -1.33 -16.99
N HIS A 57 -2.30 -1.47 -17.84
CA HIS A 57 -2.31 -0.80 -19.13
C HIS A 57 -2.24 0.71 -18.91
N ASN A 58 -1.18 1.14 -18.26
CA ASN A 58 -0.98 2.56 -17.98
C ASN A 58 -2.29 3.16 -17.47
N ASN A 59 -2.44 3.10 -16.15
CA ASN A 59 -3.64 3.63 -15.52
C ASN A 59 -3.30 4.11 -14.11
N SER A 60 -3.04 5.40 -14.01
CA SER A 60 -2.69 6.01 -12.73
C SER A 60 -2.34 7.48 -12.92
N GLU A 61 -2.69 8.27 -11.91
CA GLU A 61 -2.42 9.69 -11.96
C GLU A 61 -1.13 10.02 -11.19
N PHE A 62 -0.55 8.97 -10.63
CA PHE A 62 0.69 9.12 -9.87
C PHE A 62 1.92 8.96 -10.77
N THR A 63 3.06 9.30 -10.20
CA THR A 63 4.31 9.18 -10.94
C THR A 63 5.03 7.89 -10.58
N GLU A 64 6.00 7.53 -11.42
CA GLU A 64 6.77 6.32 -11.20
C GLU A 64 7.12 6.17 -9.72
N GLU A 65 7.77 7.20 -9.19
CA GLU A 65 8.17 7.19 -7.80
C GLU A 65 7.02 6.71 -6.92
N GLN A 66 5.92 7.45 -6.96
CA GLN A 66 4.75 7.11 -6.18
C GLN A 66 4.37 5.65 -6.42
N LYS A 67 4.15 5.32 -7.68
CA LYS A 67 3.77 3.97 -8.05
C LYS A 67 4.72 2.98 -7.36
N LYS A 68 6.01 3.19 -7.59
CA LYS A 68 7.02 2.32 -7.00
C LYS A 68 6.64 2.02 -5.55
N THR A 69 6.59 3.07 -4.75
CA THR A 69 6.25 2.94 -3.35
C THR A 69 4.89 2.24 -3.20
N ILE A 70 3.89 2.83 -3.85
CA ILE A 70 2.55 2.29 -3.80
C ILE A 70 2.61 0.76 -3.86
N GLY A 71 3.45 0.28 -4.76
CA GLY A 71 3.62 -1.16 -4.93
C GLY A 71 4.36 -1.76 -3.74
N LYS A 72 5.42 -1.08 -3.33
CA LYS A 72 6.23 -1.54 -2.22
C LYS A 72 5.36 -1.68 -0.98
N ILE A 73 4.34 -0.82 -0.90
CA ILE A 73 3.42 -0.85 0.22
C ILE A 73 2.66 -2.18 0.23
N ALA A 74 2.10 -2.51 -0.93
CA ALA A 74 1.36 -3.75 -1.07
C ALA A 74 2.23 -4.92 -0.64
N THR A 75 3.47 -4.91 -1.12
CA THR A 75 4.41 -5.97 -0.78
C THR A 75 4.38 -6.25 0.72
N CYS A 76 4.54 -5.19 1.49
CA CYS A 76 4.55 -5.32 2.94
C CYS A 76 3.26 -6.03 3.36
N LEU A 77 2.14 -5.51 2.86
CA LEU A 77 0.85 -6.08 3.17
C LEU A 77 0.92 -7.61 3.04
N GLU A 78 1.27 -8.04 1.84
CA GLU A 78 1.38 -9.46 1.56
C GLU A 78 2.09 -10.18 2.71
N LEU A 79 2.97 -9.43 3.37
CA LEU A 79 3.73 -9.97 4.49
C LEU A 79 2.86 -9.95 5.74
N ARG A 80 2.34 -8.76 6.04
CA ARG A 80 1.51 -8.58 7.22
C ARG A 80 0.37 -9.60 7.21
N SER A 81 -0.42 -9.56 6.14
CA SER A 81 -1.54 -10.48 6.01
C SER A 81 -1.07 -11.92 6.22
N ALA A 82 -0.02 -12.27 5.51
CA ALA A 82 0.54 -13.61 5.61
C ALA A 82 0.97 -13.87 7.05
N ALA A 83 1.68 -12.91 7.61
CA ALA A 83 2.15 -13.03 8.99
C ALA A 83 1.02 -13.56 9.86
N LEU A 84 -0.13 -12.91 9.76
CA LEU A 84 -1.30 -13.30 10.52
C LEU A 84 -1.57 -14.79 10.30
N GLN A 85 -1.59 -15.17 9.03
CA GLN A 85 -1.84 -16.55 8.65
C GLN A 85 -0.77 -17.47 9.28
N SER A 86 0.46 -16.99 9.24
CA SER A 86 1.58 -17.75 9.78
C SER A 86 1.22 -18.25 11.19
N THR A 87 1.96 -19.27 11.60
CA THR A 87 1.74 -19.86 12.92
C THR A 87 1.53 -18.76 13.97
N GLN A 88 2.24 -17.66 13.77
CA GLN A 88 2.14 -16.54 14.69
C GLN A 88 2.96 -15.36 14.18
N SER A 89 4.28 -15.55 14.18
CA SER A 89 5.19 -14.51 13.72
C SER A 89 6.64 -14.94 13.96
N GLN A 90 7.13 -15.78 13.07
CA GLN A 90 8.49 -16.27 13.16
C GLN A 90 9.48 -15.12 13.05
N GLU A 91 9.27 -14.30 12.04
CA GLU A 91 10.13 -13.15 11.79
C GLU A 91 9.72 -12.42 10.53
N GLU A 92 8.40 -12.35 10.33
CA GLU A 92 7.86 -11.68 9.16
C GLU A 92 7.63 -10.19 9.46
N PHE A 93 6.58 -9.66 8.85
CA PHE A 93 6.23 -8.26 9.04
C PHE A 93 5.46 -8.05 10.34
N LYS A 94 5.59 -6.85 10.89
CA LYS A 94 4.91 -6.52 12.14
C LYS A 94 3.80 -5.52 11.85
N LEU A 95 3.25 -4.96 12.92
CA LEU A 95 2.18 -3.99 12.80
C LEU A 95 2.78 -2.61 12.56
N GLU A 96 3.74 -2.25 13.41
CA GLU A 96 4.41 -0.96 13.29
C GLU A 96 4.83 -0.71 11.84
N ASP A 97 5.55 -1.68 11.30
CA ASP A 97 6.03 -1.58 9.93
C ASP A 97 4.85 -1.34 8.99
N LEU A 98 3.74 -1.98 9.32
CA LEU A 98 2.53 -1.86 8.52
C LEU A 98 1.97 -0.45 8.69
N LYS A 99 1.61 -0.13 9.93
CA LYS A 99 1.06 1.17 10.24
C LYS A 99 2.03 2.26 9.78
N LYS A 100 3.27 1.85 9.60
CA LYS A 100 4.31 2.78 9.14
C LYS A 100 4.02 3.19 7.70
N LEU A 101 3.09 2.48 7.09
CA LEU A 101 2.72 2.76 5.71
C LEU A 101 1.47 3.65 5.69
N GLU A 102 0.90 3.83 6.88
CA GLU A 102 -0.29 4.65 7.01
C GLU A 102 0.01 6.10 6.62
N PRO A 103 1.11 6.63 7.21
CA PRO A 103 1.52 8.01 6.94
C PRO A 103 2.17 8.11 5.56
N ILE A 104 2.99 7.13 5.25
CA ILE A 104 3.69 7.10 3.98
C ILE A 104 2.67 7.28 2.84
N LEU A 105 1.57 6.53 2.96
CA LEU A 105 0.52 6.59 1.96
C LEU A 105 -0.01 8.02 1.88
N LYS A 106 -0.01 8.68 3.02
CA LYS A 106 -0.50 10.05 3.09
C LYS A 106 0.59 11.00 2.57
N ASN A 107 1.83 10.70 2.94
CA ASN A 107 2.95 11.51 2.52
C ASN A 107 3.49 10.97 1.19
N ILE A 108 2.67 10.17 0.54
CA ILE A 108 3.04 9.58 -0.73
C ILE A 108 3.55 10.69 -1.67
N LEU A 109 2.74 11.73 -1.78
CA LEU A 109 3.08 12.86 -2.62
C LEU A 109 4.43 13.44 -2.19
N THR A 110 4.51 13.76 -0.90
CA THR A 110 5.72 14.32 -0.34
C THR A 110 6.67 13.19 0.09
N TYR A 111 6.81 12.20 -0.78
CA TYR A 111 7.67 11.07 -0.50
C TYR A 111 8.96 11.16 -1.32
N ASN A 112 10.07 11.32 -0.61
CA ASN A 112 11.37 11.41 -1.26
C ASN A 112 11.96 10.00 -1.42
N LYS A 113 11.11 9.09 -1.86
CA LYS A 113 11.53 7.72 -2.06
C LYS A 113 12.37 7.26 -0.87
N GLU A 114 13.04 6.14 -1.06
CA GLU A 114 13.88 5.59 0.00
C GLU A 114 13.03 4.99 1.11
N PHE A 115 12.50 3.81 0.83
CA PHE A 115 11.66 3.12 1.80
C PHE A 115 12.42 2.87 3.10
N PRO A 116 11.66 2.92 4.23
CA PRO A 116 12.26 2.69 5.54
C PRO A 116 12.54 1.21 5.76
N PHE A 117 11.89 0.39 4.95
CA PHE A 117 12.06 -1.06 5.05
C PHE A 117 12.58 -1.63 3.73
N ASP A 118 12.81 -2.94 3.75
CA ASP A 118 13.30 -3.63 2.57
C ASP A 118 12.17 -4.46 1.95
N VAL A 119 11.50 -3.85 0.99
CA VAL A 119 10.39 -4.51 0.31
C VAL A 119 10.47 -4.21 -1.18
N GLN A 120 10.34 -5.27 -1.98
CA GLN A 120 10.39 -5.14 -3.42
C GLN A 120 9.07 -4.58 -3.95
N PRO A 121 9.17 -3.75 -5.02
CA PRO A 121 7.99 -3.15 -5.62
C PRO A 121 7.22 -4.18 -6.45
N ILE A 122 5.91 -4.00 -6.47
CA ILE A 122 5.04 -4.91 -7.22
C ILE A 122 4.70 -4.27 -8.58
N SER A 123 4.85 -5.07 -9.62
CA SER A 123 4.57 -4.61 -10.97
C SER A 123 4.38 -5.80 -11.91
N GLY A 124 3.79 -5.52 -13.06
CA GLY A 124 3.56 -6.56 -14.05
C GLY A 124 4.57 -6.47 -15.20
N PRO A 125 4.08 -6.79 -16.42
CA PRO A 125 4.93 -6.76 -17.60
C PRO A 125 5.18 -5.31 -18.05
N SER A 126 6.09 -4.65 -17.33
CA SER A 126 6.43 -3.28 -17.64
C SER A 126 7.57 -2.80 -16.73
N SER A 127 8.64 -2.36 -17.36
CA SER A 127 9.80 -1.88 -16.63
C SER A 127 10.39 -0.65 -17.33
N GLY A 128 11.33 -0.02 -16.65
CA GLY A 128 11.98 1.16 -17.19
C GLY A 128 12.54 2.05 -16.07
N GLY A 1 -4.15 12.72 -14.88
CA GLY A 1 -3.03 12.27 -15.68
C GLY A 1 -2.17 13.46 -16.12
N SER A 2 -2.11 13.65 -17.44
CA SER A 2 -1.34 14.74 -18.00
C SER A 2 -2.15 16.04 -17.95
N SER A 3 -1.52 17.06 -17.40
CA SER A 3 -2.17 18.35 -17.28
C SER A 3 -1.16 19.40 -16.79
N GLY A 4 -0.62 19.15 -15.60
CA GLY A 4 0.36 20.06 -15.02
C GLY A 4 1.33 19.31 -14.12
N SER A 5 1.23 19.59 -12.82
CA SER A 5 2.09 18.95 -11.85
C SER A 5 1.60 19.26 -10.43
N SER A 6 1.50 18.20 -9.63
CA SER A 6 1.04 18.35 -8.26
C SER A 6 -0.39 18.86 -8.24
N GLY A 7 -1.14 18.39 -7.25
CA GLY A 7 -2.54 18.78 -7.11
C GLY A 7 -3.45 17.56 -7.07
N MET A 8 -3.77 17.14 -5.85
CA MET A 8 -4.63 15.98 -5.68
C MET A 8 -5.97 16.17 -6.40
N SER A 9 -6.54 17.36 -6.22
CA SER A 9 -7.80 17.69 -6.85
C SER A 9 -8.91 16.81 -6.27
N GLU A 10 -8.76 16.46 -5.00
CA GLU A 10 -9.74 15.63 -4.32
C GLU A 10 -9.72 14.21 -4.91
N VAL A 11 -9.99 14.14 -6.20
CA VAL A 11 -10.01 12.85 -6.89
C VAL A 11 -8.89 11.97 -6.34
N THR A 12 -7.67 12.45 -6.51
CA THR A 12 -6.51 11.73 -6.04
C THR A 12 -6.55 11.58 -4.52
N ARG A 13 -6.75 12.70 -3.85
CA ARG A 13 -6.82 12.70 -2.40
C ARG A 13 -7.73 11.57 -1.91
N SER A 14 -8.84 11.40 -2.60
CA SER A 14 -9.80 10.36 -2.23
C SER A 14 -9.08 9.01 -2.12
N LEU A 15 -8.11 8.82 -3.00
CA LEU A 15 -7.34 7.58 -3.02
C LEU A 15 -6.49 7.50 -1.75
N LEU A 16 -5.54 8.41 -1.66
CA LEU A 16 -4.65 8.46 -0.50
C LEU A 16 -5.47 8.23 0.77
N GLN A 17 -6.74 8.62 0.70
CA GLN A 17 -7.64 8.46 1.83
C GLN A 17 -8.16 7.02 1.91
N ARG A 18 -8.97 6.68 0.92
CA ARG A 18 -9.55 5.34 0.87
C ARG A 18 -8.46 4.29 1.16
N TRP A 19 -7.26 4.59 0.70
CA TRP A 19 -6.14 3.68 0.91
C TRP A 19 -5.87 3.59 2.41
N GLY A 20 -5.54 4.74 2.99
CA GLY A 20 -5.26 4.81 4.42
C GLY A 20 -6.43 4.25 5.24
N ALA A 21 -7.63 4.51 4.74
CA ALA A 21 -8.83 4.04 5.41
C ALA A 21 -8.78 2.52 5.53
N SER A 22 -8.22 1.89 4.51
CA SER A 22 -8.10 0.44 4.49
C SER A 22 -7.14 -0.02 5.59
N LEU A 23 -5.89 0.41 5.46
CA LEU A 23 -4.87 0.05 6.41
C LEU A 23 -5.39 0.32 7.83
N ARG A 24 -5.75 1.57 8.06
CA ARG A 24 -6.26 1.98 9.36
C ARG A 24 -7.24 0.93 9.89
N ARG A 25 -8.32 0.74 9.14
CA ARG A 25 -9.34 -0.22 9.52
C ARG A 25 -8.70 -1.59 9.77
N GLY A 26 -7.67 -1.89 9.01
CA GLY A 26 -6.96 -3.15 9.14
C GLY A 26 -6.30 -3.26 10.51
N ALA A 27 -5.91 -2.12 11.05
CA ALA A 27 -5.26 -2.07 12.34
C ALA A 27 -6.32 -2.24 13.44
N ASP A 28 -7.53 -1.82 13.12
CA ASP A 28 -8.63 -1.91 14.07
C ASP A 28 -8.88 -3.39 14.40
N PHE A 29 -8.98 -4.18 13.35
CA PHE A 29 -9.22 -5.61 13.51
C PHE A 29 -8.08 -6.28 14.29
N ASP A 30 -6.87 -6.04 13.83
CA ASP A 30 -5.70 -6.60 14.47
C ASP A 30 -5.81 -6.41 15.99
N SER A 31 -5.86 -5.15 16.40
CA SER A 31 -5.98 -4.81 17.80
C SER A 31 -6.98 -5.75 18.48
N TRP A 32 -8.25 -5.52 18.17
CA TRP A 32 -9.32 -6.32 18.73
C TRP A 32 -8.93 -7.80 18.57
N GLY A 33 -9.01 -8.26 17.34
CA GLY A 33 -8.68 -9.65 17.03
C GLY A 33 -9.45 -10.14 15.80
N GLN A 34 -9.50 -9.28 14.79
CA GLN A 34 -10.19 -9.61 13.56
C GLN A 34 -9.19 -9.85 12.44
N LEU A 35 -8.19 -10.67 12.74
CA LEU A 35 -7.16 -10.99 11.76
C LEU A 35 -7.81 -11.23 10.40
N VAL A 36 -8.80 -12.11 10.40
CA VAL A 36 -9.51 -12.43 9.18
C VAL A 36 -9.74 -11.16 8.36
N GLU A 37 -10.66 -10.34 8.86
CA GLU A 37 -10.98 -9.09 8.19
C GLU A 37 -9.70 -8.29 7.92
N ALA A 38 -8.81 -8.31 8.89
CA ALA A 38 -7.55 -7.60 8.77
C ALA A 38 -6.85 -8.03 7.47
N ILE A 39 -6.66 -9.33 7.34
CA ILE A 39 -6.02 -9.88 6.17
C ILE A 39 -6.75 -9.40 4.91
N ASP A 40 -8.07 -9.51 4.95
CA ASP A 40 -8.89 -9.09 3.84
C ASP A 40 -8.58 -7.63 3.49
N GLU A 41 -8.72 -6.78 4.50
CA GLU A 41 -8.47 -5.36 4.32
C GLU A 41 -7.11 -5.15 3.65
N TYR A 42 -6.06 -5.51 4.38
CA TYR A 42 -4.71 -5.37 3.88
C TYR A 42 -4.60 -5.87 2.44
N GLN A 43 -4.82 -7.18 2.29
CA GLN A 43 -4.75 -7.80 0.98
C GLN A 43 -5.43 -6.91 -0.07
N ILE A 44 -6.72 -6.72 0.12
CA ILE A 44 -7.50 -5.90 -0.80
C ILE A 44 -6.68 -4.65 -1.17
N LEU A 45 -6.40 -3.85 -0.15
CA LEU A 45 -5.64 -2.63 -0.34
C LEU A 45 -4.36 -2.95 -1.12
N ALA A 46 -3.77 -4.10 -0.78
CA ALA A 46 -2.55 -4.53 -1.43
C ALA A 46 -2.80 -4.65 -2.94
N ARG A 47 -3.89 -5.34 -3.27
CA ARG A 47 -4.25 -5.54 -4.66
C ARG A 47 -4.43 -4.20 -5.37
N HIS A 48 -5.17 -3.32 -4.70
CA HIS A 48 -5.43 -2.00 -5.24
C HIS A 48 -4.10 -1.30 -5.57
N LEU A 49 -3.26 -1.23 -4.56
CA LEU A 49 -1.96 -0.60 -4.72
C LEU A 49 -1.37 -0.99 -6.08
N GLN A 50 -1.52 -2.26 -6.41
CA GLN A 50 -1.01 -2.77 -7.67
C GLN A 50 -1.72 -2.09 -8.84
N LYS A 51 -3.04 -2.10 -8.79
CA LYS A 51 -3.85 -1.48 -9.83
C LYS A 51 -3.20 -0.17 -10.26
N GLU A 52 -2.54 0.47 -9.29
CA GLU A 52 -1.88 1.74 -9.55
C GLU A 52 -0.40 1.51 -9.85
N ALA A 53 0.16 0.51 -9.18
CA ALA A 53 1.56 0.18 -9.37
C ALA A 53 1.77 -0.39 -10.77
N GLN A 54 1.06 -1.48 -11.04
CA GLN A 54 1.15 -2.13 -12.34
C GLN A 54 0.24 -1.43 -13.34
N ALA A 55 0.35 -0.11 -13.40
CA ALA A 55 -0.46 0.67 -14.31
C ALA A 55 0.37 1.03 -15.54
N GLN A 56 1.40 1.83 -15.30
CA GLN A 56 2.28 2.25 -16.38
C GLN A 56 1.53 3.19 -17.34
N HIS A 57 2.30 3.83 -18.21
CA HIS A 57 1.72 4.74 -19.18
C HIS A 57 0.42 4.15 -19.74
N ASN A 58 -0.69 4.64 -19.20
CA ASN A 58 -2.00 4.17 -19.62
C ASN A 58 -3.08 4.85 -18.78
N ASN A 59 -2.86 4.85 -17.47
CA ASN A 59 -3.80 5.44 -16.56
C ASN A 59 -3.14 5.60 -15.18
N SER A 60 -2.69 6.80 -14.90
CA SER A 60 -2.03 7.09 -13.64
C SER A 60 -1.89 8.60 -13.44
N GLU A 61 -1.86 9.00 -12.18
CA GLU A 61 -1.73 10.41 -11.85
C GLU A 61 -0.40 10.67 -11.14
N PHE A 62 0.02 9.69 -10.36
CA PHE A 62 1.27 9.80 -9.62
C PHE A 62 2.47 9.54 -10.54
N THR A 63 3.65 9.88 -10.03
CA THR A 63 4.87 9.70 -10.78
C THR A 63 5.41 8.27 -10.59
N GLU A 64 6.34 7.90 -11.46
CA GLU A 64 6.93 6.58 -11.39
C GLU A 64 7.35 6.26 -9.96
N GLU A 65 7.97 7.24 -9.31
CA GLU A 65 8.41 7.08 -7.94
C GLU A 65 7.23 6.73 -7.04
N GLN A 66 6.34 7.71 -6.89
CA GLN A 66 5.16 7.53 -6.05
C GLN A 66 4.61 6.11 -6.21
N LYS A 67 4.20 5.80 -7.42
CA LYS A 67 3.66 4.47 -7.71
C LYS A 67 4.64 3.40 -7.22
N LYS A 68 5.92 3.67 -7.45
CA LYS A 68 6.97 2.75 -7.04
C LYS A 68 6.69 2.28 -5.61
N THR A 69 6.42 3.23 -4.74
CA THR A 69 6.12 2.92 -3.35
C THR A 69 4.78 2.20 -3.23
N ILE A 70 3.79 2.75 -3.92
CA ILE A 70 2.46 2.16 -3.90
C ILE A 70 2.57 0.64 -3.92
N GLY A 71 3.35 0.15 -4.89
CA GLY A 71 3.54 -1.28 -5.03
C GLY A 71 4.35 -1.85 -3.85
N LYS A 72 5.46 -1.18 -3.56
CA LYS A 72 6.31 -1.61 -2.47
C LYS A 72 5.46 -1.82 -1.21
N ILE A 73 4.44 -1.01 -1.09
CA ILE A 73 3.54 -1.10 0.06
C ILE A 73 2.82 -2.45 0.04
N ALA A 74 2.17 -2.71 -1.09
CA ALA A 74 1.45 -3.96 -1.25
C ALA A 74 2.33 -5.12 -0.80
N THR A 75 3.55 -5.13 -1.29
CA THR A 75 4.50 -6.17 -0.94
C THR A 75 4.49 -6.42 0.57
N CYS A 76 4.70 -5.34 1.31
CA CYS A 76 4.71 -5.42 2.76
C CYS A 76 3.43 -6.11 3.22
N LEU A 77 2.31 -5.60 2.73
CA LEU A 77 1.02 -6.16 3.09
C LEU A 77 1.09 -7.69 3.00
N GLU A 78 1.39 -8.17 1.80
CA GLU A 78 1.49 -9.60 1.57
C GLU A 78 2.20 -10.28 2.74
N LEU A 79 3.12 -9.54 3.33
CA LEU A 79 3.88 -10.05 4.46
C LEU A 79 3.00 -10.05 5.70
N ARG A 80 2.49 -8.88 6.03
CA ARG A 80 1.63 -8.73 7.19
C ARG A 80 0.51 -9.78 7.17
N SER A 81 -0.36 -9.64 6.19
CA SER A 81 -1.46 -10.58 6.05
C SER A 81 -0.99 -12.00 6.34
N ALA A 82 -0.02 -12.44 5.55
CA ALA A 82 0.54 -13.77 5.72
C ALA A 82 1.00 -13.95 7.16
N ALA A 83 1.82 -13.01 7.61
CA ALA A 83 2.35 -13.06 8.95
C ALA A 83 1.24 -13.50 9.91
N LEU A 84 0.03 -13.07 9.61
CA LEU A 84 -1.11 -13.42 10.43
C LEU A 84 -1.47 -14.89 10.22
N GLN A 85 -1.60 -15.25 8.94
CA GLN A 85 -1.95 -16.61 8.59
C GLN A 85 -0.88 -17.58 9.12
N SER A 86 0.37 -17.28 8.77
CA SER A 86 1.48 -18.11 9.20
C SER A 86 1.64 -18.03 10.71
N THR A 87 1.82 -19.18 11.33
CA THR A 87 1.99 -19.26 12.77
C THR A 87 2.98 -20.36 13.14
N GLN A 88 4.12 -19.94 13.65
CA GLN A 88 5.16 -20.87 14.05
C GLN A 88 6.34 -20.12 14.67
N SER A 89 6.69 -19.00 14.06
CA SER A 89 7.78 -18.19 14.53
C SER A 89 7.65 -16.76 14.01
N GLN A 90 6.79 -16.00 14.68
CA GLN A 90 6.56 -14.62 14.28
C GLN A 90 7.89 -13.90 14.04
N GLU A 91 8.31 -13.90 12.79
CA GLU A 91 9.56 -13.27 12.41
C GLU A 91 9.38 -12.46 11.13
N GLU A 92 8.12 -12.33 10.72
CA GLU A 92 7.80 -11.60 9.51
C GLU A 92 7.46 -10.14 9.85
N PHE A 93 6.56 -9.58 9.05
CA PHE A 93 6.14 -8.20 9.25
C PHE A 93 5.21 -8.09 10.46
N LYS A 94 5.32 -6.96 11.15
CA LYS A 94 4.50 -6.71 12.33
C LYS A 94 3.44 -5.66 11.98
N LEU A 95 2.75 -5.21 13.03
CA LEU A 95 1.72 -4.21 12.85
C LEU A 95 2.36 -2.83 12.69
N GLU A 96 3.19 -2.49 13.67
CA GLU A 96 3.88 -1.21 13.66
C GLU A 96 4.54 -0.98 12.30
N ASP A 97 5.19 -2.03 11.81
CA ASP A 97 5.87 -1.95 10.53
C ASP A 97 4.84 -1.76 9.41
N LEU A 98 3.63 -2.22 9.69
CA LEU A 98 2.54 -2.12 8.73
C LEU A 98 2.00 -0.69 8.75
N LYS A 99 1.76 -0.20 9.96
CA LYS A 99 1.24 1.15 10.13
C LYS A 99 2.26 2.16 9.61
N LYS A 100 3.46 1.66 9.38
CA LYS A 100 4.53 2.52 8.88
C LYS A 100 4.24 2.89 7.43
N LEU A 101 3.20 2.28 6.89
CA LEU A 101 2.81 2.54 5.51
C LEU A 101 1.59 3.46 5.51
N GLU A 102 1.06 3.70 6.70
CA GLU A 102 -0.11 4.55 6.84
C GLU A 102 0.22 5.98 6.39
N PRO A 103 1.34 6.51 6.93
CA PRO A 103 1.77 7.85 6.58
C PRO A 103 2.38 7.89 5.18
N ILE A 104 3.07 6.82 4.83
CA ILE A 104 3.71 6.71 3.53
C ILE A 104 2.65 6.89 2.44
N LEU A 105 1.53 6.22 2.64
CA LEU A 105 0.43 6.29 1.69
C LEU A 105 -0.22 7.66 1.77
N LYS A 106 -0.26 8.19 2.98
CA LYS A 106 -0.86 9.50 3.20
C LYS A 106 0.00 10.56 2.53
N ASN A 107 1.28 10.56 2.87
CA ASN A 107 2.22 11.52 2.31
C ASN A 107 2.86 10.92 1.05
N ILE A 108 2.08 10.08 0.37
CA ILE A 108 2.56 9.45 -0.85
C ILE A 108 3.19 10.51 -1.75
N LEU A 109 2.52 11.64 -1.84
CA LEU A 109 3.00 12.74 -2.67
C LEU A 109 4.33 13.26 -2.09
N THR A 110 4.31 13.51 -0.79
CA THR A 110 5.50 14.00 -0.12
C THR A 110 6.10 12.91 0.78
N TYR A 111 6.37 11.78 0.18
CA TYR A 111 6.94 10.65 0.90
C TYR A 111 8.43 10.47 0.54
N ASN A 112 9.21 10.15 1.56
CA ASN A 112 10.63 9.94 1.38
C ASN A 112 10.86 8.61 0.67
N LYS A 113 11.44 8.68 -0.52
CA LYS A 113 11.72 7.49 -1.30
C LYS A 113 12.70 6.61 -0.55
N GLU A 114 13.23 5.62 -1.26
CA GLU A 114 14.18 4.70 -0.67
C GLU A 114 13.45 3.57 0.06
N PHE A 115 12.45 3.96 0.84
CA PHE A 115 11.67 3.00 1.59
C PHE A 115 12.52 2.32 2.66
N PRO A 116 11.92 2.17 3.87
CA PRO A 116 12.60 1.54 4.98
C PRO A 116 12.68 0.02 4.79
N PHE A 117 11.55 -0.56 4.41
CA PHE A 117 11.47 -1.98 4.20
C PHE A 117 12.08 -2.38 2.85
N ASP A 118 12.87 -3.43 2.87
CA ASP A 118 13.53 -3.91 1.67
C ASP A 118 12.49 -4.60 0.77
N VAL A 119 11.56 -3.80 0.28
CA VAL A 119 10.51 -4.33 -0.58
C VAL A 119 10.56 -3.61 -1.93
N GLN A 120 10.33 -4.37 -2.99
CA GLN A 120 10.35 -3.82 -4.33
C GLN A 120 8.92 -3.52 -4.80
N PRO A 121 8.83 -2.77 -5.93
CA PRO A 121 7.54 -2.41 -6.49
C PRO A 121 6.91 -3.60 -7.20
N ILE A 122 5.63 -3.83 -6.89
CA ILE A 122 4.91 -4.93 -7.49
C ILE A 122 4.58 -4.59 -8.94
N SER A 123 4.98 -5.50 -9.83
CA SER A 123 4.74 -5.30 -11.25
C SER A 123 4.65 -6.66 -11.96
N GLY A 124 4.03 -6.64 -13.12
CA GLY A 124 3.86 -7.85 -13.91
C GLY A 124 5.12 -8.14 -14.74
N PRO A 125 4.90 -8.21 -16.08
CA PRO A 125 6.00 -8.47 -17.00
C PRO A 125 6.88 -7.24 -17.16
N SER A 126 6.24 -6.08 -17.15
CA SER A 126 6.95 -4.83 -17.30
C SER A 126 7.45 -4.34 -15.93
N SER A 127 8.75 -4.43 -15.74
CA SER A 127 9.36 -3.99 -14.49
C SER A 127 9.59 -2.49 -14.51
N GLY A 128 8.97 -1.81 -13.54
CA GLY A 128 9.11 -0.36 -13.44
C GLY A 128 8.69 0.31 -14.74
N GLY A 1 -13.54 18.15 -19.87
CA GLY A 1 -12.21 18.34 -20.41
C GLY A 1 -11.31 19.03 -19.39
N SER A 2 -10.66 18.22 -18.57
CA SER A 2 -9.77 18.75 -17.55
C SER A 2 -8.51 17.89 -17.48
N SER A 3 -7.45 18.40 -18.10
CA SER A 3 -6.18 17.69 -18.12
C SER A 3 -5.03 18.69 -17.96
N GLY A 4 -3.98 18.22 -17.30
CA GLY A 4 -2.81 19.06 -17.07
C GLY A 4 -1.66 18.24 -16.48
N SER A 5 -1.00 18.84 -15.49
CA SER A 5 0.12 18.18 -14.83
C SER A 5 -0.27 16.76 -14.45
N SER A 6 0.70 15.86 -14.57
CA SER A 6 0.47 14.46 -14.25
C SER A 6 0.70 14.23 -12.75
N GLY A 7 -0.35 14.47 -11.99
CA GLY A 7 -0.29 14.29 -10.55
C GLY A 7 -1.67 14.01 -9.96
N MET A 8 -1.94 14.65 -8.83
CA MET A 8 -3.22 14.48 -8.17
C MET A 8 -4.36 15.06 -9.00
N SER A 9 -5.44 14.29 -9.09
CA SER A 9 -6.60 14.71 -9.85
C SER A 9 -7.89 14.29 -9.14
N GLU A 10 -8.07 14.85 -7.94
CA GLU A 10 -9.25 14.55 -7.15
C GLU A 10 -9.24 13.07 -6.73
N VAL A 11 -9.56 12.22 -7.70
CA VAL A 11 -9.59 10.78 -7.45
C VAL A 11 -8.40 10.39 -6.58
N THR A 12 -7.24 10.95 -6.92
CA THR A 12 -6.03 10.67 -6.19
C THR A 12 -6.21 11.00 -4.71
N ARG A 13 -6.70 12.21 -4.46
CA ARG A 13 -6.93 12.66 -3.10
C ARG A 13 -7.80 11.65 -2.34
N SER A 14 -8.75 11.08 -3.07
CA SER A 14 -9.67 10.10 -2.49
C SER A 14 -8.93 8.79 -2.24
N LEU A 15 -7.88 8.57 -3.04
CA LEU A 15 -7.10 7.35 -2.92
C LEU A 15 -6.27 7.42 -1.63
N LEU A 16 -5.38 8.41 -1.59
CA LEU A 16 -4.53 8.59 -0.42
C LEU A 16 -5.37 8.43 0.85
N GLN A 17 -6.65 8.72 0.72
CA GLN A 17 -7.56 8.61 1.84
C GLN A 17 -8.08 7.19 1.97
N ARG A 18 -8.91 6.80 1.01
CA ARG A 18 -9.49 5.47 1.00
C ARG A 18 -8.42 4.43 1.36
N TRP A 19 -7.21 4.70 0.90
CA TRP A 19 -6.10 3.81 1.16
C TRP A 19 -5.81 3.83 2.67
N GLY A 20 -5.34 4.97 3.13
CA GLY A 20 -5.02 5.13 4.55
C GLY A 20 -6.13 4.55 5.42
N ALA A 21 -7.35 4.65 4.93
CA ALA A 21 -8.50 4.14 5.66
C ALA A 21 -8.37 2.62 5.82
N SER A 22 -7.93 1.99 4.73
CA SER A 22 -7.75 0.54 4.74
C SER A 22 -6.77 0.14 5.85
N LEU A 23 -5.52 0.57 5.66
CA LEU A 23 -4.47 0.26 6.62
C LEU A 23 -5.01 0.46 8.03
N ARG A 24 -5.46 1.68 8.29
CA ARG A 24 -6.00 2.02 9.60
C ARG A 24 -6.94 0.92 10.09
N ARG A 25 -8.03 0.74 9.35
CA ARG A 25 -9.01 -0.28 9.70
C ARG A 25 -8.32 -1.64 9.88
N GLY A 26 -7.53 -2.01 8.89
CA GLY A 26 -6.82 -3.26 8.93
C GLY A 26 -6.19 -3.50 10.31
N ALA A 27 -5.86 -2.39 10.97
CA ALA A 27 -5.26 -2.46 12.28
C ALA A 27 -6.35 -2.70 13.33
N ASP A 28 -7.39 -1.89 13.26
CA ASP A 28 -8.51 -2.00 14.18
C ASP A 28 -8.85 -3.48 14.36
N PHE A 29 -8.97 -4.17 13.24
CA PHE A 29 -9.31 -5.58 13.26
C PHE A 29 -8.23 -6.39 13.98
N ASP A 30 -7.02 -6.32 13.44
CA ASP A 30 -5.90 -7.03 14.02
C ASP A 30 -5.88 -6.80 15.53
N SER A 31 -5.77 -5.53 15.90
CA SER A 31 -5.73 -5.18 17.30
C SER A 31 -6.71 -6.05 18.10
N TRP A 32 -7.99 -5.77 17.91
CA TRP A 32 -9.03 -6.52 18.60
C TRP A 32 -8.70 -8.00 18.47
N GLY A 33 -8.88 -8.52 17.27
CA GLY A 33 -8.61 -9.92 17.00
C GLY A 33 -9.34 -10.40 15.74
N GLN A 34 -9.30 -9.56 14.73
CA GLN A 34 -9.95 -9.88 13.47
C GLN A 34 -8.91 -10.10 12.37
N LEU A 35 -8.23 -11.24 12.45
CA LEU A 35 -7.21 -11.58 11.48
C LEU A 35 -7.86 -11.72 10.10
N VAL A 36 -8.92 -12.51 10.05
CA VAL A 36 -9.63 -12.75 8.81
C VAL A 36 -9.95 -11.40 8.16
N GLU A 37 -10.84 -10.66 8.80
CA GLU A 37 -11.23 -9.36 8.29
C GLU A 37 -10.00 -8.49 8.03
N ALA A 38 -9.05 -8.58 8.95
CA ALA A 38 -7.83 -7.81 8.84
C ALA A 38 -7.15 -8.14 7.51
N ILE A 39 -6.72 -9.38 7.39
CA ILE A 39 -6.07 -9.85 6.19
C ILE A 39 -6.79 -9.28 4.96
N ASP A 40 -8.07 -9.63 4.86
CA ASP A 40 -8.89 -9.17 3.75
C ASP A 40 -8.58 -7.69 3.47
N GLU A 41 -8.71 -6.89 4.51
CA GLU A 41 -8.45 -5.46 4.40
C GLU A 41 -7.11 -5.22 3.70
N TYR A 42 -6.04 -5.57 4.42
CA TYR A 42 -4.71 -5.40 3.89
C TYR A 42 -4.62 -5.87 2.43
N GLN A 43 -4.78 -7.17 2.25
CA GLN A 43 -4.73 -7.75 0.92
C GLN A 43 -5.43 -6.84 -0.09
N ILE A 44 -6.73 -6.67 0.12
CA ILE A 44 -7.52 -5.83 -0.76
C ILE A 44 -6.73 -4.56 -1.09
N LEU A 45 -6.44 -3.80 -0.05
CA LEU A 45 -5.69 -2.56 -0.21
C LEU A 45 -4.42 -2.84 -1.02
N ALA A 46 -3.85 -4.01 -0.79
CA ALA A 46 -2.64 -4.41 -1.48
C ALA A 46 -2.92 -4.50 -2.98
N ARG A 47 -4.01 -5.19 -3.31
CA ARG A 47 -4.40 -5.36 -4.70
C ARG A 47 -4.59 -4.00 -5.36
N HIS A 48 -5.35 -3.15 -4.69
CA HIS A 48 -5.60 -1.81 -5.22
C HIS A 48 -4.28 -1.12 -5.55
N LEU A 49 -3.42 -1.06 -4.54
CA LEU A 49 -2.12 -0.43 -4.71
C LEU A 49 -1.54 -0.83 -6.07
N GLN A 50 -1.42 -2.13 -6.28
CA GLN A 50 -0.89 -2.64 -7.53
C GLN A 50 -1.55 -1.94 -8.71
N LYS A 51 -2.87 -1.87 -8.67
CA LYS A 51 -3.63 -1.24 -9.74
C LYS A 51 -2.91 0.04 -10.17
N GLU A 52 -2.21 0.63 -9.22
CA GLU A 52 -1.47 1.86 -9.49
C GLU A 52 -0.02 1.53 -9.86
N ALA A 53 0.53 0.55 -9.15
CA ALA A 53 1.89 0.13 -9.38
C ALA A 53 2.02 -0.42 -10.80
N GLN A 54 1.11 -1.33 -11.13
CA GLN A 54 1.11 -1.95 -12.45
C GLN A 54 0.18 -1.18 -13.39
N ALA A 55 0.26 0.14 -13.31
CA ALA A 55 -0.56 0.99 -14.14
C ALA A 55 0.33 1.87 -15.03
N GLN A 56 1.04 1.20 -15.94
CA GLN A 56 1.94 1.90 -16.83
C GLN A 56 1.15 2.92 -17.67
N HIS A 57 0.30 2.41 -18.53
CA HIS A 57 -0.51 3.26 -19.39
C HIS A 57 -1.93 2.70 -19.48
N ASN A 58 -2.62 2.76 -18.35
CA ASN A 58 -3.99 2.27 -18.29
C ASN A 58 -4.83 3.19 -17.41
N ASN A 59 -4.28 3.51 -16.25
CA ASN A 59 -4.96 4.38 -15.31
C ASN A 59 -3.96 4.92 -14.29
N SER A 60 -4.49 5.55 -13.26
CA SER A 60 -3.65 6.12 -12.21
C SER A 60 -2.95 7.38 -12.71
N GLU A 61 -2.92 8.39 -11.86
CA GLU A 61 -2.30 9.65 -12.20
C GLU A 61 -1.10 9.93 -11.30
N PHE A 62 -0.51 8.83 -10.81
CA PHE A 62 0.64 8.94 -9.93
C PHE A 62 1.95 8.76 -10.71
N THR A 63 2.95 9.52 -10.31
CA THR A 63 4.25 9.46 -10.96
C THR A 63 4.89 8.09 -10.73
N GLU A 64 6.07 7.92 -11.31
CA GLU A 64 6.80 6.66 -11.18
C GLU A 64 7.25 6.47 -9.74
N GLU A 65 7.68 7.56 -9.13
CA GLU A 65 8.14 7.52 -7.75
C GLU A 65 7.01 7.08 -6.82
N GLN A 66 5.83 7.60 -7.09
CA GLN A 66 4.66 7.27 -6.28
C GLN A 66 4.27 5.81 -6.50
N LYS A 67 4.04 5.46 -7.76
CA LYS A 67 3.67 4.10 -8.11
C LYS A 67 4.62 3.12 -7.43
N LYS A 68 5.91 3.35 -7.65
CA LYS A 68 6.93 2.50 -7.07
C LYS A 68 6.57 2.20 -5.61
N THR A 69 6.44 3.27 -4.83
CA THR A 69 6.11 3.13 -3.43
C THR A 69 4.79 2.36 -3.27
N ILE A 70 3.77 2.84 -3.97
CA ILE A 70 2.46 2.22 -3.92
C ILE A 70 2.62 0.70 -3.93
N GLY A 71 3.45 0.23 -4.86
CA GLY A 71 3.71 -1.19 -4.99
C GLY A 71 4.45 -1.73 -3.76
N LYS A 72 5.39 -0.94 -3.29
CA LYS A 72 6.19 -1.32 -2.13
C LYS A 72 5.26 -1.48 -0.92
N ILE A 73 4.19 -0.70 -0.92
CA ILE A 73 3.23 -0.74 0.17
C ILE A 73 2.52 -2.10 0.15
N ALA A 74 1.97 -2.43 -1.01
CA ALA A 74 1.26 -3.68 -1.17
C ALA A 74 2.13 -4.82 -0.65
N THR A 75 3.36 -4.87 -1.16
CA THR A 75 4.30 -5.90 -0.75
C THR A 75 4.17 -6.19 0.74
N CYS A 76 4.39 -5.15 1.54
CA CYS A 76 4.31 -5.28 2.98
C CYS A 76 3.01 -6.03 3.31
N LEU A 77 1.90 -5.46 2.86
CA LEU A 77 0.60 -6.06 3.09
C LEU A 77 0.71 -7.58 3.00
N GLU A 78 1.06 -8.05 1.81
CA GLU A 78 1.22 -9.48 1.58
C GLU A 78 1.92 -10.14 2.76
N LEU A 79 2.97 -9.47 3.23
CA LEU A 79 3.75 -9.97 4.35
C LEU A 79 2.88 -9.97 5.61
N ARG A 80 2.27 -8.82 5.86
CA ARG A 80 1.41 -8.67 7.02
C ARG A 80 0.28 -9.69 6.98
N SER A 81 -0.56 -9.56 5.97
CA SER A 81 -1.69 -10.47 5.80
C SER A 81 -1.26 -11.89 6.14
N ALA A 82 -0.22 -12.35 5.46
CA ALA A 82 0.29 -13.69 5.68
C ALA A 82 0.69 -13.85 7.14
N ALA A 83 1.48 -12.89 7.62
CA ALA A 83 1.94 -12.91 8.99
C ALA A 83 0.79 -13.35 9.91
N LEU A 84 -0.38 -12.81 9.63
CA LEU A 84 -1.57 -13.14 10.40
C LEU A 84 -1.85 -14.63 10.29
N GLN A 85 -1.95 -15.10 9.05
CA GLN A 85 -2.22 -16.50 8.79
C GLN A 85 -1.20 -17.38 9.53
N SER A 86 0.05 -16.94 9.51
CA SER A 86 1.11 -17.67 10.17
C SER A 86 0.78 -17.84 11.65
N THR A 87 1.44 -18.81 12.27
CA THR A 87 1.24 -19.08 13.68
C THR A 87 2.19 -18.25 14.53
N GLN A 88 2.39 -17.01 14.10
CA GLN A 88 3.28 -16.11 14.80
C GLN A 88 4.74 -16.44 14.49
N SER A 89 5.12 -17.67 14.80
CA SER A 89 6.48 -18.12 14.55
C SER A 89 6.87 -17.83 13.10
N GLN A 90 7.50 -16.67 12.92
CA GLN A 90 7.93 -16.26 11.59
C GLN A 90 8.75 -14.98 11.68
N GLU A 91 9.18 -14.51 10.51
CA GLU A 91 9.98 -13.30 10.44
C GLU A 91 9.50 -12.41 9.29
N GLU A 92 8.18 -12.26 9.22
CA GLU A 92 7.58 -11.45 8.17
C GLU A 92 7.40 -10.01 8.66
N PHE A 93 6.31 -9.40 8.21
CA PHE A 93 6.01 -8.02 8.59
C PHE A 93 5.25 -7.99 9.92
N LYS A 94 5.42 -6.87 10.62
CA LYS A 94 4.76 -6.69 11.91
C LYS A 94 3.68 -5.62 11.77
N LEU A 95 3.17 -5.20 12.91
CA LEU A 95 2.13 -4.16 12.94
C LEU A 95 2.77 -2.79 12.82
N GLU A 96 3.76 -2.56 13.69
CA GLU A 96 4.47 -1.29 13.68
C GLU A 96 4.98 -0.96 12.28
N ASP A 97 5.62 -1.95 11.68
CA ASP A 97 6.15 -1.78 10.34
C ASP A 97 5.02 -1.50 9.36
N LEU A 98 3.85 -2.03 9.69
CA LEU A 98 2.68 -1.85 8.86
C LEU A 98 2.15 -0.42 9.02
N LYS A 99 1.96 -0.04 10.28
CA LYS A 99 1.46 1.29 10.58
C LYS A 99 2.41 2.33 9.97
N LYS A 100 3.61 1.87 9.65
CA LYS A 100 4.61 2.75 9.05
C LYS A 100 4.21 3.07 7.61
N LEU A 101 3.14 2.43 7.17
CA LEU A 101 2.65 2.64 5.81
C LEU A 101 1.48 3.63 5.85
N GLU A 102 1.12 4.03 7.06
CA GLU A 102 0.03 4.97 7.25
C GLU A 102 0.40 6.34 6.68
N PRO A 103 1.61 6.82 7.08
CA PRO A 103 2.09 8.11 6.62
C PRO A 103 2.57 8.03 5.18
N ILE A 104 3.12 6.87 4.83
CA ILE A 104 3.63 6.65 3.49
C ILE A 104 2.48 6.81 2.49
N LEU A 105 1.39 6.10 2.76
CA LEU A 105 0.22 6.16 1.89
C LEU A 105 -0.37 7.57 1.93
N LYS A 106 -0.24 8.20 3.09
CA LYS A 106 -0.75 9.55 3.27
C LYS A 106 0.10 10.53 2.47
N ASN A 107 1.40 10.49 2.74
CA ASN A 107 2.34 11.37 2.05
C ASN A 107 2.90 10.65 0.83
N ILE A 108 2.12 9.71 0.33
CA ILE A 108 2.52 8.94 -0.84
C ILE A 108 3.10 9.89 -1.89
N LEU A 109 2.51 11.08 -1.95
CA LEU A 109 2.95 12.09 -2.91
C LEU A 109 4.26 12.72 -2.42
N THR A 110 4.21 13.23 -1.19
CA THR A 110 5.37 13.86 -0.60
C THR A 110 6.09 12.88 0.32
N TYR A 111 6.31 11.68 -0.20
CA TYR A 111 6.99 10.65 0.56
C TYR A 111 8.41 10.41 0.03
N ASN A 112 9.35 10.34 0.95
CA ASN A 112 10.74 10.11 0.59
C ASN A 112 10.91 8.69 0.04
N LYS A 113 11.63 8.60 -1.07
CA LYS A 113 11.85 7.31 -1.70
C LYS A 113 12.73 6.45 -0.78
N GLU A 114 13.15 5.31 -1.31
CA GLU A 114 13.99 4.39 -0.55
C GLU A 114 13.22 3.88 0.68
N PHE A 115 12.24 3.04 0.41
CA PHE A 115 11.44 2.47 1.48
C PHE A 115 12.29 2.18 2.71
N PRO A 116 11.63 2.25 3.90
CA PRO A 116 12.32 2.00 5.16
C PRO A 116 12.56 0.49 5.35
N PHE A 117 11.84 -0.30 4.57
CA PHE A 117 11.97 -1.74 4.65
C PHE A 117 12.40 -2.32 3.30
N ASP A 118 12.96 -3.52 3.37
CA ASP A 118 13.42 -4.19 2.16
C ASP A 118 12.23 -4.81 1.43
N VAL A 119 11.59 -3.98 0.61
CA VAL A 119 10.44 -4.43 -0.14
C VAL A 119 10.56 -3.93 -1.58
N GLN A 120 10.36 -4.86 -2.51
CA GLN A 120 10.44 -4.53 -3.93
C GLN A 120 9.08 -4.05 -4.44
N PRO A 121 9.14 -3.30 -5.58
CA PRO A 121 7.92 -2.77 -6.17
C PRO A 121 7.14 -3.88 -6.89
N ILE A 122 5.87 -3.98 -6.54
CA ILE A 122 5.01 -4.99 -7.14
C ILE A 122 5.23 -4.99 -8.66
N SER A 123 5.26 -6.20 -9.21
CA SER A 123 5.46 -6.35 -10.64
C SER A 123 6.84 -5.81 -11.04
N GLY A 124 7.64 -6.69 -11.64
CA GLY A 124 8.97 -6.31 -12.07
C GLY A 124 9.74 -7.52 -12.60
N PRO A 125 11.05 -7.30 -12.86
CA PRO A 125 11.90 -8.36 -13.37
C PRO A 125 12.26 -9.35 -12.25
N SER A 126 12.02 -10.62 -12.54
CA SER A 126 12.32 -11.67 -11.58
C SER A 126 13.82 -11.69 -11.27
N SER A 127 14.16 -11.07 -10.14
CA SER A 127 15.54 -11.01 -9.71
C SER A 127 16.19 -12.39 -9.84
N GLY A 128 15.60 -13.35 -9.14
CA GLY A 128 16.10 -14.71 -9.17
C GLY A 128 15.17 -15.66 -8.40
N GLY A 1 15.13 17.72 -13.96
CA GLY A 1 13.79 17.95 -14.49
C GLY A 1 12.73 17.75 -13.41
N SER A 2 12.08 18.86 -13.06
CA SER A 2 11.04 18.83 -12.04
C SER A 2 11.60 18.27 -10.74
N SER A 3 10.80 18.39 -9.69
CA SER A 3 11.20 17.90 -8.38
C SER A 3 9.99 17.35 -7.63
N GLY A 4 9.01 18.21 -7.43
CA GLY A 4 7.79 17.81 -6.74
C GLY A 4 6.66 17.54 -7.73
N SER A 5 6.30 16.27 -7.83
CA SER A 5 5.23 15.86 -8.73
C SER A 5 4.00 15.42 -7.93
N SER A 6 2.92 16.16 -8.12
CA SER A 6 1.68 15.87 -7.42
C SER A 6 0.54 15.67 -8.43
N GLY A 7 0.20 14.41 -8.66
CA GLY A 7 -0.86 14.08 -9.59
C GLY A 7 -2.22 14.06 -8.90
N MET A 8 -2.72 15.26 -8.60
CA MET A 8 -4.00 15.40 -7.93
C MET A 8 -4.99 16.19 -8.80
N SER A 9 -6.07 15.54 -9.15
CA SER A 9 -7.10 16.17 -9.98
C SER A 9 -8.28 16.56 -9.11
N GLU A 10 -8.61 15.69 -8.16
CA GLU A 10 -9.71 15.95 -7.26
C GLU A 10 -10.19 14.63 -6.63
N VAL A 11 -9.94 13.54 -7.35
CA VAL A 11 -10.35 12.24 -6.88
C VAL A 11 -9.15 11.54 -6.23
N THR A 12 -7.97 11.85 -6.77
CA THR A 12 -6.74 11.27 -6.25
C THR A 12 -6.70 11.36 -4.73
N ARG A 13 -7.00 12.54 -4.23
CA ARG A 13 -7.01 12.78 -2.79
C ARG A 13 -7.92 11.78 -2.10
N SER A 14 -9.03 11.47 -2.76
CA SER A 14 -9.99 10.53 -2.22
C SER A 14 -9.37 9.13 -2.14
N LEU A 15 -8.47 8.87 -3.07
CA LEU A 15 -7.79 7.57 -3.11
C LEU A 15 -6.85 7.45 -1.91
N LEU A 16 -6.07 8.51 -1.71
CA LEU A 16 -5.12 8.53 -0.61
C LEU A 16 -5.88 8.28 0.71
N GLN A 17 -7.17 8.49 0.66
CA GLN A 17 -8.02 8.30 1.83
C GLN A 17 -8.45 6.84 1.93
N ARG A 18 -9.23 6.42 0.95
CA ARG A 18 -9.72 5.04 0.92
C ARG A 18 -8.57 4.06 1.16
N TRP A 19 -7.39 4.47 0.74
CA TRP A 19 -6.20 3.65 0.90
C TRP A 19 -5.85 3.61 2.39
N GLY A 20 -5.51 4.80 2.91
CA GLY A 20 -5.15 4.91 4.31
C GLY A 20 -6.30 4.46 5.21
N ALA A 21 -7.49 4.44 4.63
CA ALA A 21 -8.67 4.04 5.37
C ALA A 21 -8.69 2.52 5.50
N SER A 22 -8.01 1.86 4.56
CA SER A 22 -7.94 0.41 4.55
C SER A 22 -6.93 -0.07 5.60
N LEU A 23 -5.70 0.38 5.45
CA LEU A 23 -4.64 0.01 6.38
C LEU A 23 -5.08 0.34 7.80
N ARG A 24 -5.37 1.62 8.02
CA ARG A 24 -5.79 2.08 9.33
C ARG A 24 -6.76 1.06 9.96
N ARG A 25 -7.80 0.73 9.19
CA ARG A 25 -8.78 -0.22 9.66
C ARG A 25 -8.14 -1.58 9.92
N GLY A 26 -7.36 -2.03 8.95
CA GLY A 26 -6.68 -3.31 9.06
C GLY A 26 -6.04 -3.46 10.44
N ALA A 27 -5.64 -2.34 11.01
CA ALA A 27 -5.01 -2.34 12.31
C ALA A 27 -6.09 -2.46 13.40
N ASP A 28 -7.15 -1.69 13.21
CA ASP A 28 -8.25 -1.70 14.16
C ASP A 28 -8.75 -3.14 14.34
N PHE A 29 -8.71 -3.89 13.25
CA PHE A 29 -9.14 -5.27 13.27
C PHE A 29 -8.14 -6.16 14.01
N ASP A 30 -6.90 -6.10 13.56
CA ASP A 30 -5.84 -6.88 14.17
C ASP A 30 -5.87 -6.67 15.69
N SER A 31 -5.71 -5.41 16.08
CA SER A 31 -5.72 -5.06 17.49
C SER A 31 -6.76 -5.90 18.23
N TRP A 32 -8.02 -5.63 17.92
CA TRP A 32 -9.11 -6.34 18.55
C TRP A 32 -8.84 -7.85 18.42
N GLY A 33 -8.97 -8.33 17.19
CA GLY A 33 -8.74 -9.74 16.91
C GLY A 33 -9.47 -10.17 15.64
N GLN A 34 -9.36 -9.32 14.62
CA GLN A 34 -10.00 -9.61 13.34
C GLN A 34 -8.95 -9.85 12.27
N LEU A 35 -8.28 -10.99 12.37
CA LEU A 35 -7.25 -11.35 11.42
C LEU A 35 -7.86 -11.44 10.02
N VAL A 36 -8.95 -12.19 9.93
CA VAL A 36 -9.64 -12.35 8.66
C VAL A 36 -9.85 -10.99 8.01
N GLU A 37 -10.71 -10.20 8.65
CA GLU A 37 -11.01 -8.86 8.14
C GLU A 37 -9.73 -8.07 7.94
N ALA A 38 -8.80 -8.27 8.86
CA ALA A 38 -7.52 -7.57 8.79
C ALA A 38 -6.81 -7.95 7.49
N ILE A 39 -6.61 -9.24 7.30
CA ILE A 39 -5.95 -9.72 6.11
C ILE A 39 -6.66 -9.17 4.87
N ASP A 40 -7.94 -9.51 4.76
CA ASP A 40 -8.74 -9.05 3.64
C ASP A 40 -8.51 -7.56 3.43
N GLU A 41 -8.73 -6.81 4.51
CA GLU A 41 -8.55 -5.36 4.45
C GLU A 41 -7.21 -5.02 3.80
N TYR A 42 -6.17 -5.68 4.26
CA TYR A 42 -4.84 -5.45 3.73
C TYR A 42 -4.74 -5.92 2.28
N GLN A 43 -4.91 -7.21 2.09
CA GLN A 43 -4.85 -7.80 0.76
C GLN A 43 -5.59 -6.91 -0.24
N ILE A 44 -6.89 -6.76 0.00
CA ILE A 44 -7.72 -5.94 -0.87
C ILE A 44 -6.95 -4.67 -1.26
N LEU A 45 -6.51 -3.96 -0.24
CA LEU A 45 -5.75 -2.72 -0.46
C LEU A 45 -4.47 -3.04 -1.23
N ALA A 46 -3.83 -4.13 -0.81
CA ALA A 46 -2.59 -4.55 -1.44
C ALA A 46 -2.82 -4.69 -2.95
N ARG A 47 -3.92 -5.33 -3.30
CA ARG A 47 -4.26 -5.53 -4.70
C ARG A 47 -4.48 -4.18 -5.38
N HIS A 48 -5.20 -3.31 -4.69
CA HIS A 48 -5.49 -1.99 -5.22
C HIS A 48 -4.18 -1.25 -5.52
N LEU A 49 -3.31 -1.22 -4.52
CA LEU A 49 -2.02 -0.56 -4.66
C LEU A 49 -1.42 -0.91 -6.03
N GLN A 50 -1.59 -2.17 -6.41
CA GLN A 50 -1.06 -2.63 -7.68
C GLN A 50 -1.77 -1.91 -8.83
N LYS A 51 -3.09 -1.95 -8.80
CA LYS A 51 -3.89 -1.30 -9.83
C LYS A 51 -3.31 0.08 -10.12
N GLU A 52 -2.69 0.66 -9.11
CA GLU A 52 -2.09 1.98 -9.25
C GLU A 52 -0.60 1.85 -9.54
N ALA A 53 -0.02 0.77 -9.03
CA ALA A 53 1.40 0.53 -9.23
C ALA A 53 1.63 0.00 -10.65
N GLN A 54 1.08 -1.17 -10.91
CA GLN A 54 1.21 -1.79 -12.22
C GLN A 54 0.33 -1.08 -13.23
N ALA A 55 -0.85 -0.68 -12.78
CA ALA A 55 -1.79 0.03 -13.63
C ALA A 55 -1.75 -0.58 -15.03
N GLN A 56 -2.52 -1.64 -15.21
CA GLN A 56 -2.58 -2.31 -16.49
C GLN A 56 -3.67 -1.69 -17.37
N HIS A 57 -4.02 -0.47 -17.04
CA HIS A 57 -5.05 0.24 -17.79
C HIS A 57 -5.23 1.65 -17.20
N ASN A 58 -5.56 1.67 -15.92
CA ASN A 58 -5.76 2.95 -15.24
C ASN A 58 -4.41 3.51 -14.81
N ASN A 59 -3.58 3.79 -15.81
CA ASN A 59 -2.26 4.33 -15.55
C ASN A 59 -2.34 5.35 -14.42
N SER A 60 -2.01 4.90 -13.22
CA SER A 60 -2.04 5.76 -12.05
C SER A 60 -1.40 7.10 -12.37
N GLU A 61 -2.01 8.16 -11.88
CA GLU A 61 -1.52 9.50 -12.11
C GLU A 61 -0.45 9.86 -11.06
N PHE A 62 0.48 8.92 -10.88
CA PHE A 62 1.55 9.12 -9.91
C PHE A 62 2.91 8.91 -10.56
N THR A 63 3.90 9.65 -10.07
CA THR A 63 5.25 9.55 -10.60
C THR A 63 5.83 8.16 -10.31
N GLU A 64 7.02 7.93 -10.85
CA GLU A 64 7.70 6.66 -10.66
C GLU A 64 8.01 6.44 -9.18
N GLU A 65 8.66 7.42 -8.59
CA GLU A 65 9.02 7.35 -7.18
C GLU A 65 7.77 7.05 -6.34
N GLN A 66 6.62 7.37 -6.89
CA GLN A 66 5.36 7.13 -6.20
C GLN A 66 4.95 5.67 -6.34
N LYS A 67 4.59 5.30 -7.56
CA LYS A 67 4.17 3.93 -7.84
C LYS A 67 5.14 2.96 -7.16
N LYS A 68 6.42 3.29 -7.25
CA LYS A 68 7.44 2.45 -6.64
C LYS A 68 7.04 2.12 -5.20
N THR A 69 6.65 3.15 -4.48
CA THR A 69 6.25 2.98 -3.09
C THR A 69 4.88 2.31 -3.02
N ILE A 70 3.92 2.92 -3.71
CA ILE A 70 2.56 2.39 -3.72
C ILE A 70 2.61 0.87 -3.86
N GLY A 71 3.39 0.42 -4.83
CA GLY A 71 3.54 -1.01 -5.08
C GLY A 71 4.24 -1.69 -3.91
N LYS A 72 5.26 -1.02 -3.39
CA LYS A 72 6.02 -1.55 -2.27
C LYS A 72 5.09 -1.73 -1.06
N ILE A 73 4.22 -0.75 -0.88
CA ILE A 73 3.28 -0.79 0.22
C ILE A 73 2.56 -2.13 0.24
N ALA A 74 2.00 -2.47 -0.92
CA ALA A 74 1.28 -3.73 -1.06
C ALA A 74 2.18 -4.88 -0.61
N THR A 75 3.35 -4.95 -1.23
CA THR A 75 4.31 -6.00 -0.92
C THR A 75 4.32 -6.26 0.59
N CYS A 76 4.51 -5.20 1.35
CA CYS A 76 4.54 -5.30 2.80
C CYS A 76 3.28 -6.04 3.25
N LEU A 77 2.14 -5.53 2.79
CA LEU A 77 0.86 -6.13 3.15
C LEU A 77 0.97 -7.65 3.04
N GLU A 78 1.29 -8.11 1.84
CA GLU A 78 1.43 -9.53 1.59
C GLU A 78 2.16 -10.21 2.75
N LEU A 79 3.02 -9.43 3.40
CA LEU A 79 3.79 -9.94 4.52
C LEU A 79 2.91 -9.95 5.77
N ARG A 80 2.35 -8.79 6.08
CA ARG A 80 1.49 -8.66 7.25
C ARG A 80 0.39 -9.72 7.21
N SER A 81 -0.41 -9.66 6.16
CA SER A 81 -1.50 -10.60 6.00
C SER A 81 -1.02 -12.02 6.33
N ALA A 82 -0.02 -12.46 5.58
CA ALA A 82 0.53 -13.79 5.79
C ALA A 82 0.95 -13.94 7.25
N ALA A 83 1.72 -12.97 7.72
CA ALA A 83 2.20 -12.99 9.09
C ALA A 83 1.07 -13.44 10.01
N LEU A 84 -0.14 -12.99 9.68
CA LEU A 84 -1.31 -13.34 10.47
C LEU A 84 -1.63 -14.83 10.26
N GLN A 85 -1.76 -15.20 9.01
CA GLN A 85 -2.06 -16.58 8.67
C GLN A 85 -1.03 -17.52 9.28
N SER A 86 0.23 -17.08 9.26
CA SER A 86 1.31 -17.86 9.81
C SER A 86 1.09 -18.08 11.31
N THR A 87 1.80 -19.06 11.85
CA THR A 87 1.69 -19.37 13.26
C THR A 87 2.44 -18.34 14.10
N GLN A 88 2.02 -18.23 15.36
CA GLN A 88 2.64 -17.28 16.27
C GLN A 88 4.04 -17.76 16.67
N SER A 89 5.02 -17.35 15.88
CA SER A 89 6.39 -17.73 16.15
C SER A 89 7.33 -17.11 15.10
N GLN A 90 6.91 -17.23 13.85
CA GLN A 90 7.69 -16.69 12.74
C GLN A 90 8.10 -15.25 13.05
N GLU A 91 8.96 -14.71 12.19
CA GLU A 91 9.44 -13.35 12.35
C GLU A 91 9.24 -12.56 11.04
N GLU A 92 7.99 -12.45 10.64
CA GLU A 92 7.67 -11.73 9.42
C GLU A 92 7.36 -10.26 9.74
N PHE A 93 6.46 -9.69 8.95
CA PHE A 93 6.08 -8.30 9.14
C PHE A 93 5.21 -8.13 10.37
N LYS A 94 5.39 -6.99 11.05
CA LYS A 94 4.63 -6.70 12.24
C LYS A 94 3.61 -5.60 11.93
N LEU A 95 3.00 -5.08 12.99
CA LEU A 95 2.01 -4.02 12.86
C LEU A 95 2.72 -2.69 12.68
N GLU A 96 3.61 -2.39 13.62
CA GLU A 96 4.36 -1.15 13.59
C GLU A 96 5.02 -0.98 12.22
N ASP A 97 5.38 -2.10 11.62
CA ASP A 97 6.02 -2.09 10.32
C ASP A 97 4.95 -1.87 9.23
N LEU A 98 3.75 -2.32 9.54
CA LEU A 98 2.65 -2.19 8.60
C LEU A 98 2.10 -0.76 8.67
N LYS A 99 1.92 -0.28 9.90
CA LYS A 99 1.42 1.06 10.11
C LYS A 99 2.42 2.08 9.55
N LYS A 100 3.60 1.59 9.24
CA LYS A 100 4.65 2.43 8.70
C LYS A 100 4.26 2.87 7.29
N LEU A 101 3.23 2.25 6.77
CA LEU A 101 2.75 2.57 5.44
C LEU A 101 1.47 3.41 5.54
N GLU A 102 1.13 3.75 6.78
CA GLU A 102 -0.06 4.55 7.02
C GLU A 102 0.17 6.01 6.63
N PRO A 103 1.31 6.55 7.12
CA PRO A 103 1.67 7.93 6.83
C PRO A 103 2.18 8.07 5.39
N ILE A 104 2.88 7.04 4.94
CA ILE A 104 3.42 7.03 3.59
C ILE A 104 2.29 7.20 2.58
N LEU A 105 1.38 6.24 2.59
CA LEU A 105 0.24 6.28 1.69
C LEU A 105 -0.31 7.71 1.63
N LYS A 106 -0.27 8.37 2.78
CA LYS A 106 -0.77 9.73 2.87
C LYS A 106 0.25 10.68 2.24
N ASN A 107 1.51 10.47 2.60
CA ASN A 107 2.58 11.30 2.08
C ASN A 107 3.12 10.68 0.79
N ILE A 108 2.21 10.06 0.04
CA ILE A 108 2.57 9.43 -1.22
C ILE A 108 2.74 10.50 -2.29
N LEU A 109 1.94 11.55 -2.16
CA LEU A 109 1.99 12.65 -3.12
C LEU A 109 3.39 13.26 -3.11
N THR A 110 3.86 13.59 -1.92
CA THR A 110 5.18 14.17 -1.77
C THR A 110 6.23 13.08 -1.56
N TYR A 111 5.99 12.27 -0.54
CA TYR A 111 6.91 11.18 -0.22
C TYR A 111 8.37 11.66 -0.26
N ASN A 112 9.27 10.71 -0.05
CA ASN A 112 10.69 11.02 -0.06
C ASN A 112 11.49 9.72 -0.08
N LYS A 113 10.92 8.73 -0.74
CA LYS A 113 11.57 7.43 -0.84
C LYS A 113 12.23 7.08 0.50
N GLU A 114 13.21 6.20 0.42
CA GLU A 114 13.93 5.79 1.63
C GLU A 114 13.05 4.87 2.48
N PHE A 115 12.22 4.08 1.80
CA PHE A 115 11.33 3.17 2.49
C PHE A 115 12.02 2.53 3.70
N PRO A 116 11.19 2.26 4.74
CA PRO A 116 11.71 1.65 5.96
C PRO A 116 12.00 0.16 5.75
N PHE A 117 11.69 -0.30 4.54
CA PHE A 117 11.91 -1.69 4.21
C PHE A 117 12.58 -1.84 2.84
N ASP A 118 13.40 -2.87 2.72
CA ASP A 118 14.11 -3.12 1.47
C ASP A 118 13.25 -4.01 0.58
N VAL A 119 12.02 -3.58 0.37
CA VAL A 119 11.09 -4.33 -0.46
C VAL A 119 11.19 -3.84 -1.91
N GLN A 120 10.69 -4.65 -2.82
CA GLN A 120 10.72 -4.31 -4.23
C GLN A 120 9.31 -3.92 -4.70
N PRO A 121 9.29 -3.15 -5.82
CA PRO A 121 8.02 -2.71 -6.39
C PRO A 121 7.31 -3.84 -7.11
N ILE A 122 6.04 -4.02 -6.78
CA ILE A 122 5.25 -5.07 -7.39
C ILE A 122 5.04 -4.75 -8.88
N SER A 123 5.60 -5.63 -9.71
CA SER A 123 5.49 -5.46 -11.15
C SER A 123 6.27 -4.21 -11.59
N GLY A 124 7.52 -4.44 -11.95
CA GLY A 124 8.39 -3.35 -12.39
C GLY A 124 8.10 -2.98 -13.85
N PRO A 125 8.82 -1.94 -14.33
CA PRO A 125 8.66 -1.47 -15.70
C PRO A 125 9.31 -2.45 -16.69
N SER A 126 8.94 -2.30 -17.95
CA SER A 126 9.47 -3.14 -18.99
C SER A 126 9.10 -4.60 -18.73
N SER A 127 8.65 -5.27 -19.80
CA SER A 127 8.25 -6.66 -19.69
C SER A 127 8.64 -7.40 -20.97
N GLY A 128 9.87 -7.89 -20.99
CA GLY A 128 10.36 -8.63 -22.14
C GLY A 128 10.03 -10.11 -22.03
N GLY A 1 -15.03 33.83 -6.46
CA GLY A 1 -15.01 32.93 -5.31
C GLY A 1 -14.20 31.68 -5.62
N SER A 2 -14.85 30.73 -6.28
CA SER A 2 -14.18 29.48 -6.63
C SER A 2 -13.62 28.82 -5.38
N SER A 3 -13.22 27.56 -5.53
CA SER A 3 -12.67 26.80 -4.43
C SER A 3 -11.51 27.58 -3.79
N GLY A 4 -10.51 27.87 -4.61
CA GLY A 4 -9.35 28.61 -4.15
C GLY A 4 -8.07 28.09 -4.82
N SER A 5 -7.79 26.82 -4.59
CA SER A 5 -6.61 26.20 -5.17
C SER A 5 -6.66 24.68 -4.97
N SER A 6 -6.57 23.96 -6.09
CA SER A 6 -6.61 22.52 -6.05
C SER A 6 -5.32 21.97 -5.43
N GLY A 7 -5.49 21.06 -4.49
CA GLY A 7 -4.36 20.46 -3.81
C GLY A 7 -3.84 19.24 -4.58
N MET A 8 -3.97 18.09 -3.94
CA MET A 8 -3.53 16.84 -4.56
C MET A 8 -4.66 16.19 -5.35
N SER A 9 -5.17 16.94 -6.32
CA SER A 9 -6.25 16.45 -7.15
C SER A 9 -7.46 16.10 -6.29
N GLU A 10 -8.50 15.62 -6.96
CA GLU A 10 -9.72 15.24 -6.27
C GLU A 10 -9.83 13.72 -6.15
N VAL A 11 -9.40 13.05 -7.22
CA VAL A 11 -9.44 11.60 -7.25
C VAL A 11 -8.28 11.04 -6.43
N THR A 12 -7.08 11.53 -6.74
CA THR A 12 -5.89 11.09 -6.04
C THR A 12 -6.09 11.19 -4.53
N ARG A 13 -6.58 12.35 -4.11
CA ARG A 13 -6.82 12.58 -2.69
C ARG A 13 -7.67 11.47 -2.11
N SER A 14 -8.85 11.28 -2.69
CA SER A 14 -9.76 10.24 -2.24
C SER A 14 -9.01 8.92 -2.09
N LEU A 15 -8.04 8.72 -2.98
CA LEU A 15 -7.25 7.50 -2.96
C LEU A 15 -6.34 7.51 -1.73
N LEU A 16 -5.53 8.56 -1.65
CA LEU A 16 -4.59 8.70 -0.54
C LEU A 16 -5.37 8.62 0.78
N GLN A 17 -6.67 8.86 0.68
CA GLN A 17 -7.54 8.82 1.85
C GLN A 17 -8.15 7.42 2.01
N ARG A 18 -8.89 7.03 0.99
CA ARG A 18 -9.54 5.73 1.01
C ARG A 18 -8.52 4.62 1.33
N TRP A 19 -7.30 4.85 0.89
CA TRP A 19 -6.22 3.89 1.12
C TRP A 19 -5.94 3.87 2.63
N GLY A 20 -5.46 4.99 3.12
CA GLY A 20 -5.14 5.11 4.54
C GLY A 20 -6.28 4.58 5.41
N ALA A 21 -7.49 4.64 4.84
CA ALA A 21 -8.66 4.17 5.55
C ALA A 21 -8.58 2.65 5.71
N SER A 22 -8.13 1.99 4.65
CA SER A 22 -8.01 0.55 4.67
C SER A 22 -7.04 0.12 5.78
N LEU A 23 -5.79 0.53 5.63
CA LEU A 23 -4.77 0.20 6.60
C LEU A 23 -5.30 0.49 8.00
N ARG A 24 -5.73 1.73 8.19
CA ARG A 24 -6.26 2.15 9.48
C ARG A 24 -7.18 1.07 10.06
N ARG A 25 -8.11 0.63 9.22
CA ARG A 25 -9.04 -0.40 9.63
C ARG A 25 -8.33 -1.74 9.83
N GLY A 26 -7.51 -2.07 8.85
CA GLY A 26 -6.76 -3.31 8.89
C GLY A 26 -6.04 -3.47 10.23
N ALA A 27 -5.75 -2.33 10.85
CA ALA A 27 -5.08 -2.33 12.13
C ALA A 27 -6.11 -2.45 13.26
N ASP A 28 -7.22 -1.74 13.07
CA ASP A 28 -8.28 -1.75 14.05
C ASP A 28 -8.76 -3.19 14.27
N PHE A 29 -8.89 -3.91 13.16
CA PHE A 29 -9.35 -5.29 13.20
C PHE A 29 -8.35 -6.16 13.96
N ASP A 30 -7.12 -6.15 13.48
CA ASP A 30 -6.07 -6.93 14.10
C ASP A 30 -6.08 -6.71 15.61
N SER A 31 -6.00 -5.43 15.98
CA SER A 31 -6.01 -5.06 17.39
C SER A 31 -7.07 -5.87 18.13
N TRP A 32 -8.32 -5.54 17.86
CA TRP A 32 -9.44 -6.22 18.49
C TRP A 32 -9.17 -7.73 18.41
N GLY A 33 -9.31 -8.27 17.21
CA GLY A 33 -9.09 -9.68 16.99
C GLY A 33 -9.77 -10.15 15.69
N GLN A 34 -9.62 -9.33 14.66
CA GLN A 34 -10.22 -9.65 13.38
C GLN A 34 -9.13 -9.86 12.33
N LEU A 35 -8.43 -10.99 12.46
CA LEU A 35 -7.37 -11.33 11.53
C LEU A 35 -7.96 -11.51 10.14
N VAL A 36 -8.98 -12.35 10.06
CA VAL A 36 -9.64 -12.62 8.79
C VAL A 36 -9.97 -11.29 8.10
N GLU A 37 -10.75 -10.48 8.81
CA GLU A 37 -11.15 -9.19 8.28
C GLU A 37 -9.92 -8.31 8.05
N ALA A 38 -8.94 -8.45 8.93
CA ALA A 38 -7.72 -7.68 8.83
C ALA A 38 -7.03 -8.01 7.49
N ILE A 39 -6.63 -9.26 7.36
CA ILE A 39 -5.96 -9.70 6.15
C ILE A 39 -6.69 -9.15 4.94
N ASP A 40 -7.98 -9.43 4.88
CA ASP A 40 -8.81 -8.97 3.78
C ASP A 40 -8.43 -7.52 3.44
N GLU A 41 -8.45 -6.68 4.47
CA GLU A 41 -8.12 -5.28 4.29
C GLU A 41 -6.77 -5.14 3.58
N TYR A 42 -5.73 -5.59 4.26
CA TYR A 42 -4.38 -5.52 3.72
C TYR A 42 -4.36 -6.00 2.27
N GLN A 43 -4.71 -7.27 2.10
CA GLN A 43 -4.73 -7.87 0.77
C GLN A 43 -5.43 -6.94 -0.22
N ILE A 44 -6.73 -6.78 -0.02
CA ILE A 44 -7.52 -5.91 -0.88
C ILE A 44 -6.72 -4.65 -1.19
N LEU A 45 -6.43 -3.90 -0.14
CA LEU A 45 -5.67 -2.66 -0.29
C LEU A 45 -4.40 -2.93 -1.10
N ALA A 46 -3.84 -4.10 -0.87
CA ALA A 46 -2.63 -4.50 -1.57
C ALA A 46 -2.92 -4.59 -3.07
N ARG A 47 -4.06 -5.17 -3.39
CA ARG A 47 -4.46 -5.33 -4.77
C ARG A 47 -4.59 -3.96 -5.44
N HIS A 48 -5.25 -3.05 -4.74
CA HIS A 48 -5.45 -1.71 -5.26
C HIS A 48 -4.09 -1.07 -5.56
N LEU A 49 -3.23 -1.06 -4.55
CA LEU A 49 -1.90 -0.49 -4.69
C LEU A 49 -1.32 -0.90 -6.04
N GLN A 50 -1.45 -2.19 -6.35
CA GLN A 50 -0.94 -2.71 -7.60
C GLN A 50 -1.62 -2.01 -8.79
N LYS A 51 -2.95 -1.99 -8.74
CA LYS A 51 -3.72 -1.35 -9.80
C LYS A 51 -3.09 0.00 -10.13
N GLU A 52 -2.52 0.63 -9.12
CA GLU A 52 -1.89 1.92 -9.29
C GLU A 52 -0.38 1.75 -9.50
N ALA A 53 0.14 0.65 -8.97
CA ALA A 53 1.56 0.37 -9.09
C ALA A 53 1.84 -0.21 -10.49
N GLN A 54 1.42 -1.45 -10.67
CA GLN A 54 1.63 -2.13 -11.94
C GLN A 54 0.50 -1.77 -12.91
N ALA A 55 -0.70 -1.68 -12.37
CA ALA A 55 -1.87 -1.35 -13.17
C ALA A 55 -2.09 -2.45 -14.22
N GLN A 56 -3.27 -3.03 -14.16
CA GLN A 56 -3.62 -4.10 -15.09
C GLN A 56 -3.09 -3.78 -16.49
N HIS A 57 -3.60 -2.69 -17.04
CA HIS A 57 -3.19 -2.26 -18.37
C HIS A 57 -2.47 -0.91 -18.27
N ASN A 58 -3.27 0.13 -18.03
CA ASN A 58 -2.72 1.47 -17.92
C ASN A 58 -3.79 2.40 -17.34
N ASN A 59 -3.77 2.52 -16.01
CA ASN A 59 -4.73 3.37 -15.33
C ASN A 59 -4.15 3.77 -13.97
N SER A 60 -3.44 4.88 -13.96
CA SER A 60 -2.83 5.39 -12.74
C SER A 60 -2.35 6.82 -12.94
N GLU A 61 -2.92 7.73 -12.16
CA GLU A 61 -2.55 9.13 -12.24
C GLU A 61 -1.40 9.44 -11.30
N PHE A 62 -0.47 8.51 -11.22
CA PHE A 62 0.69 8.66 -10.36
C PHE A 62 1.99 8.56 -11.16
N THR A 63 3.06 9.05 -10.55
CA THR A 63 4.37 9.04 -11.19
C THR A 63 5.18 7.85 -10.69
N GLU A 64 6.16 7.46 -11.51
CA GLU A 64 7.02 6.34 -11.15
C GLU A 64 7.36 6.36 -9.67
N GLU A 65 7.61 7.57 -9.17
CA GLU A 65 7.95 7.75 -7.77
C GLU A 65 6.78 7.30 -6.88
N GLN A 66 5.60 7.82 -7.21
CA GLN A 66 4.41 7.48 -6.46
C GLN A 66 4.13 5.97 -6.55
N LYS A 67 3.82 5.53 -7.76
CA LYS A 67 3.54 4.13 -8.00
C LYS A 67 4.59 3.27 -7.29
N LYS A 68 5.85 3.68 -7.46
CA LYS A 68 6.95 2.96 -6.84
C LYS A 68 6.55 2.53 -5.43
N THR A 69 6.37 3.52 -4.57
CA THR A 69 5.99 3.26 -3.19
C THR A 69 4.71 2.41 -3.14
N ILE A 70 3.68 2.92 -3.80
CA ILE A 70 2.41 2.21 -3.83
C ILE A 70 2.66 0.71 -3.97
N GLY A 71 3.53 0.37 -4.91
CA GLY A 71 3.87 -1.02 -5.15
C GLY A 71 4.56 -1.63 -3.93
N LYS A 72 5.50 -0.88 -3.38
CA LYS A 72 6.24 -1.33 -2.22
C LYS A 72 5.26 -1.58 -1.06
N ILE A 73 4.37 -0.61 -0.87
CA ILE A 73 3.39 -0.72 0.20
C ILE A 73 2.71 -2.08 0.12
N ALA A 74 2.19 -2.38 -1.05
CA ALA A 74 1.50 -3.65 -1.27
C ALA A 74 2.41 -4.80 -0.79
N THR A 75 3.59 -4.87 -1.39
CA THR A 75 4.54 -5.90 -1.04
C THR A 75 4.52 -6.16 0.47
N CYS A 76 4.62 -5.08 1.22
CA CYS A 76 4.61 -5.17 2.68
C CYS A 76 3.33 -5.92 3.09
N LEU A 77 2.21 -5.42 2.62
CA LEU A 77 0.93 -6.02 2.93
C LEU A 77 1.05 -7.55 2.87
N GLU A 78 1.36 -8.03 1.68
CA GLU A 78 1.52 -9.46 1.46
C GLU A 78 2.22 -10.11 2.67
N LEU A 79 3.12 -9.34 3.26
CA LEU A 79 3.87 -9.83 4.41
C LEU A 79 2.94 -9.85 5.63
N ARG A 80 2.40 -8.68 5.94
CA ARG A 80 1.50 -8.56 7.08
C ARG A 80 0.47 -9.70 7.07
N SER A 81 -0.41 -9.65 6.06
CA SER A 81 -1.44 -10.66 5.93
C SER A 81 -0.84 -12.05 6.15
N ALA A 82 0.03 -12.44 5.23
CA ALA A 82 0.67 -13.74 5.31
C ALA A 82 1.11 -14.00 6.75
N ALA A 83 1.88 -13.07 7.28
CA ALA A 83 2.37 -13.19 8.65
C ALA A 83 1.24 -13.70 9.55
N LEU A 84 0.08 -13.09 9.37
CA LEU A 84 -1.09 -13.47 10.16
C LEU A 84 -1.44 -14.93 9.87
N GLN A 85 -1.60 -15.21 8.59
CA GLN A 85 -1.95 -16.56 8.16
C GLN A 85 -0.96 -17.57 8.75
N SER A 86 0.33 -17.23 8.62
CA SER A 86 1.37 -18.09 9.12
C SER A 86 1.22 -18.28 10.64
N THR A 87 2.19 -18.97 11.23
CA THR A 87 2.17 -19.22 12.66
C THR A 87 3.44 -19.95 13.09
N GLN A 88 3.42 -20.44 14.31
CA GLN A 88 4.55 -21.16 14.86
C GLN A 88 5.82 -20.29 14.78
N SER A 89 5.99 -19.45 15.80
CA SER A 89 7.14 -18.58 15.85
C SER A 89 7.21 -17.72 14.58
N GLN A 90 6.55 -16.57 14.66
CA GLN A 90 6.53 -15.66 13.52
C GLN A 90 7.67 -14.65 13.64
N GLU A 91 8.12 -14.18 12.47
CA GLU A 91 9.20 -13.22 12.43
C GLU A 91 9.09 -12.36 11.17
N GLU A 92 7.88 -12.29 10.64
CA GLU A 92 7.63 -11.51 9.45
C GLU A 92 7.28 -10.07 9.82
N PHE A 93 6.44 -9.47 8.99
CA PHE A 93 6.02 -8.09 9.22
C PHE A 93 5.03 -8.00 10.39
N LYS A 94 5.18 -6.93 11.16
CA LYS A 94 4.31 -6.72 12.31
C LYS A 94 3.33 -5.58 12.00
N LEU A 95 2.63 -5.16 13.04
CA LEU A 95 1.66 -4.07 12.89
C LEU A 95 2.40 -2.74 12.84
N GLU A 96 3.21 -2.50 13.85
CA GLU A 96 3.98 -1.27 13.93
C GLU A 96 4.68 -1.00 12.60
N ASP A 97 5.20 -2.06 12.02
CA ASP A 97 5.90 -1.96 10.75
C ASP A 97 4.89 -1.69 9.64
N LEU A 98 3.68 -2.18 9.85
CA LEU A 98 2.62 -1.99 8.87
C LEU A 98 2.05 -0.58 8.98
N LYS A 99 1.73 -0.21 10.21
CA LYS A 99 1.19 1.12 10.48
C LYS A 99 2.13 2.18 9.89
N LYS A 100 3.37 1.76 9.66
CA LYS A 100 4.37 2.66 9.11
C LYS A 100 3.99 3.00 7.67
N LEU A 101 2.98 2.30 7.16
CA LEU A 101 2.51 2.52 5.80
C LEU A 101 1.34 3.50 5.83
N GLU A 102 0.95 3.87 7.04
CA GLU A 102 -0.16 4.80 7.21
C GLU A 102 0.26 6.21 6.77
N PRO A 103 1.44 6.65 7.29
CA PRO A 103 1.96 7.96 6.97
C PRO A 103 2.53 7.99 5.56
N ILE A 104 3.01 6.83 5.12
CA ILE A 104 3.59 6.72 3.79
C ILE A 104 2.52 6.99 2.74
N LEU A 105 1.58 6.06 2.64
CA LEU A 105 0.50 6.18 1.69
C LEU A 105 -0.02 7.62 1.70
N LYS A 106 0.04 8.23 2.88
CA LYS A 106 -0.42 9.60 3.05
C LYS A 106 0.65 10.55 2.51
N ASN A 107 1.88 10.30 2.89
CA ASN A 107 3.00 11.12 2.46
C ASN A 107 3.54 10.59 1.12
N ILE A 108 2.68 9.85 0.43
CA ILE A 108 3.06 9.27 -0.85
C ILE A 108 3.63 10.37 -1.75
N LEU A 109 2.88 11.45 -1.87
CA LEU A 109 3.29 12.57 -2.69
C LEU A 109 4.59 13.15 -2.13
N THR A 110 4.63 13.26 -0.81
CA THR A 110 5.81 13.81 -0.13
C THR A 110 6.70 12.66 0.37
N TYR A 111 6.93 11.71 -0.52
CA TYR A 111 7.77 10.57 -0.18
C TYR A 111 9.11 10.64 -0.90
N ASN A 112 10.17 10.67 -0.11
CA ASN A 112 11.51 10.74 -0.66
C ASN A 112 12.14 9.34 -0.64
N LYS A 113 11.35 8.38 -1.07
CA LYS A 113 11.82 6.99 -1.11
C LYS A 113 12.58 6.68 0.18
N GLU A 114 13.28 5.56 0.14
CA GLU A 114 14.06 5.12 1.30
C GLU A 114 13.16 4.40 2.30
N PHE A 115 12.37 3.47 1.78
CA PHE A 115 11.47 2.71 2.63
C PHE A 115 12.18 2.21 3.89
N PRO A 116 11.41 2.20 5.01
CA PRO A 116 11.94 1.76 6.29
C PRO A 116 12.09 0.23 6.32
N PHE A 117 11.49 -0.40 5.33
CA PHE A 117 11.54 -1.86 5.24
C PHE A 117 12.08 -2.30 3.88
N ASP A 118 12.69 -3.47 3.87
CA ASP A 118 13.25 -4.02 2.65
C ASP A 118 12.12 -4.62 1.80
N VAL A 119 11.58 -3.79 0.92
CA VAL A 119 10.50 -4.23 0.06
C VAL A 119 10.71 -3.66 -1.35
N GLN A 120 10.60 -4.54 -2.34
CA GLN A 120 10.76 -4.13 -3.72
C GLN A 120 9.42 -3.71 -4.33
N PRO A 121 9.52 -2.88 -5.39
CA PRO A 121 8.33 -2.39 -6.07
C PRO A 121 7.71 -3.48 -6.94
N ILE A 122 6.40 -3.64 -6.80
CA ILE A 122 5.67 -4.65 -7.56
C ILE A 122 5.47 -4.14 -9.00
N SER A 123 5.82 -5.00 -9.94
CA SER A 123 5.68 -4.67 -11.35
C SER A 123 5.34 -5.92 -12.16
N GLY A 124 4.83 -5.69 -13.36
CA GLY A 124 4.47 -6.78 -14.24
C GLY A 124 5.04 -6.58 -15.64
N PRO A 125 4.92 -7.64 -16.48
CA PRO A 125 5.41 -7.59 -17.85
C PRO A 125 4.51 -6.74 -18.73
N SER A 126 4.52 -5.44 -18.47
CA SER A 126 3.70 -4.50 -19.23
C SER A 126 4.53 -3.29 -19.61
N SER A 127 4.06 -2.59 -20.64
CA SER A 127 4.75 -1.40 -21.13
C SER A 127 3.75 -0.26 -21.29
N GLY A 128 4.16 0.91 -20.81
CA GLY A 128 3.31 2.09 -20.91
C GLY A 128 4.04 3.33 -20.41
N GLY A 1 -15.33 35.01 -1.18
CA GLY A 1 -15.76 33.62 -1.22
C GLY A 1 -15.71 33.08 -2.65
N SER A 2 -14.50 32.74 -3.08
CA SER A 2 -14.31 32.20 -4.43
C SER A 2 -14.04 30.70 -4.36
N SER A 3 -14.63 29.99 -5.30
CA SER A 3 -14.46 28.54 -5.36
C SER A 3 -13.25 28.20 -6.24
N GLY A 4 -12.09 28.18 -5.60
CA GLY A 4 -10.85 27.86 -6.30
C GLY A 4 -9.94 27.01 -5.43
N SER A 5 -8.65 27.33 -5.48
CA SER A 5 -7.66 26.59 -4.70
C SER A 5 -7.77 25.09 -5.00
N SER A 6 -6.96 24.65 -5.95
CA SER A 6 -6.97 23.25 -6.33
C SER A 6 -5.68 22.57 -5.84
N GLY A 7 -5.78 21.27 -5.62
CA GLY A 7 -4.64 20.50 -5.15
C GLY A 7 -4.40 19.28 -6.04
N MET A 8 -4.08 18.17 -5.40
CA MET A 8 -3.83 16.93 -6.11
C MET A 8 -5.14 16.26 -6.54
N SER A 9 -5.85 16.94 -7.43
CA SER A 9 -7.12 16.42 -7.93
C SER A 9 -8.00 16.01 -6.75
N GLU A 10 -9.14 15.44 -7.10
CA GLU A 10 -10.09 15.00 -6.09
C GLU A 10 -10.10 13.46 -6.00
N VAL A 11 -9.94 12.84 -7.15
CA VAL A 11 -9.92 11.38 -7.22
C VAL A 11 -8.65 10.87 -6.54
N THR A 12 -7.53 11.48 -6.92
CA THR A 12 -6.25 11.08 -6.36
C THR A 12 -6.24 11.29 -4.85
N ARG A 13 -6.65 12.48 -4.43
CA ARG A 13 -6.70 12.81 -3.02
C ARG A 13 -7.52 11.78 -2.25
N SER A 14 -8.69 11.48 -2.80
CA SER A 14 -9.58 10.51 -2.18
C SER A 14 -8.87 9.15 -2.06
N LEU A 15 -7.99 8.90 -3.01
CA LEU A 15 -7.26 7.65 -3.04
C LEU A 15 -6.35 7.59 -1.80
N LEU A 16 -5.54 8.63 -1.64
CA LEU A 16 -4.63 8.71 -0.53
C LEU A 16 -5.42 8.65 0.78
N GLN A 17 -6.72 8.88 0.66
CA GLN A 17 -7.60 8.85 1.83
C GLN A 17 -8.20 7.46 2.00
N ARG A 18 -8.87 6.99 0.95
CA ARG A 18 -9.49 5.69 0.97
C ARG A 18 -8.46 4.62 1.29
N TRP A 19 -7.25 4.84 0.80
CA TRP A 19 -6.16 3.90 1.03
C TRP A 19 -5.86 3.86 2.52
N GLY A 20 -5.44 5.01 3.04
CA GLY A 20 -5.13 5.12 4.45
C GLY A 20 -6.27 4.58 5.32
N ALA A 21 -7.48 4.75 4.82
CA ALA A 21 -8.65 4.28 5.53
C ALA A 21 -8.52 2.78 5.79
N SER A 22 -8.28 2.05 4.72
CA SER A 22 -8.14 0.60 4.81
C SER A 22 -7.17 0.26 5.95
N LEU A 23 -5.92 0.63 5.74
CA LEU A 23 -4.88 0.37 6.73
C LEU A 23 -5.44 0.63 8.13
N ARG A 24 -5.98 1.82 8.31
CA ARG A 24 -6.55 2.20 9.59
C ARG A 24 -7.38 1.05 10.16
N ARG A 25 -8.41 0.68 9.43
CA ARG A 25 -9.28 -0.41 9.86
C ARG A 25 -8.47 -1.68 10.08
N GLY A 26 -7.68 -2.04 9.08
CA GLY A 26 -6.86 -3.22 9.17
C GLY A 26 -6.25 -3.38 10.57
N ALA A 27 -6.05 -2.24 11.21
CA ALA A 27 -5.49 -2.23 12.55
C ALA A 27 -6.61 -2.50 13.57
N ASP A 28 -7.69 -1.75 13.42
CA ASP A 28 -8.82 -1.89 14.31
C ASP A 28 -9.14 -3.38 14.49
N PHE A 29 -9.04 -4.11 13.40
CA PHE A 29 -9.31 -5.54 13.43
C PHE A 29 -8.26 -6.28 14.26
N ASP A 30 -7.03 -6.21 13.80
CA ASP A 30 -5.93 -6.87 14.49
C ASP A 30 -6.00 -6.55 15.98
N SER A 31 -6.00 -5.26 16.27
CA SER A 31 -6.07 -4.81 17.66
C SER A 31 -7.05 -5.68 18.45
N TRP A 32 -8.29 -5.70 17.97
CA TRP A 32 -9.32 -6.48 18.62
C TRP A 32 -8.94 -7.96 18.51
N GLY A 33 -8.60 -8.37 17.30
CA GLY A 33 -8.21 -9.75 17.04
C GLY A 33 -8.94 -10.31 15.82
N GLN A 34 -8.98 -9.49 14.78
CA GLN A 34 -9.64 -9.90 13.55
C GLN A 34 -8.61 -10.08 12.43
N LEU A 35 -7.85 -11.16 12.54
CA LEU A 35 -6.83 -11.46 11.55
C LEU A 35 -7.50 -11.70 10.20
N VAL A 36 -8.49 -12.56 10.21
CA VAL A 36 -9.22 -12.89 8.99
C VAL A 36 -9.60 -11.60 8.27
N GLU A 37 -10.48 -10.85 8.91
CA GLU A 37 -10.93 -9.59 8.34
C GLU A 37 -9.74 -8.68 8.03
N ALA A 38 -8.80 -8.64 8.97
CA ALA A 38 -7.61 -7.83 8.80
C ALA A 38 -6.92 -8.19 7.49
N ILE A 39 -6.57 -9.47 7.38
CA ILE A 39 -5.91 -9.96 6.19
C ILE A 39 -6.63 -9.42 4.95
N ASP A 40 -7.91 -9.74 4.87
CA ASP A 40 -8.72 -9.29 3.75
C ASP A 40 -8.44 -7.82 3.47
N GLU A 41 -8.61 -7.00 4.50
CA GLU A 41 -8.38 -5.58 4.38
C GLU A 41 -7.01 -5.32 3.72
N TYR A 42 -5.97 -5.70 4.43
CA TYR A 42 -4.61 -5.52 3.93
C TYR A 42 -4.50 -6.00 2.48
N GLN A 43 -4.80 -7.27 2.29
CA GLN A 43 -4.74 -7.86 0.97
C GLN A 43 -5.43 -6.96 -0.05
N ILE A 44 -6.74 -6.84 0.11
CA ILE A 44 -7.52 -6.01 -0.79
C ILE A 44 -6.76 -4.71 -1.09
N LEU A 45 -6.53 -3.94 -0.04
CA LEU A 45 -5.81 -2.69 -0.17
C LEU A 45 -4.54 -2.92 -0.97
N ALA A 46 -3.93 -4.07 -0.75
CA ALA A 46 -2.70 -4.43 -1.44
C ALA A 46 -2.97 -4.49 -2.94
N ARG A 47 -3.99 -5.27 -3.29
CA ARG A 47 -4.36 -5.42 -4.69
C ARG A 47 -4.53 -4.06 -5.35
N HIS A 48 -5.29 -3.21 -4.68
CA HIS A 48 -5.55 -1.87 -5.19
C HIS A 48 -4.23 -1.18 -5.51
N LEU A 49 -3.38 -1.08 -4.49
CA LEU A 49 -2.09 -0.45 -4.64
C LEU A 49 -1.48 -0.86 -5.98
N GLN A 50 -1.54 -2.15 -6.25
CA GLN A 50 -1.00 -2.69 -7.50
C GLN A 50 -1.67 -2.00 -8.70
N LYS A 51 -3.00 -2.00 -8.66
CA LYS A 51 -3.76 -1.38 -9.74
C LYS A 51 -3.08 -0.09 -10.18
N GLU A 52 -2.41 0.54 -9.22
CA GLU A 52 -1.71 1.79 -9.49
C GLU A 52 -0.24 1.51 -9.78
N ALA A 53 0.30 0.53 -9.07
CA ALA A 53 1.70 0.16 -9.24
C ALA A 53 1.90 -0.45 -10.64
N GLN A 54 1.25 -1.59 -10.84
CA GLN A 54 1.34 -2.28 -12.11
C GLN A 54 0.89 -1.36 -13.25
N ALA A 55 0.10 -0.36 -12.88
CA ALA A 55 -0.41 0.59 -13.86
C ALA A 55 0.48 1.84 -13.86
N GLN A 56 1.35 1.91 -14.85
CA GLN A 56 2.25 3.04 -14.98
C GLN A 56 1.52 4.25 -15.56
N HIS A 57 1.05 4.07 -16.79
CA HIS A 57 0.33 5.13 -17.47
C HIS A 57 -1.16 4.81 -17.48
N ASN A 58 -1.49 3.66 -18.05
CA ASN A 58 -2.88 3.23 -18.13
C ASN A 58 -3.57 3.52 -16.80
N ASN A 59 -4.49 4.47 -16.84
CA ASN A 59 -5.24 4.85 -15.65
C ASN A 59 -4.26 4.94 -14.46
N SER A 60 -3.72 6.13 -14.28
CA SER A 60 -2.78 6.37 -13.19
C SER A 60 -2.22 7.79 -13.28
N GLU A 61 -2.55 8.59 -12.28
CA GLU A 61 -2.08 9.96 -12.24
C GLU A 61 -0.97 10.12 -11.20
N PHE A 62 -0.07 9.14 -11.19
CA PHE A 62 1.04 9.16 -10.25
C PHE A 62 2.37 8.99 -10.99
N THR A 63 3.41 9.54 -10.38
CA THR A 63 4.75 9.46 -10.96
C THR A 63 5.38 8.10 -10.66
N GLU A 64 6.37 7.75 -11.48
CA GLU A 64 7.06 6.50 -11.31
C GLU A 64 7.27 6.19 -9.83
N GLU A 65 7.88 7.14 -9.14
CA GLU A 65 8.15 6.99 -7.72
C GLU A 65 6.85 6.63 -6.98
N GLN A 66 5.89 7.54 -7.03
CA GLN A 66 4.62 7.33 -6.37
C GLN A 66 4.19 5.87 -6.51
N LYS A 67 3.90 5.49 -7.75
CA LYS A 67 3.46 4.13 -8.03
C LYS A 67 4.47 3.15 -7.42
N LYS A 68 5.73 3.49 -7.54
CA LYS A 68 6.79 2.66 -7.01
C LYS A 68 6.45 2.26 -5.57
N THR A 69 6.44 3.27 -4.71
CA THR A 69 6.13 3.04 -3.31
C THR A 69 4.78 2.33 -3.16
N ILE A 70 3.79 2.88 -3.84
CA ILE A 70 2.45 2.31 -3.80
C ILE A 70 2.55 0.78 -3.84
N GLY A 71 3.34 0.30 -4.80
CA GLY A 71 3.53 -1.14 -4.95
C GLY A 71 4.20 -1.74 -3.72
N LYS A 72 5.38 -1.21 -3.41
CA LYS A 72 6.13 -1.70 -2.26
C LYS A 72 5.17 -1.92 -1.09
N ILE A 73 4.34 -0.92 -0.84
CA ILE A 73 3.38 -0.99 0.24
C ILE A 73 2.65 -2.34 0.18
N ALA A 74 2.07 -2.60 -0.97
CA ALA A 74 1.34 -3.84 -1.17
C ALA A 74 2.22 -5.03 -0.75
N THR A 75 3.38 -5.11 -1.38
CA THR A 75 4.32 -6.17 -1.08
C THR A 75 4.36 -6.43 0.43
N CYS A 76 4.59 -5.36 1.17
CA CYS A 76 4.66 -5.45 2.62
C CYS A 76 3.39 -6.15 3.12
N LEU A 77 2.26 -5.62 2.67
CA LEU A 77 0.97 -6.19 3.06
C LEU A 77 1.03 -7.71 2.95
N GLU A 78 1.32 -8.17 1.74
CA GLU A 78 1.41 -9.60 1.50
C GLU A 78 2.16 -10.29 2.64
N LEU A 79 3.07 -9.56 3.25
CA LEU A 79 3.85 -10.08 4.35
C LEU A 79 2.99 -10.12 5.61
N ARG A 80 2.33 -9.00 5.88
CA ARG A 80 1.48 -8.88 7.04
C ARG A 80 0.37 -9.94 6.99
N SER A 81 -0.52 -9.76 6.02
CA SER A 81 -1.63 -10.69 5.85
C SER A 81 -1.15 -12.12 6.08
N ALA A 82 -0.11 -12.49 5.34
CA ALA A 82 0.45 -13.82 5.46
C ALA A 82 0.97 -14.04 6.88
N ALA A 83 1.79 -13.10 7.32
CA ALA A 83 2.36 -13.18 8.66
C ALA A 83 1.27 -13.60 9.65
N LEU A 84 0.05 -13.15 9.37
CA LEU A 84 -1.08 -13.47 10.23
C LEU A 84 -1.46 -14.94 10.03
N GLN A 85 -1.66 -15.30 8.76
CA GLN A 85 -2.02 -16.66 8.42
C GLN A 85 -1.00 -17.64 8.98
N SER A 86 0.27 -17.25 8.88
CA SER A 86 1.35 -18.09 9.36
C SER A 86 0.99 -18.65 10.75
N THR A 87 0.64 -19.93 10.76
CA THR A 87 0.27 -20.60 12.00
C THR A 87 1.53 -21.03 12.76
N GLN A 88 2.58 -21.30 11.99
CA GLN A 88 3.84 -21.72 12.58
C GLN A 88 4.69 -20.51 12.98
N SER A 89 5.50 -20.05 12.02
CA SER A 89 6.36 -18.91 12.26
C SER A 89 6.82 -18.32 10.92
N GLN A 90 7.29 -17.09 10.99
CA GLN A 90 7.76 -16.40 9.79
C GLN A 90 8.09 -14.94 10.12
N GLU A 91 7.16 -14.30 10.82
CA GLU A 91 7.33 -12.91 11.20
C GLU A 91 7.98 -12.13 10.05
N GLU A 92 7.27 -12.08 8.93
CA GLU A 92 7.76 -11.37 7.76
C GLU A 92 7.31 -9.91 7.79
N PHE A 93 6.55 -9.58 8.83
CA PHE A 93 6.05 -8.23 8.99
C PHE A 93 5.15 -8.12 10.23
N LYS A 94 5.27 -6.99 10.92
CA LYS A 94 4.48 -6.75 12.11
C LYS A 94 3.38 -5.73 11.80
N LEU A 95 2.73 -5.28 12.85
CA LEU A 95 1.66 -4.31 12.71
C LEU A 95 2.26 -2.92 12.54
N GLU A 96 3.12 -2.56 13.49
CA GLU A 96 3.76 -1.27 13.47
C GLU A 96 4.39 -1.00 12.09
N ASP A 97 5.21 -1.94 11.66
CA ASP A 97 5.87 -1.84 10.37
C ASP A 97 4.83 -1.52 9.30
N LEU A 98 3.64 -2.06 9.50
CA LEU A 98 2.55 -1.84 8.56
C LEU A 98 2.01 -0.42 8.73
N LYS A 99 1.78 -0.05 9.98
CA LYS A 99 1.27 1.27 10.28
C LYS A 99 2.22 2.33 9.73
N LYS A 100 3.43 1.88 9.42
CA LYS A 100 4.45 2.77 8.88
C LYS A 100 4.13 3.07 7.42
N LEU A 101 3.06 2.45 6.93
CA LEU A 101 2.64 2.64 5.55
C LEU A 101 1.44 3.60 5.52
N GLU A 102 1.04 4.03 6.70
CA GLU A 102 -0.08 4.95 6.82
C GLU A 102 0.33 6.35 6.37
N PRO A 103 1.45 6.84 6.95
CA PRO A 103 1.96 8.16 6.63
C PRO A 103 2.65 8.16 5.25
N ILE A 104 3.19 7.01 4.90
CA ILE A 104 3.87 6.87 3.62
C ILE A 104 2.87 7.11 2.49
N LEU A 105 1.68 6.56 2.66
CA LEU A 105 0.64 6.72 1.66
C LEU A 105 0.09 8.14 1.72
N LYS A 106 0.06 8.70 2.92
CA LYS A 106 -0.42 10.05 3.12
C LYS A 106 0.57 11.04 2.50
N ASN A 107 1.83 10.89 2.89
CA ASN A 107 2.87 11.76 2.37
C ASN A 107 3.49 11.13 1.13
N ILE A 108 2.66 10.38 0.41
CA ILE A 108 3.12 9.73 -0.80
C ILE A 108 3.83 10.74 -1.70
N LEU A 109 3.17 11.87 -1.90
CA LEU A 109 3.72 12.92 -2.74
C LEU A 109 5.04 13.41 -2.11
N THR A 110 5.00 13.64 -0.82
CA THR A 110 6.17 14.10 -0.10
C THR A 110 6.76 12.98 0.75
N TYR A 111 6.99 11.85 0.10
CA TYR A 111 7.55 10.69 0.79
C TYR A 111 8.98 10.41 0.33
N ASN A 112 9.86 10.21 1.30
CA ASN A 112 11.25 9.93 1.01
C ASN A 112 11.37 8.52 0.44
N LYS A 113 11.80 8.45 -0.81
CA LYS A 113 11.96 7.17 -1.48
C LYS A 113 12.86 6.27 -0.62
N GLU A 114 13.19 5.12 -1.18
CA GLU A 114 14.04 4.16 -0.49
C GLU A 114 13.31 3.59 0.73
N PHE A 115 12.26 2.83 0.44
CA PHE A 115 11.46 2.22 1.50
C PHE A 115 12.35 1.77 2.66
N PRO A 116 11.77 1.81 3.88
CA PRO A 116 12.49 1.42 5.08
C PRO A 116 12.62 -0.10 5.16
N PHE A 117 11.68 -0.78 4.54
CA PHE A 117 11.68 -2.23 4.52
C PHE A 117 12.13 -2.78 3.17
N ASP A 118 12.86 -3.88 3.21
CA ASP A 118 13.36 -4.51 2.00
C ASP A 118 12.17 -5.02 1.18
N VAL A 119 11.55 -4.10 0.46
CA VAL A 119 10.41 -4.45 -0.37
C VAL A 119 10.54 -3.75 -1.73
N GLN A 120 10.29 -4.52 -2.78
CA GLN A 120 10.37 -3.99 -4.13
C GLN A 120 8.99 -3.59 -4.64
N PRO A 121 8.98 -2.70 -5.66
CA PRO A 121 7.73 -2.23 -6.24
C PRO A 121 7.09 -3.31 -7.12
N ILE A 122 5.81 -3.50 -6.90
CA ILE A 122 5.06 -4.51 -7.65
C ILE A 122 5.01 -4.08 -9.13
N SER A 123 5.22 -5.05 -10.00
CA SER A 123 5.20 -4.78 -11.43
C SER A 123 5.87 -3.45 -11.73
N GLY A 124 7.17 -3.50 -11.97
CA GLY A 124 7.94 -2.30 -12.27
C GLY A 124 7.84 -1.95 -13.75
N PRO A 125 8.65 -0.93 -14.15
CA PRO A 125 8.66 -0.49 -15.53
C PRO A 125 9.42 -1.48 -16.43
N SER A 126 9.12 -1.41 -17.72
CA SER A 126 9.76 -2.29 -18.68
C SER A 126 10.00 -1.54 -19.99
N SER A 127 11.19 -1.72 -20.53
CA SER A 127 11.57 -1.08 -21.77
C SER A 127 10.83 -1.74 -22.95
N GLY A 128 10.48 -0.92 -23.92
CA GLY A 128 9.78 -1.41 -25.09
C GLY A 128 9.88 -0.42 -26.26
N GLY A 1 11.15 8.42 -18.20
CA GLY A 1 11.34 9.76 -17.69
C GLY A 1 10.00 10.50 -17.56
N SER A 2 9.43 10.39 -16.36
CA SER A 2 8.16 11.04 -16.08
C SER A 2 8.36 12.55 -15.97
N SER A 3 7.24 13.26 -15.92
CA SER A 3 7.27 14.71 -15.81
C SER A 3 6.54 15.16 -14.53
N GLY A 4 7.33 15.68 -13.60
CA GLY A 4 6.77 16.16 -12.34
C GLY A 4 5.58 17.08 -12.58
N SER A 5 4.51 16.83 -11.84
CA SER A 5 3.31 17.63 -11.95
C SER A 5 2.27 17.19 -10.93
N SER A 6 2.40 17.76 -9.73
CA SER A 6 1.48 17.42 -8.65
C SER A 6 0.08 17.97 -8.96
N GLY A 7 -0.91 17.36 -8.34
CA GLY A 7 -2.29 17.77 -8.53
C GLY A 7 -3.17 17.32 -7.37
N MET A 8 -3.20 16.00 -7.16
CA MET A 8 -3.99 15.43 -6.09
C MET A 8 -5.45 15.88 -6.19
N SER A 9 -6.04 15.61 -7.34
CA SER A 9 -7.44 15.98 -7.57
C SER A 9 -8.32 15.38 -6.49
N GLU A 10 -9.55 15.88 -6.43
CA GLU A 10 -10.50 15.40 -5.45
C GLU A 10 -10.58 13.87 -5.48
N VAL A 11 -10.36 13.32 -6.66
CA VAL A 11 -10.39 11.88 -6.84
C VAL A 11 -9.08 11.27 -6.36
N THR A 12 -8.01 12.00 -6.61
CA THR A 12 -6.68 11.55 -6.21
C THR A 12 -6.58 11.50 -4.68
N ARG A 13 -6.84 12.64 -4.06
CA ARG A 13 -6.78 12.74 -2.61
C ARG A 13 -7.64 11.64 -1.97
N SER A 14 -8.76 11.37 -2.61
CA SER A 14 -9.68 10.35 -2.11
C SER A 14 -8.94 9.00 -1.99
N LEU A 15 -8.03 8.78 -2.93
CA LEU A 15 -7.25 7.56 -2.93
C LEU A 15 -6.35 7.52 -1.70
N LEU A 16 -5.37 8.42 -1.69
CA LEU A 16 -4.43 8.50 -0.59
C LEU A 16 -5.19 8.28 0.73
N GLN A 17 -6.45 8.67 0.72
CA GLN A 17 -7.29 8.54 1.90
C GLN A 17 -7.88 7.13 1.97
N ARG A 18 -8.79 6.85 1.03
CA ARG A 18 -9.44 5.55 0.97
C ARG A 18 -8.41 4.44 1.25
N TRP A 19 -7.17 4.72 0.90
CA TRP A 19 -6.10 3.76 1.10
C TRP A 19 -5.85 3.65 2.62
N GLY A 20 -5.37 4.75 3.18
CA GLY A 20 -5.08 4.78 4.61
C GLY A 20 -6.28 4.28 5.42
N ALA A 21 -7.47 4.60 4.93
CA ALA A 21 -8.69 4.19 5.59
C ALA A 21 -8.72 2.66 5.69
N SER A 22 -8.07 2.02 4.73
CA SER A 22 -8.01 0.57 4.69
C SER A 22 -7.02 0.06 5.73
N LEU A 23 -5.87 0.71 5.78
CA LEU A 23 -4.83 0.34 6.72
C LEU A 23 -5.28 0.67 8.14
N ARG A 24 -5.68 1.93 8.33
CA ARG A 24 -6.13 2.38 9.62
C ARG A 24 -7.25 1.49 10.14
N ARG A 25 -7.98 0.90 9.20
CA ARG A 25 -9.08 0.01 9.56
C ARG A 25 -8.58 -1.43 9.68
N GLY A 26 -7.74 -1.83 8.73
CA GLY A 26 -7.18 -3.16 8.72
C GLY A 26 -6.46 -3.46 10.04
N ALA A 27 -6.12 -2.39 10.75
CA ALA A 27 -5.43 -2.53 12.02
C ALA A 27 -6.46 -2.72 13.13
N ASP A 28 -7.58 -2.03 12.99
CA ASP A 28 -8.64 -2.13 13.98
C ASP A 28 -8.96 -3.61 14.24
N PHE A 29 -9.03 -4.37 13.17
CA PHE A 29 -9.32 -5.79 13.27
C PHE A 29 -8.27 -6.50 14.13
N ASP A 30 -7.02 -6.43 13.66
CA ASP A 30 -5.93 -7.06 14.38
C ASP A 30 -6.07 -6.79 15.88
N SER A 31 -5.97 -5.52 16.23
CA SER A 31 -6.09 -5.12 17.62
C SER A 31 -7.19 -5.93 18.31
N TRP A 32 -8.38 -5.85 17.74
CA TRP A 32 -9.52 -6.57 18.29
C TRP A 32 -9.20 -8.07 18.22
N GLY A 33 -9.28 -8.61 17.02
CA GLY A 33 -9.01 -10.02 16.81
C GLY A 33 -9.70 -10.53 15.55
N GLN A 34 -9.62 -9.74 14.50
CA GLN A 34 -10.23 -10.10 13.23
C GLN A 34 -9.16 -10.28 12.15
N LEU A 35 -8.32 -11.27 12.38
CA LEU A 35 -7.24 -11.56 11.44
C LEU A 35 -7.82 -11.71 10.03
N VAL A 36 -8.83 -12.57 9.92
CA VAL A 36 -9.48 -12.81 8.65
C VAL A 36 -9.75 -11.46 7.96
N GLU A 37 -10.65 -10.71 8.57
CA GLU A 37 -11.01 -9.40 8.03
C GLU A 37 -9.75 -8.57 7.76
N ALA A 38 -8.84 -8.61 8.72
CA ALA A 38 -7.60 -7.87 8.60
C ALA A 38 -6.93 -8.23 7.26
N ILE A 39 -6.54 -9.49 7.15
CA ILE A 39 -5.89 -9.96 5.94
C ILE A 39 -6.59 -9.35 4.72
N ASP A 40 -7.82 -9.79 4.50
CA ASP A 40 -8.60 -9.30 3.38
C ASP A 40 -8.37 -7.79 3.24
N GLU A 41 -8.55 -7.09 4.34
CA GLU A 41 -8.38 -5.64 4.36
C GLU A 41 -7.04 -5.27 3.72
N TYR A 42 -5.98 -5.81 4.29
CA TYR A 42 -4.64 -5.54 3.79
C TYR A 42 -4.51 -5.95 2.33
N GLN A 43 -4.90 -7.18 2.04
CA GLN A 43 -4.83 -7.69 0.68
C GLN A 43 -5.54 -6.74 -0.28
N ILE A 44 -6.82 -6.52 -0.02
CA ILE A 44 -7.62 -5.64 -0.85
C ILE A 44 -6.83 -4.37 -1.14
N LEU A 45 -6.38 -3.74 -0.06
CA LEU A 45 -5.61 -2.50 -0.19
C LEU A 45 -4.36 -2.78 -1.02
N ALA A 46 -3.73 -3.91 -0.74
CA ALA A 46 -2.52 -4.29 -1.46
C ALA A 46 -2.84 -4.39 -2.95
N ARG A 47 -3.89 -5.14 -3.25
CA ARG A 47 -4.30 -5.32 -4.63
C ARG A 47 -4.50 -3.97 -5.31
N HIS A 48 -5.21 -3.09 -4.63
CA HIS A 48 -5.47 -1.77 -5.15
C HIS A 48 -4.15 -1.09 -5.53
N LEU A 49 -3.24 -1.07 -4.57
CA LEU A 49 -1.93 -0.46 -4.78
C LEU A 49 -1.44 -0.81 -6.18
N GLN A 50 -1.46 -2.10 -6.49
CA GLN A 50 -1.02 -2.58 -7.79
C GLN A 50 -1.73 -1.81 -8.90
N LYS A 51 -3.05 -1.72 -8.78
CA LYS A 51 -3.85 -1.00 -9.77
C LYS A 51 -3.11 0.26 -10.20
N GLU A 52 -2.33 0.80 -9.27
CA GLU A 52 -1.56 2.01 -9.55
C GLU A 52 -0.13 1.65 -9.96
N ALA A 53 0.39 0.63 -9.31
CA ALA A 53 1.74 0.18 -9.61
C ALA A 53 1.79 -0.39 -11.02
N GLN A 54 1.03 -1.45 -11.23
CA GLN A 54 0.97 -2.10 -12.53
C GLN A 54 0.26 -1.20 -13.53
N ALA A 55 -0.61 -0.35 -13.01
CA ALA A 55 -1.36 0.56 -13.85
C ALA A 55 -1.95 -0.20 -15.04
N GLN A 56 -3.11 -0.80 -14.79
CA GLN A 56 -3.78 -1.58 -15.83
C GLN A 56 -3.70 -0.84 -17.17
N HIS A 57 -2.88 -1.37 -18.06
CA HIS A 57 -2.70 -0.78 -19.37
C HIS A 57 -2.39 0.71 -19.22
N ASN A 58 -1.38 0.99 -18.40
CA ASN A 58 -0.98 2.37 -18.17
C ASN A 58 -2.22 3.21 -17.83
N ASN A 59 -2.46 3.33 -16.53
CA ASN A 59 -3.60 4.10 -16.06
C ASN A 59 -3.36 4.53 -14.61
N SER A 60 -3.04 5.80 -14.45
CA SER A 60 -2.78 6.35 -13.13
C SER A 60 -2.20 7.76 -13.25
N GLU A 61 -2.63 8.62 -12.36
CA GLU A 61 -2.16 10.00 -12.35
C GLU A 61 -1.07 10.18 -11.30
N PHE A 62 -0.22 9.17 -11.18
CA PHE A 62 0.87 9.21 -10.22
C PHE A 62 2.22 9.02 -10.91
N THR A 63 3.24 9.60 -10.31
CA THR A 63 4.59 9.49 -10.85
C THR A 63 5.18 8.12 -10.55
N GLU A 64 6.15 7.73 -11.37
CA GLU A 64 6.80 6.44 -11.20
C GLU A 64 7.24 6.26 -9.74
N GLU A 65 8.02 7.20 -9.26
CA GLU A 65 8.50 7.16 -7.89
C GLU A 65 7.38 6.73 -6.94
N GLN A 66 6.20 7.30 -7.18
CA GLN A 66 5.05 6.98 -6.36
C GLN A 66 4.58 5.55 -6.63
N LYS A 67 4.30 5.29 -7.89
CA LYS A 67 3.83 3.97 -8.30
C LYS A 67 4.80 2.91 -7.78
N LYS A 68 6.09 3.20 -7.94
CA LYS A 68 7.12 2.28 -7.50
C LYS A 68 6.91 1.96 -6.01
N THR A 69 6.61 3.00 -5.25
CA THR A 69 6.38 2.85 -3.82
C THR A 69 5.02 2.21 -3.58
N ILE A 70 4.01 2.78 -4.23
CA ILE A 70 2.65 2.28 -4.09
C ILE A 70 2.67 0.75 -4.04
N GLY A 71 3.47 0.17 -4.93
CA GLY A 71 3.59 -1.27 -5.00
C GLY A 71 4.25 -1.83 -3.74
N LYS A 72 5.43 -1.29 -3.45
CA LYS A 72 6.17 -1.73 -2.28
C LYS A 72 5.24 -1.76 -1.07
N ILE A 73 4.42 -0.73 -0.97
CA ILE A 73 3.48 -0.62 0.13
C ILE A 73 2.68 -1.92 0.24
N ALA A 74 2.29 -2.43 -0.92
CA ALA A 74 1.53 -3.66 -0.97
C ALA A 74 2.41 -4.83 -0.50
N THR A 75 3.58 -4.91 -1.10
CA THR A 75 4.52 -5.97 -0.76
C THR A 75 4.47 -6.26 0.74
N CYS A 76 4.59 -5.19 1.53
CA CYS A 76 4.57 -5.31 2.97
C CYS A 76 3.28 -6.04 3.37
N LEU A 77 2.16 -5.47 2.92
CA LEU A 77 0.86 -6.05 3.22
C LEU A 77 0.96 -7.57 3.17
N GLU A 78 1.28 -8.08 1.99
CA GLU A 78 1.41 -9.51 1.78
C GLU A 78 2.07 -10.15 3.00
N LEU A 79 3.13 -9.51 3.47
CA LEU A 79 3.86 -10.00 4.62
C LEU A 79 2.96 -9.96 5.85
N ARG A 80 2.34 -8.80 6.05
CA ARG A 80 1.45 -8.62 7.18
C ARG A 80 0.32 -9.65 7.16
N SER A 81 -0.46 -9.60 6.09
CA SER A 81 -1.57 -10.51 5.92
C SER A 81 -1.12 -11.94 6.27
N ALA A 82 0.00 -12.34 5.68
CA ALA A 82 0.54 -13.66 5.92
C ALA A 82 0.92 -13.80 7.39
N ALA A 83 1.69 -12.83 7.87
CA ALA A 83 2.13 -12.83 9.26
C ALA A 83 0.96 -13.27 10.15
N LEU A 84 -0.20 -12.72 9.85
CA LEU A 84 -1.40 -13.05 10.62
C LEU A 84 -1.65 -14.55 10.55
N GLN A 85 -1.69 -15.05 9.32
CA GLN A 85 -1.92 -16.47 9.11
C GLN A 85 -0.85 -17.30 9.83
N SER A 86 0.40 -16.93 9.59
CA SER A 86 1.51 -17.64 10.21
C SER A 86 1.29 -17.74 11.73
N THR A 87 2.00 -18.68 12.33
CA THR A 87 1.88 -18.89 13.76
C THR A 87 2.22 -17.61 14.52
N GLN A 88 1.18 -16.83 14.80
CA GLN A 88 1.35 -15.58 15.51
C GLN A 88 2.10 -14.57 14.64
N SER A 89 3.41 -14.79 14.52
CA SER A 89 4.25 -13.91 13.72
C SER A 89 5.68 -14.43 13.70
N GLN A 90 5.93 -15.33 12.77
CA GLN A 90 7.25 -15.92 12.63
C GLN A 90 8.31 -14.82 12.57
N GLU A 91 8.62 -14.39 11.36
CA GLU A 91 9.62 -13.34 11.17
C GLU A 91 9.26 -12.50 9.94
N GLU A 92 7.98 -12.25 9.79
CA GLU A 92 7.49 -11.45 8.67
C GLU A 92 7.31 -9.99 9.10
N PHE A 93 6.24 -9.39 8.61
CA PHE A 93 5.94 -8.01 8.92
C PHE A 93 5.11 -7.90 10.21
N LYS A 94 5.30 -6.80 10.91
CA LYS A 94 4.58 -6.57 12.15
C LYS A 94 3.53 -5.47 11.93
N LEU A 95 2.97 -5.02 13.04
CA LEU A 95 1.95 -3.97 12.98
C LEU A 95 2.64 -2.60 12.85
N GLU A 96 3.59 -2.36 13.74
CA GLU A 96 4.32 -1.11 13.72
C GLU A 96 4.88 -0.84 12.33
N ASP A 97 5.48 -1.88 11.76
CA ASP A 97 6.07 -1.76 10.42
C ASP A 97 4.96 -1.52 9.41
N LEU A 98 3.78 -2.06 9.71
CA LEU A 98 2.64 -1.93 8.83
C LEU A 98 2.09 -0.49 8.93
N LYS A 99 1.79 -0.10 10.16
CA LYS A 99 1.27 1.23 10.40
C LYS A 99 2.28 2.28 9.90
N LYS A 100 3.50 1.82 9.69
CA LYS A 100 4.55 2.68 9.22
C LYS A 100 4.28 3.07 7.76
N LEU A 101 3.26 2.43 7.20
CA LEU A 101 2.88 2.69 5.82
C LEU A 101 1.69 3.65 5.80
N GLU A 102 1.13 3.86 6.99
CA GLU A 102 -0.02 4.75 7.12
C GLU A 102 0.33 6.15 6.62
N PRO A 103 1.49 6.67 7.12
CA PRO A 103 1.95 7.99 6.74
C PRO A 103 2.53 7.98 5.32
N ILE A 104 3.17 6.88 4.98
CA ILE A 104 3.77 6.73 3.67
C ILE A 104 2.68 6.86 2.60
N LEU A 105 1.60 6.12 2.81
CA LEU A 105 0.49 6.14 1.87
C LEU A 105 -0.16 7.53 1.91
N LYS A 106 -0.18 8.12 3.09
CA LYS A 106 -0.77 9.44 3.26
C LYS A 106 0.09 10.47 2.53
N ASN A 107 1.35 10.51 2.91
CA ASN A 107 2.29 11.46 2.30
C ASN A 107 2.99 10.77 1.12
N ILE A 108 2.26 9.87 0.48
CA ILE A 108 2.80 9.14 -0.66
C ILE A 108 3.44 10.14 -1.63
N LEU A 109 2.86 11.34 -1.68
CA LEU A 109 3.36 12.38 -2.55
C LEU A 109 4.64 12.97 -1.95
N THR A 110 4.51 13.44 -0.72
CA THR A 110 5.63 14.03 -0.02
C THR A 110 6.28 13.02 0.91
N TYR A 111 6.48 11.81 0.38
CA TYR A 111 7.09 10.75 1.15
C TYR A 111 8.54 10.51 0.72
N ASN A 112 9.37 10.17 1.69
CA ASN A 112 10.78 9.93 1.42
C ASN A 112 10.94 8.53 0.82
N LYS A 113 11.35 8.50 -0.44
CA LYS A 113 11.54 7.25 -1.13
C LYS A 113 12.61 6.42 -0.41
N GLU A 114 13.08 5.39 -1.09
CA GLU A 114 14.10 4.51 -0.52
C GLU A 114 13.44 3.45 0.36
N PHE A 115 12.49 3.89 1.17
CA PHE A 115 11.80 2.98 2.07
C PHE A 115 12.70 2.51 3.19
N PRO A 116 12.13 2.48 4.42
CA PRO A 116 12.88 2.05 5.59
C PRO A 116 13.05 0.52 5.60
N PHE A 117 11.95 -0.16 5.30
CA PHE A 117 11.98 -1.62 5.27
C PHE A 117 12.58 -2.13 3.97
N ASP A 118 12.36 -1.37 2.90
CA ASP A 118 12.89 -1.74 1.60
C ASP A 118 12.33 -3.10 1.18
N VAL A 119 11.19 -3.04 0.50
CA VAL A 119 10.54 -4.26 0.03
C VAL A 119 10.28 -4.16 -1.47
N GLN A 120 10.81 -5.13 -2.19
CA GLN A 120 10.66 -5.16 -3.63
C GLN A 120 9.25 -4.70 -4.03
N PRO A 121 9.13 -4.21 -5.29
CA PRO A 121 7.86 -3.74 -5.79
C PRO A 121 6.93 -4.91 -6.12
N ILE A 122 5.64 -4.65 -5.99
CA ILE A 122 4.64 -5.67 -6.26
C ILE A 122 4.87 -6.24 -7.67
N SER A 123 4.89 -7.56 -7.74
CA SER A 123 5.09 -8.24 -9.00
C SER A 123 6.49 -7.93 -9.54
N GLY A 124 7.03 -8.88 -10.28
CA GLY A 124 8.36 -8.71 -10.86
C GLY A 124 8.29 -7.97 -12.19
N PRO A 125 9.10 -8.46 -13.17
CA PRO A 125 9.13 -7.85 -14.49
C PRO A 125 7.89 -8.22 -15.30
N SER A 126 7.45 -9.45 -15.11
CA SER A 126 6.27 -9.93 -15.82
C SER A 126 6.28 -9.42 -17.26
N SER A 127 7.01 -10.15 -18.10
CA SER A 127 7.11 -9.79 -19.50
C SER A 127 7.57 -8.34 -19.64
N GLY A 128 7.87 -7.96 -20.88
CA GLY A 128 8.33 -6.61 -21.15
C GLY A 128 9.03 -6.54 -22.51
N GLY A 1 -5.32 22.30 -16.26
CA GLY A 1 -5.53 22.72 -17.63
C GLY A 1 -4.46 22.15 -18.56
N SER A 2 -3.26 22.70 -18.44
CA SER A 2 -2.15 22.26 -19.25
C SER A 2 -1.20 21.40 -18.42
N SER A 3 -0.70 21.98 -17.34
CA SER A 3 0.21 21.28 -16.46
C SER A 3 0.17 21.90 -15.06
N GLY A 4 0.31 21.04 -14.06
CA GLY A 4 0.28 21.48 -12.68
C GLY A 4 -0.98 20.99 -11.97
N SER A 5 -1.06 21.33 -10.68
CA SER A 5 -2.21 20.94 -9.88
C SER A 5 -2.09 21.54 -8.48
N SER A 6 -3.05 22.39 -8.16
CA SER A 6 -3.07 23.05 -6.86
C SER A 6 -3.06 21.99 -5.75
N GLY A 7 -4.10 21.17 -5.75
CA GLY A 7 -4.23 20.12 -4.74
C GLY A 7 -3.74 18.78 -5.30
N MET A 8 -4.68 18.03 -5.84
CA MET A 8 -4.36 16.73 -6.41
C MET A 8 -5.55 16.16 -7.19
N SER A 9 -5.88 16.85 -8.28
CA SER A 9 -6.99 16.42 -9.11
C SER A 9 -8.28 16.40 -8.30
N GLU A 10 -8.53 15.26 -7.66
CA GLU A 10 -9.72 15.10 -6.85
C GLU A 10 -9.92 13.64 -6.48
N VAL A 11 -9.62 12.77 -7.43
CA VAL A 11 -9.76 11.34 -7.22
C VAL A 11 -8.58 10.84 -6.39
N THR A 12 -7.41 11.39 -6.70
CA THR A 12 -6.20 11.00 -6.00
C THR A 12 -6.36 11.23 -4.49
N ARG A 13 -6.89 12.39 -4.15
CA ARG A 13 -7.10 12.74 -2.76
C ARG A 13 -7.94 11.66 -2.06
N SER A 14 -8.93 11.17 -2.79
CA SER A 14 -9.81 10.14 -2.26
C SER A 14 -9.02 8.85 -2.02
N LEU A 15 -8.00 8.67 -2.84
CA LEU A 15 -7.17 7.49 -2.74
C LEU A 15 -6.33 7.57 -1.46
N LEU A 16 -5.40 8.51 -1.46
CA LEU A 16 -4.53 8.70 -0.31
C LEU A 16 -5.35 8.56 0.97
N GLN A 17 -6.63 8.89 0.87
CA GLN A 17 -7.53 8.80 2.01
C GLN A 17 -8.12 7.39 2.11
N ARG A 18 -8.95 7.05 1.14
CA ARG A 18 -9.57 5.75 1.11
C ARG A 18 -8.55 4.65 1.44
N TRP A 19 -7.32 4.90 1.00
CA TRP A 19 -6.24 3.95 1.24
C TRP A 19 -5.95 3.95 2.74
N GLY A 20 -5.48 5.09 3.22
CA GLY A 20 -5.15 5.24 4.62
C GLY A 20 -6.28 4.72 5.52
N ALA A 21 -7.48 4.74 4.95
CA ALA A 21 -8.66 4.28 5.68
C ALA A 21 -8.64 2.75 5.74
N SER A 22 -8.19 2.16 4.65
CA SER A 22 -8.13 0.71 4.55
C SER A 22 -7.17 0.16 5.62
N LEU A 23 -5.93 0.64 5.55
CA LEU A 23 -4.92 0.20 6.50
C LEU A 23 -5.43 0.41 7.92
N ARG A 24 -5.73 1.66 8.24
CA ARG A 24 -6.23 2.01 9.56
C ARG A 24 -7.20 0.93 10.05
N ARG A 25 -8.22 0.69 9.25
CA ARG A 25 -9.22 -0.32 9.59
C ARG A 25 -8.56 -1.67 9.81
N GLY A 26 -7.69 -2.03 8.87
CA GLY A 26 -6.98 -3.30 8.96
C GLY A 26 -6.39 -3.51 10.35
N ALA A 27 -6.00 -2.41 10.97
CA ALA A 27 -5.42 -2.46 12.29
C ALA A 27 -6.53 -2.69 13.33
N ASP A 28 -7.68 -2.11 13.04
CA ASP A 28 -8.83 -2.24 13.93
C ASP A 28 -9.06 -3.73 14.23
N PHE A 29 -9.17 -4.50 13.17
CA PHE A 29 -9.38 -5.93 13.30
C PHE A 29 -8.21 -6.60 14.03
N ASP A 30 -7.02 -6.38 13.50
CA ASP A 30 -5.82 -6.95 14.08
C ASP A 30 -5.83 -6.73 15.59
N SER A 31 -5.86 -5.47 15.97
CA SER A 31 -5.88 -5.11 17.38
C SER A 31 -6.86 -6.02 18.14
N TRP A 32 -8.14 -5.78 17.90
CA TRP A 32 -9.17 -6.56 18.56
C TRP A 32 -8.80 -8.03 18.42
N GLY A 33 -8.97 -8.55 17.21
CA GLY A 33 -8.66 -9.94 16.94
C GLY A 33 -9.44 -10.45 15.72
N GLN A 34 -9.48 -9.62 14.69
CA GLN A 34 -10.18 -9.97 13.48
C GLN A 34 -9.18 -10.19 12.33
N LEU A 35 -8.17 -10.99 12.63
CA LEU A 35 -7.15 -11.29 11.63
C LEU A 35 -7.81 -11.48 10.27
N VAL A 36 -8.76 -12.40 10.23
CA VAL A 36 -9.48 -12.68 9.00
C VAL A 36 -9.76 -11.38 8.26
N GLU A 37 -10.69 -10.61 8.81
CA GLU A 37 -11.06 -9.34 8.21
C GLU A 37 -9.81 -8.50 7.95
N ALA A 38 -8.94 -8.47 8.93
CA ALA A 38 -7.70 -7.71 8.82
C ALA A 38 -7.04 -8.03 7.48
N ILE A 39 -6.64 -9.29 7.33
CA ILE A 39 -5.99 -9.74 6.12
C ILE A 39 -6.76 -9.21 4.91
N ASP A 40 -8.03 -9.55 4.86
CA ASP A 40 -8.88 -9.11 3.77
C ASP A 40 -8.56 -7.65 3.43
N GLU A 41 -8.84 -6.78 4.38
CA GLU A 41 -8.58 -5.36 4.20
C GLU A 41 -7.22 -5.16 3.53
N TYR A 42 -6.18 -5.47 4.27
CA TYR A 42 -4.82 -5.33 3.78
C TYR A 42 -4.71 -5.82 2.33
N GLN A 43 -4.93 -7.11 2.15
CA GLN A 43 -4.86 -7.70 0.83
C GLN A 43 -5.54 -6.80 -0.20
N ILE A 44 -6.85 -6.67 -0.05
CA ILE A 44 -7.64 -5.84 -0.96
C ILE A 44 -6.86 -4.56 -1.27
N LEU A 45 -6.56 -3.81 -0.21
CA LEU A 45 -5.82 -2.57 -0.36
C LEU A 45 -4.52 -2.84 -1.12
N ALA A 46 -3.91 -3.97 -0.80
CA ALA A 46 -2.66 -4.36 -1.45
C ALA A 46 -2.89 -4.44 -2.95
N ARG A 47 -3.98 -5.09 -3.33
CA ARG A 47 -4.31 -5.25 -4.73
C ARG A 47 -4.47 -3.88 -5.40
N HIS A 48 -5.32 -3.06 -4.78
CA HIS A 48 -5.58 -1.72 -5.31
C HIS A 48 -4.24 -1.03 -5.60
N LEU A 49 -3.37 -1.04 -4.61
CA LEU A 49 -2.07 -0.41 -4.75
C LEU A 49 -1.47 -0.79 -6.10
N GLN A 50 -1.58 -2.06 -6.43
CA GLN A 50 -1.06 -2.56 -7.69
C GLN A 50 -1.68 -1.79 -8.87
N LYS A 51 -3.01 -1.70 -8.85
CA LYS A 51 -3.72 -1.00 -9.88
C LYS A 51 -2.99 0.29 -10.23
N GLU A 52 -2.29 0.83 -9.23
CA GLU A 52 -1.54 2.05 -9.41
C GLU A 52 -0.07 1.73 -9.73
N ALA A 53 0.42 0.67 -9.11
CA ALA A 53 1.79 0.26 -9.32
C ALA A 53 1.95 -0.30 -10.73
N GLN A 54 1.17 -1.33 -11.02
CA GLN A 54 1.21 -1.95 -12.33
C GLN A 54 -0.04 -1.57 -13.14
N ALA A 55 -0.37 -0.29 -13.06
CA ALA A 55 -1.53 0.22 -13.78
C ALA A 55 -1.44 -0.19 -15.25
N GLN A 56 -2.10 -1.29 -15.57
CA GLN A 56 -2.09 -1.79 -16.93
C GLN A 56 -3.24 -1.18 -17.74
N HIS A 57 -4.46 -1.54 -17.35
CA HIS A 57 -5.64 -1.03 -18.02
C HIS A 57 -5.61 0.50 -18.02
N ASN A 58 -5.51 1.06 -16.82
CA ASN A 58 -5.47 2.50 -16.67
C ASN A 58 -4.06 2.92 -16.24
N ASN A 59 -3.82 4.23 -16.33
CA ASN A 59 -2.52 4.77 -15.96
C ASN A 59 -2.70 5.74 -14.79
N SER A 60 -2.44 5.22 -13.59
CA SER A 60 -2.57 6.03 -12.39
C SER A 60 -2.06 7.45 -12.65
N GLU A 61 -2.55 8.38 -11.85
CA GLU A 61 -2.16 9.76 -11.98
C GLU A 61 -0.94 10.06 -11.09
N PHE A 62 -0.19 9.01 -10.81
CA PHE A 62 1.00 9.14 -9.97
C PHE A 62 2.27 8.96 -10.80
N THR A 63 3.35 9.54 -10.30
CA THR A 63 4.63 9.46 -10.98
C THR A 63 5.21 8.05 -10.85
N GLU A 64 6.47 7.93 -11.22
CA GLU A 64 7.15 6.65 -11.15
C GLU A 64 7.66 6.40 -9.73
N GLU A 65 8.22 7.44 -9.14
CA GLU A 65 8.75 7.35 -7.80
C GLU A 65 7.62 7.07 -6.79
N GLN A 66 6.41 7.43 -7.21
CA GLN A 66 5.24 7.22 -6.37
C GLN A 66 4.75 5.78 -6.50
N LYS A 67 4.27 5.44 -7.69
CA LYS A 67 3.76 4.11 -7.95
C LYS A 67 4.70 3.08 -7.32
N LYS A 68 5.99 3.31 -7.49
CA LYS A 68 6.99 2.42 -6.94
C LYS A 68 6.61 2.04 -5.52
N THR A 69 6.59 3.04 -4.65
CA THR A 69 6.23 2.82 -3.26
C THR A 69 4.85 2.16 -3.16
N ILE A 70 3.89 2.76 -3.85
CA ILE A 70 2.53 2.23 -3.84
C ILE A 70 2.58 0.71 -3.90
N GLY A 71 3.40 0.21 -4.82
CA GLY A 71 3.55 -1.23 -4.99
C GLY A 71 4.25 -1.85 -3.79
N LYS A 72 5.31 -1.19 -3.35
CA LYS A 72 6.08 -1.67 -2.22
C LYS A 72 5.18 -1.78 -1.00
N ILE A 73 4.22 -0.86 -0.91
CA ILE A 73 3.29 -0.84 0.19
C ILE A 73 2.55 -2.18 0.25
N ALA A 74 1.96 -2.55 -0.88
CA ALA A 74 1.24 -3.80 -0.98
C ALA A 74 2.14 -4.95 -0.57
N THR A 75 3.28 -5.03 -1.25
CA THR A 75 4.25 -6.09 -0.97
C THR A 75 4.32 -6.35 0.54
N CYS A 76 4.54 -5.27 1.29
CA CYS A 76 4.64 -5.38 2.74
C CYS A 76 3.39 -6.10 3.26
N LEU A 77 2.24 -5.63 2.80
CA LEU A 77 0.98 -6.22 3.20
C LEU A 77 1.07 -7.74 3.10
N GLU A 78 1.40 -8.20 1.89
CA GLU A 78 1.53 -9.62 1.64
C GLU A 78 2.32 -10.30 2.77
N LEU A 79 3.16 -9.50 3.41
CA LEU A 79 3.98 -9.99 4.50
C LEU A 79 3.14 -10.03 5.79
N ARG A 80 2.56 -8.88 6.11
CA ARG A 80 1.74 -8.76 7.30
C ARG A 80 0.61 -9.79 7.27
N SER A 81 -0.29 -9.62 6.30
CA SER A 81 -1.41 -10.53 6.16
C SER A 81 -0.94 -11.97 6.37
N ALA A 82 0.07 -12.35 5.62
CA ALA A 82 0.62 -13.70 5.71
C ALA A 82 1.11 -13.94 7.14
N ALA A 83 1.89 -12.99 7.64
CA ALA A 83 2.42 -13.09 9.00
C ALA A 83 1.29 -13.47 9.95
N LEU A 84 0.12 -12.91 9.70
CA LEU A 84 -1.03 -13.18 10.53
C LEU A 84 -1.47 -14.63 10.34
N GLN A 85 -1.60 -15.02 9.08
CA GLN A 85 -2.00 -16.37 8.76
C GLN A 85 -0.97 -17.38 9.27
N SER A 86 0.29 -17.11 8.93
CA SER A 86 1.37 -17.97 9.35
C SER A 86 1.26 -18.29 10.84
N THR A 87 1.00 -19.55 11.14
CA THR A 87 0.86 -19.99 12.51
C THR A 87 2.22 -19.99 13.22
N GLN A 88 3.07 -20.91 12.79
CA GLN A 88 4.41 -21.01 13.36
C GLN A 88 4.99 -19.62 13.63
N SER A 89 5.63 -19.50 14.79
CA SER A 89 6.23 -18.23 15.16
C SER A 89 6.88 -17.56 13.95
N GLN A 90 6.20 -16.55 13.44
CA GLN A 90 6.68 -15.81 12.29
C GLN A 90 6.37 -14.33 12.42
N GLU A 91 7.20 -13.51 11.79
CA GLU A 91 7.02 -12.07 11.83
C GLU A 91 7.76 -11.41 10.67
N GLU A 92 7.23 -11.62 9.47
CA GLU A 92 7.83 -11.04 8.28
C GLU A 92 7.48 -9.57 8.16
N PHE A 93 6.70 -9.10 9.12
CA PHE A 93 6.27 -7.71 9.13
C PHE A 93 5.34 -7.43 10.31
N LYS A 94 5.91 -6.92 11.39
CA LYS A 94 5.14 -6.61 12.58
C LYS A 94 3.98 -5.68 12.20
N LEU A 95 3.30 -5.18 13.22
CA LEU A 95 2.17 -4.29 13.01
C LEU A 95 2.69 -2.88 12.73
N GLU A 96 3.43 -2.36 13.69
CA GLU A 96 3.99 -1.02 13.56
C GLU A 96 4.61 -0.84 12.18
N ASP A 97 5.34 -1.85 11.76
CA ASP A 97 6.00 -1.81 10.45
C ASP A 97 4.95 -1.54 9.37
N LEU A 98 3.77 -2.10 9.60
CA LEU A 98 2.67 -1.93 8.65
C LEU A 98 2.11 -0.51 8.77
N LYS A 99 1.80 -0.14 10.00
CA LYS A 99 1.25 1.17 10.26
C LYS A 99 2.18 2.24 9.66
N LYS A 100 3.43 1.84 9.45
CA LYS A 100 4.42 2.73 8.89
C LYS A 100 4.06 3.02 7.43
N LEU A 101 3.08 2.29 6.93
CA LEU A 101 2.64 2.44 5.56
C LEU A 101 1.39 3.32 5.51
N GLU A 102 0.98 3.75 6.70
CA GLU A 102 -0.20 4.59 6.83
C GLU A 102 0.11 6.01 6.34
N PRO A 103 1.24 6.56 6.86
CA PRO A 103 1.66 7.91 6.50
C PRO A 103 2.27 7.92 5.09
N ILE A 104 3.15 6.96 4.85
CA ILE A 104 3.80 6.84 3.55
C ILE A 104 2.75 6.98 2.45
N LEU A 105 1.61 6.35 2.68
CA LEU A 105 0.53 6.38 1.71
C LEU A 105 -0.07 7.79 1.66
N LYS A 106 -0.07 8.43 2.82
CA LYS A 106 -0.60 9.78 2.93
C LYS A 106 0.38 10.76 2.28
N ASN A 107 1.63 10.66 2.68
CA ASN A 107 2.67 11.52 2.14
C ASN A 107 3.29 10.87 0.90
N ILE A 108 2.46 10.11 0.21
CA ILE A 108 2.92 9.43 -1.00
C ILE A 108 3.49 10.45 -1.97
N LEU A 109 2.90 11.64 -1.97
CA LEU A 109 3.34 12.71 -2.84
C LEU A 109 4.69 13.24 -2.35
N THR A 110 4.76 13.43 -1.04
CA THR A 110 5.98 13.93 -0.43
C THR A 110 6.60 12.88 0.49
N TYR A 111 6.83 11.71 -0.08
CA TYR A 111 7.41 10.61 0.67
C TYR A 111 8.85 10.36 0.24
N ASN A 112 9.71 10.18 1.24
CA ASN A 112 11.12 9.92 0.99
C ASN A 112 11.30 8.47 0.53
N LYS A 113 11.77 8.33 -0.69
CA LYS A 113 12.00 7.00 -1.25
C LYS A 113 12.91 6.21 -0.32
N GLU A 114 13.37 5.07 -0.82
CA GLU A 114 14.25 4.21 -0.04
C GLU A 114 13.49 3.62 1.16
N PHE A 115 12.48 2.84 0.84
CA PHE A 115 11.67 2.21 1.87
C PHE A 115 12.53 1.78 3.06
N PRO A 116 11.91 1.83 4.27
CA PRO A 116 12.62 1.46 5.48
C PRO A 116 12.77 -0.06 5.58
N PHE A 117 11.86 -0.76 4.92
CA PHE A 117 11.89 -2.22 4.91
C PHE A 117 12.26 -2.76 3.54
N ASP A 118 13.02 -3.84 3.54
CA ASP A 118 13.44 -4.47 2.30
C ASP A 118 12.25 -5.17 1.65
N VAL A 119 11.55 -4.41 0.82
CA VAL A 119 10.38 -4.96 0.13
C VAL A 119 10.46 -4.58 -1.36
N GLN A 120 10.11 -5.55 -2.19
CA GLN A 120 10.13 -5.35 -3.62
C GLN A 120 8.80 -4.78 -4.11
N PRO A 121 8.84 -4.14 -5.31
CA PRO A 121 7.65 -3.54 -5.89
C PRO A 121 6.72 -4.62 -6.45
N ILE A 122 5.42 -4.39 -6.28
CA ILE A 122 4.43 -5.32 -6.78
C ILE A 122 4.67 -5.58 -8.27
N SER A 123 4.40 -6.82 -8.66
CA SER A 123 4.58 -7.21 -10.05
C SER A 123 4.04 -6.11 -10.98
N GLY A 124 4.84 -5.77 -11.96
CA GLY A 124 4.47 -4.73 -12.92
C GLY A 124 5.42 -4.71 -14.11
N PRO A 125 4.90 -4.17 -15.25
CA PRO A 125 5.70 -4.09 -16.47
C PRO A 125 6.74 -2.98 -16.37
N SER A 126 7.78 -3.10 -17.17
CA SER A 126 8.85 -2.12 -17.18
C SER A 126 9.64 -2.19 -15.86
N SER A 127 10.93 -2.39 -16.00
CA SER A 127 11.80 -2.48 -14.83
C SER A 127 13.27 -2.46 -15.28
N GLY A 128 13.93 -1.35 -14.96
CA GLY A 128 15.34 -1.20 -15.31
C GLY A 128 15.68 0.28 -15.54
N GLY A 1 -13.01 18.95 -19.91
CA GLY A 1 -12.93 17.59 -19.41
C GLY A 1 -12.11 17.54 -18.11
N SER A 2 -12.79 17.12 -17.04
CA SER A 2 -12.15 17.02 -15.75
C SER A 2 -11.24 15.79 -15.70
N SER A 3 -10.43 15.73 -14.66
CA SER A 3 -9.51 14.62 -14.49
C SER A 3 -8.51 14.58 -15.65
N GLY A 4 -7.35 15.17 -15.41
CA GLY A 4 -6.31 15.21 -16.42
C GLY A 4 -5.07 14.44 -15.97
N SER A 5 -3.92 14.98 -16.31
CA SER A 5 -2.65 14.35 -15.94
C SER A 5 -1.65 15.42 -15.50
N SER A 6 -1.70 15.74 -14.22
CA SER A 6 -0.79 16.73 -13.67
C SER A 6 -0.96 16.81 -12.15
N GLY A 7 0.16 16.82 -11.45
CA GLY A 7 0.15 16.88 -10.00
C GLY A 7 -0.85 15.89 -9.41
N MET A 8 -1.54 16.34 -8.38
CA MET A 8 -2.54 15.51 -7.72
C MET A 8 -3.95 15.91 -8.14
N SER A 9 -4.76 14.89 -8.39
CA SER A 9 -6.14 15.13 -8.80
C SER A 9 -7.08 14.89 -7.62
N GLU A 10 -8.38 14.98 -7.90
CA GLU A 10 -9.38 14.79 -6.88
C GLU A 10 -9.42 13.31 -6.44
N VAL A 11 -9.43 12.44 -7.44
CA VAL A 11 -9.47 11.01 -7.17
C VAL A 11 -8.21 10.61 -6.38
N THR A 12 -7.09 11.23 -6.76
CA THR A 12 -5.83 10.95 -6.10
C THR A 12 -5.91 11.31 -4.62
N ARG A 13 -6.58 12.43 -4.36
CA ARG A 13 -6.75 12.90 -2.99
C ARG A 13 -7.63 11.93 -2.20
N SER A 14 -8.60 11.35 -2.90
CA SER A 14 -9.52 10.43 -2.28
C SER A 14 -8.85 9.05 -2.12
N LEU A 15 -7.85 8.82 -2.96
CA LEU A 15 -7.13 7.57 -2.92
C LEU A 15 -6.27 7.51 -1.66
N LEU A 16 -5.41 8.50 -1.53
CA LEU A 16 -4.52 8.58 -0.38
C LEU A 16 -5.35 8.40 0.91
N GLN A 17 -6.61 8.76 0.81
CA GLN A 17 -7.51 8.64 1.95
C GLN A 17 -8.08 7.23 2.03
N ARG A 18 -8.95 6.91 1.07
CA ARG A 18 -9.57 5.61 1.04
C ARG A 18 -8.55 4.52 1.36
N TRP A 19 -7.32 4.77 0.94
CA TRP A 19 -6.23 3.83 1.18
C TRP A 19 -5.95 3.80 2.68
N GLY A 20 -5.47 4.93 3.18
CA GLY A 20 -5.15 5.05 4.59
C GLY A 20 -6.30 4.54 5.45
N ALA A 21 -7.50 4.68 4.92
CA ALA A 21 -8.70 4.24 5.63
C ALA A 21 -8.71 2.72 5.72
N SER A 22 -8.18 2.09 4.67
CA SER A 22 -8.12 0.65 4.63
C SER A 22 -7.19 0.12 5.72
N LEU A 23 -5.93 0.52 5.62
CA LEU A 23 -4.94 0.09 6.59
C LEU A 23 -5.45 0.39 8.00
N ARG A 24 -5.75 1.65 8.25
CA ARG A 24 -6.25 2.07 9.54
C ARG A 24 -7.20 1.02 10.11
N ARG A 25 -8.12 0.58 9.26
CA ARG A 25 -9.09 -0.43 9.66
C ARG A 25 -8.39 -1.75 9.96
N GLY A 26 -7.53 -2.15 9.03
CA GLY A 26 -6.80 -3.39 9.18
C GLY A 26 -6.19 -3.51 10.58
N ALA A 27 -5.91 -2.35 11.16
CA ALA A 27 -5.33 -2.31 12.49
C ALA A 27 -6.42 -2.54 13.53
N ASP A 28 -7.59 -1.99 13.24
CA ASP A 28 -8.73 -2.13 14.13
C ASP A 28 -9.14 -3.59 14.21
N PHE A 29 -9.11 -4.25 13.06
CA PHE A 29 -9.48 -5.66 12.98
C PHE A 29 -8.45 -6.53 13.69
N ASP A 30 -7.21 -6.40 13.26
CA ASP A 30 -6.12 -7.16 13.85
C ASP A 30 -6.11 -6.96 15.36
N SER A 31 -5.95 -5.71 15.76
CA SER A 31 -5.92 -5.36 17.17
C SER A 31 -7.01 -6.14 17.92
N TRP A 32 -8.26 -5.76 17.64
CA TRP A 32 -9.39 -6.42 18.27
C TRP A 32 -9.15 -7.93 18.24
N GLY A 33 -9.25 -8.48 17.03
CA GLY A 33 -9.05 -9.90 16.85
C GLY A 33 -9.77 -10.40 15.60
N GLN A 34 -9.65 -9.62 14.54
CA GLN A 34 -10.29 -9.97 13.27
C GLN A 34 -9.24 -10.24 12.20
N LEU A 35 -8.23 -11.00 12.59
CA LEU A 35 -7.15 -11.34 11.67
C LEU A 35 -7.72 -11.54 10.28
N VAL A 36 -8.86 -12.23 10.23
CA VAL A 36 -9.51 -12.50 8.96
C VAL A 36 -9.75 -11.19 8.22
N GLU A 37 -10.56 -10.34 8.83
CA GLU A 37 -10.88 -9.05 8.24
C GLU A 37 -9.59 -8.24 8.01
N ALA A 38 -8.66 -8.40 8.93
CA ALA A 38 -7.39 -7.70 8.83
C ALA A 38 -6.70 -8.08 7.52
N ILE A 39 -6.49 -9.39 7.37
CA ILE A 39 -5.84 -9.89 6.17
C ILE A 39 -6.56 -9.35 4.94
N ASP A 40 -7.80 -9.80 4.76
CA ASP A 40 -8.60 -9.37 3.63
C ASP A 40 -8.37 -7.87 3.39
N GLU A 41 -8.56 -7.11 4.44
CA GLU A 41 -8.37 -5.67 4.37
C GLU A 41 -7.04 -5.34 3.70
N TYR A 42 -5.97 -5.76 4.34
CA TYR A 42 -4.63 -5.52 3.82
C TYR A 42 -4.52 -6.01 2.37
N GLN A 43 -4.87 -7.26 2.17
CA GLN A 43 -4.81 -7.85 0.84
C GLN A 43 -5.47 -6.93 -0.18
N ILE A 44 -6.76 -6.69 0.04
CA ILE A 44 -7.52 -5.82 -0.85
C ILE A 44 -6.70 -4.56 -1.15
N LEU A 45 -6.41 -3.81 -0.09
CA LEU A 45 -5.64 -2.59 -0.24
C LEU A 45 -4.37 -2.88 -1.04
N ALA A 46 -3.77 -4.02 -0.75
CA ALA A 46 -2.55 -4.42 -1.43
C ALA A 46 -2.82 -4.52 -2.93
N ARG A 47 -3.87 -5.26 -3.26
CA ARG A 47 -4.25 -5.45 -4.66
C ARG A 47 -4.43 -4.10 -5.34
N HIS A 48 -5.21 -3.24 -4.70
CA HIS A 48 -5.48 -1.91 -5.23
C HIS A 48 -4.15 -1.22 -5.54
N LEU A 49 -3.31 -1.15 -4.52
CA LEU A 49 -2.01 -0.51 -4.66
C LEU A 49 -1.41 -0.90 -6.02
N GLN A 50 -1.66 -2.14 -6.41
CA GLN A 50 -1.15 -2.64 -7.68
C GLN A 50 -1.85 -1.95 -8.84
N LYS A 51 -3.18 -1.99 -8.80
CA LYS A 51 -3.98 -1.37 -9.85
C LYS A 51 -3.37 -0.01 -10.22
N GLU A 52 -2.72 0.59 -9.24
CA GLU A 52 -2.09 1.88 -9.44
C GLU A 52 -0.61 1.71 -9.78
N ALA A 53 -0.01 0.70 -9.17
CA ALA A 53 1.40 0.42 -9.41
C ALA A 53 1.57 -0.10 -10.83
N GLN A 54 1.04 -1.28 -11.08
CA GLN A 54 1.13 -1.89 -12.40
C GLN A 54 0.63 -0.92 -13.47
N ALA A 55 -0.22 0.01 -13.04
CA ALA A 55 -0.77 0.99 -13.95
C ALA A 55 0.11 2.25 -13.92
N GLN A 56 -0.25 3.20 -14.77
CA GLN A 56 0.49 4.44 -14.85
C GLN A 56 -0.16 5.39 -15.87
N HIS A 57 -0.08 5.00 -17.13
CA HIS A 57 -0.65 5.79 -18.20
C HIS A 57 -2.13 5.43 -18.37
N ASN A 58 -2.38 4.13 -18.46
CA ASN A 58 -3.74 3.64 -18.63
C ASN A 58 -4.68 4.42 -17.70
N ASN A 59 -4.41 4.28 -16.40
CA ASN A 59 -5.23 4.96 -15.40
C ASN A 59 -4.41 5.12 -14.12
N SER A 60 -3.87 6.31 -13.93
CA SER A 60 -3.07 6.60 -12.76
C SER A 60 -2.34 7.93 -12.93
N GLU A 61 -2.66 8.86 -12.04
CA GLU A 61 -2.05 10.18 -12.08
C GLU A 61 -0.90 10.26 -11.09
N PHE A 62 -0.10 9.20 -11.07
CA PHE A 62 1.04 9.14 -10.17
C PHE A 62 2.35 8.96 -10.95
N THR A 63 3.42 9.49 -10.38
CA THR A 63 4.72 9.40 -11.01
C THR A 63 5.38 8.06 -10.70
N GLU A 64 6.34 7.68 -11.53
CA GLU A 64 7.05 6.43 -11.35
C GLU A 64 7.29 6.17 -9.86
N GLU A 65 7.99 7.10 -9.24
CA GLU A 65 8.30 6.99 -7.82
C GLU A 65 7.05 6.59 -7.03
N GLN A 66 6.00 7.37 -7.22
CA GLN A 66 4.74 7.10 -6.54
C GLN A 66 4.33 5.64 -6.74
N LYS A 67 3.98 5.32 -7.98
CA LYS A 67 3.56 3.98 -8.33
C LYS A 67 4.55 2.98 -7.75
N LYS A 68 5.80 3.43 -7.64
CA LYS A 68 6.86 2.59 -7.11
C LYS A 68 6.54 2.22 -5.66
N THR A 69 6.46 3.24 -4.82
CA THR A 69 6.16 3.04 -3.41
C THR A 69 4.80 2.33 -3.26
N ILE A 70 3.80 2.89 -3.93
CA ILE A 70 2.46 2.33 -3.87
C ILE A 70 2.54 0.80 -4.01
N GLY A 71 3.28 0.37 -5.03
CA GLY A 71 3.45 -1.04 -5.28
C GLY A 71 4.27 -1.71 -4.17
N LYS A 72 5.15 -0.92 -3.58
CA LYS A 72 5.99 -1.43 -2.50
C LYS A 72 5.15 -1.61 -1.24
N ILE A 73 4.19 -0.71 -1.06
CA ILE A 73 3.31 -0.76 0.09
C ILE A 73 2.56 -2.10 0.09
N ALA A 74 2.09 -2.46 -1.09
CA ALA A 74 1.35 -3.72 -1.24
C ALA A 74 2.21 -4.87 -0.74
N THR A 75 3.41 -4.97 -1.30
CA THR A 75 4.34 -6.02 -0.91
C THR A 75 4.25 -6.29 0.59
N CYS A 76 4.56 -5.26 1.37
CA CYS A 76 4.52 -5.38 2.81
C CYS A 76 3.23 -6.09 3.20
N LEU A 77 2.11 -5.51 2.81
CA LEU A 77 0.81 -6.08 3.11
C LEU A 77 0.91 -7.60 3.05
N GLU A 78 1.22 -8.10 1.86
CA GLU A 78 1.35 -9.53 1.66
C GLU A 78 2.00 -10.19 2.88
N LEU A 79 3.10 -9.61 3.30
CA LEU A 79 3.82 -10.13 4.46
C LEU A 79 2.89 -10.12 5.67
N ARG A 80 2.39 -8.94 5.99
CA ARG A 80 1.49 -8.79 7.13
C ARG A 80 0.36 -9.82 7.05
N SER A 81 -0.47 -9.66 6.02
CA SER A 81 -1.58 -10.57 5.81
C SER A 81 -1.16 -12.00 6.14
N ALA A 82 0.06 -12.33 5.75
CA ALA A 82 0.59 -13.66 5.99
C ALA A 82 1.01 -13.78 7.46
N ALA A 83 1.70 -12.75 7.93
CA ALA A 83 2.16 -12.73 9.31
C ALA A 83 1.03 -13.23 10.22
N LEU A 84 -0.16 -12.71 9.97
CA LEU A 84 -1.32 -13.09 10.77
C LEU A 84 -1.54 -14.60 10.64
N GLN A 85 -1.64 -15.05 9.40
CA GLN A 85 -1.86 -16.46 9.12
C GLN A 85 -0.73 -17.30 9.74
N SER A 86 0.49 -16.90 9.42
CA SER A 86 1.66 -17.61 9.92
C SER A 86 1.51 -17.85 11.42
N THR A 87 2.10 -18.95 11.87
CA THR A 87 2.04 -19.30 13.28
C THR A 87 3.44 -19.66 13.80
N GLN A 88 4.15 -20.46 13.02
CA GLN A 88 5.49 -20.86 13.38
C GLN A 88 6.52 -19.89 12.81
N SER A 89 6.36 -19.60 11.53
CA SER A 89 7.26 -18.70 10.84
C SER A 89 7.47 -17.44 11.69
N GLN A 90 8.71 -16.97 11.70
CA GLN A 90 9.06 -15.79 12.46
C GLN A 90 10.14 -14.98 11.73
N GLU A 91 9.67 -14.08 10.86
CA GLU A 91 10.57 -13.25 10.09
C GLU A 91 9.81 -12.53 8.99
N GLU A 92 8.64 -12.02 9.35
CA GLU A 92 7.81 -11.30 8.40
C GLU A 92 7.53 -9.89 8.90
N PHE A 93 6.58 -9.24 8.25
CA PHE A 93 6.20 -7.88 8.62
C PHE A 93 5.44 -7.87 9.94
N LYS A 94 5.48 -6.72 10.59
CA LYS A 94 4.81 -6.56 11.87
C LYS A 94 3.69 -5.52 11.72
N LEU A 95 3.16 -5.10 12.86
CA LEU A 95 2.10 -4.11 12.88
C LEU A 95 2.70 -2.71 12.75
N GLU A 96 3.77 -2.50 13.48
CA GLU A 96 4.45 -1.22 13.46
C GLU A 96 4.95 -0.90 12.05
N ASP A 97 5.64 -1.86 11.46
CA ASP A 97 6.16 -1.70 10.13
C ASP A 97 5.01 -1.48 9.15
N LEU A 98 3.87 -2.06 9.48
CA LEU A 98 2.69 -1.93 8.65
C LEU A 98 2.10 -0.52 8.82
N LYS A 99 1.75 -0.21 10.06
CA LYS A 99 1.19 1.09 10.38
C LYS A 99 2.11 2.19 9.85
N LYS A 100 3.36 1.81 9.64
CA LYS A 100 4.35 2.75 9.13
C LYS A 100 4.01 3.12 7.70
N LEU A 101 3.04 2.40 7.14
CA LEU A 101 2.61 2.65 5.77
C LEU A 101 1.35 3.52 5.79
N GLU A 102 0.82 3.71 6.98
CA GLU A 102 -0.38 4.52 7.15
C GLU A 102 -0.11 5.95 6.72
N PRO A 103 1.00 6.52 7.26
CA PRO A 103 1.38 7.89 6.94
C PRO A 103 1.98 7.98 5.54
N ILE A 104 2.93 7.09 5.28
CA ILE A 104 3.60 7.06 3.99
C ILE A 104 2.56 7.25 2.89
N LEU A 105 1.63 6.31 2.83
CA LEU A 105 0.58 6.36 1.83
C LEU A 105 0.06 7.79 1.71
N LYS A 106 -0.03 8.45 2.86
CA LYS A 106 -0.51 9.82 2.89
C LYS A 106 0.61 10.76 2.42
N ASN A 107 1.82 10.45 2.87
CA ASN A 107 2.97 11.25 2.50
C ASN A 107 3.58 10.71 1.21
N ILE A 108 2.75 10.01 0.45
CA ILE A 108 3.19 9.44 -0.81
C ILE A 108 3.68 10.56 -1.73
N LEU A 109 2.96 11.67 -1.70
CA LEU A 109 3.31 12.81 -2.52
C LEU A 109 4.68 13.35 -2.09
N THR A 110 4.79 13.61 -0.79
CA THR A 110 6.03 14.12 -0.24
C THR A 110 6.96 12.98 0.15
N TYR A 111 7.06 12.01 -0.75
CA TYR A 111 7.91 10.85 -0.51
C TYR A 111 9.20 10.96 -1.32
N ASN A 112 10.31 11.03 -0.59
CA ASN A 112 11.62 11.13 -1.22
C ASN A 112 12.20 9.73 -1.40
N LYS A 113 11.31 8.79 -1.68
CA LYS A 113 11.73 7.41 -1.88
C LYS A 113 12.56 6.95 -0.67
N GLU A 114 13.08 5.74 -0.78
CA GLU A 114 13.88 5.18 0.29
C GLU A 114 12.99 4.58 1.36
N PHE A 115 12.52 3.37 1.10
CA PHE A 115 11.66 2.67 2.04
C PHE A 115 12.43 2.28 3.30
N PRO A 116 11.73 2.42 4.46
CA PRO A 116 12.33 2.08 5.75
C PRO A 116 12.41 0.56 5.93
N PHE A 117 11.91 -0.15 4.93
CA PHE A 117 11.92 -1.60 4.97
C PHE A 117 12.30 -2.19 3.61
N ASP A 118 12.99 -3.32 3.66
CA ASP A 118 13.41 -3.99 2.45
C ASP A 118 12.22 -4.71 1.82
N VAL A 119 11.57 -4.01 0.89
CA VAL A 119 10.42 -4.57 0.20
C VAL A 119 10.39 -4.05 -1.23
N GLN A 120 10.56 -4.97 -2.17
CA GLN A 120 10.57 -4.61 -3.58
C GLN A 120 9.15 -4.27 -4.03
N PRO A 121 9.07 -3.55 -5.19
CA PRO A 121 7.79 -3.16 -5.74
C PRO A 121 7.07 -4.35 -6.40
N ILE A 122 5.75 -4.30 -6.35
CA ILE A 122 4.94 -5.36 -6.92
C ILE A 122 5.25 -5.48 -8.43
N SER A 123 5.33 -6.71 -8.89
CA SER A 123 5.61 -6.97 -10.28
C SER A 123 7.00 -6.44 -10.64
N GLY A 124 7.76 -7.27 -11.35
CA GLY A 124 9.10 -6.90 -11.75
C GLY A 124 9.07 -5.84 -12.85
N PRO A 125 10.15 -5.81 -13.67
CA PRO A 125 10.26 -4.85 -14.75
C PRO A 125 9.35 -5.23 -15.92
N SER A 126 9.24 -4.32 -16.86
CA SER A 126 8.41 -4.55 -18.04
C SER A 126 9.18 -4.20 -19.31
N SER A 127 9.61 -5.25 -20.01
CA SER A 127 10.36 -5.06 -21.24
C SER A 127 11.55 -4.14 -20.99
N GLY A 128 12.64 -4.74 -20.50
CA GLY A 128 13.84 -3.99 -20.21
C GLY A 128 15.08 -4.84 -20.47
N GLY A 1 -6.45 16.90 -17.17
CA GLY A 1 -5.39 17.87 -17.21
C GLY A 1 -5.36 18.60 -18.56
N SER A 2 -4.86 19.83 -18.52
CA SER A 2 -4.78 20.63 -19.73
C SER A 2 -3.31 20.97 -20.02
N SER A 3 -2.69 21.63 -19.06
CA SER A 3 -1.29 22.02 -19.20
C SER A 3 -0.52 21.62 -17.94
N GLY A 4 -0.96 22.16 -16.81
CA GLY A 4 -0.31 21.86 -15.55
C GLY A 4 -1.31 21.90 -14.40
N SER A 5 -0.85 21.45 -13.24
CA SER A 5 -1.70 21.43 -12.06
C SER A 5 -0.84 21.49 -10.79
N SER A 6 -1.15 22.46 -9.95
CA SER A 6 -0.42 22.64 -8.71
C SER A 6 -0.97 21.70 -7.64
N GLY A 7 -0.12 21.40 -6.66
CA GLY A 7 -0.50 20.51 -5.58
C GLY A 7 -0.90 19.14 -6.11
N MET A 8 -2.12 18.73 -5.77
CA MET A 8 -2.63 17.44 -6.20
C MET A 8 -4.09 17.56 -6.67
N SER A 9 -4.64 16.42 -7.06
CA SER A 9 -6.01 16.38 -7.53
C SER A 9 -6.91 15.72 -6.49
N GLU A 10 -8.05 16.34 -6.26
CA GLU A 10 -9.01 15.82 -5.29
C GLU A 10 -9.17 14.32 -5.47
N VAL A 11 -9.31 13.90 -6.72
CA VAL A 11 -9.47 12.49 -7.03
C VAL A 11 -8.32 11.70 -6.42
N THR A 12 -7.13 12.26 -6.54
CA THR A 12 -5.95 11.62 -6.00
C THR A 12 -5.98 11.62 -4.47
N ARG A 13 -6.26 12.79 -3.91
CA ARG A 13 -6.34 12.94 -2.47
C ARG A 13 -7.34 11.93 -1.89
N SER A 14 -8.44 11.77 -2.60
CA SER A 14 -9.49 10.86 -2.16
C SER A 14 -9.00 9.41 -2.30
N LEU A 15 -8.09 9.21 -3.25
CA LEU A 15 -7.54 7.89 -3.49
C LEU A 15 -6.78 7.42 -2.25
N LEU A 16 -5.95 8.31 -1.73
CA LEU A 16 -5.16 7.99 -0.54
C LEU A 16 -6.10 7.78 0.64
N GLN A 17 -7.12 8.63 0.70
CA GLN A 17 -8.10 8.55 1.77
C GLN A 17 -8.59 7.11 1.93
N ARG A 18 -8.63 6.40 0.81
CA ARG A 18 -9.09 5.02 0.81
C ARG A 18 -7.97 4.09 1.26
N TRP A 19 -6.80 4.27 0.64
CA TRP A 19 -5.65 3.46 0.97
C TRP A 19 -5.23 3.78 2.41
N GLY A 20 -5.80 4.86 2.92
CA GLY A 20 -5.50 5.29 4.29
C GLY A 20 -6.59 4.82 5.25
N ALA A 21 -7.81 4.75 4.75
CA ALA A 21 -8.93 4.32 5.55
C ALA A 21 -8.97 2.78 5.61
N SER A 22 -8.19 2.18 4.71
CA SER A 22 -8.12 0.73 4.65
C SER A 22 -7.10 0.21 5.65
N LEU A 23 -5.88 0.72 5.53
CA LEU A 23 -4.81 0.32 6.43
C LEU A 23 -5.27 0.48 7.88
N ARG A 24 -5.62 1.70 8.22
CA ARG A 24 -6.08 2.00 9.56
C ARG A 24 -7.00 0.89 10.07
N ARG A 25 -8.05 0.65 9.30
CA ARG A 25 -9.01 -0.38 9.66
C ARG A 25 -8.31 -1.73 9.85
N GLY A 26 -7.56 -2.12 8.83
CA GLY A 26 -6.83 -3.37 8.88
C GLY A 26 -6.23 -3.61 10.27
N ALA A 27 -5.65 -2.56 10.82
CA ALA A 27 -5.05 -2.64 12.14
C ALA A 27 -6.14 -2.85 13.19
N ASP A 28 -7.19 -2.05 13.06
CA ASP A 28 -8.31 -2.15 13.99
C ASP A 28 -8.61 -3.63 14.28
N PHE A 29 -8.73 -4.39 13.20
CA PHE A 29 -9.01 -5.81 13.32
C PHE A 29 -7.91 -6.53 14.10
N ASP A 30 -6.69 -6.34 13.63
CA ASP A 30 -5.54 -6.96 14.27
C ASP A 30 -5.63 -6.76 15.78
N SER A 31 -5.57 -5.49 16.19
CA SER A 31 -5.64 -5.15 17.60
C SER A 31 -6.70 -6.01 18.28
N TRP A 32 -7.94 -5.84 17.84
CA TRP A 32 -9.05 -6.59 18.41
C TRP A 32 -8.72 -8.08 18.28
N GLY A 33 -8.84 -8.59 17.07
CA GLY A 33 -8.56 -9.99 16.81
C GLY A 33 -9.33 -10.49 15.60
N GLN A 34 -9.33 -9.66 14.56
CA GLN A 34 -10.03 -10.01 13.33
C GLN A 34 -9.03 -10.20 12.19
N LEU A 35 -8.14 -11.16 12.38
CA LEU A 35 -7.13 -11.45 11.39
C LEU A 35 -7.78 -11.57 10.01
N VAL A 36 -8.76 -12.45 9.92
CA VAL A 36 -9.48 -12.66 8.68
C VAL A 36 -9.75 -11.30 8.01
N GLU A 37 -10.67 -10.57 8.61
CA GLU A 37 -11.02 -9.25 8.08
C GLU A 37 -9.76 -8.44 7.82
N ALA A 38 -8.83 -8.54 8.74
CA ALA A 38 -7.57 -7.81 8.62
C ALA A 38 -6.91 -8.17 7.29
N ILE A 39 -6.62 -9.46 7.13
CA ILE A 39 -5.99 -9.95 5.92
C ILE A 39 -6.70 -9.34 4.71
N ASP A 40 -7.93 -9.76 4.49
CA ASP A 40 -8.71 -9.27 3.38
C ASP A 40 -8.46 -7.78 3.21
N GLU A 41 -8.71 -7.03 4.27
CA GLU A 41 -8.52 -5.59 4.24
C GLU A 41 -7.17 -5.25 3.61
N TYR A 42 -6.11 -5.70 4.25
CA TYR A 42 -4.77 -5.45 3.77
C TYR A 42 -4.64 -5.86 2.30
N GLN A 43 -4.96 -7.12 2.03
CA GLN A 43 -4.89 -7.65 0.69
C GLN A 43 -5.61 -6.72 -0.29
N ILE A 44 -6.92 -6.61 -0.10
CA ILE A 44 -7.73 -5.76 -0.95
C ILE A 44 -6.97 -4.47 -1.24
N LEU A 45 -6.48 -3.85 -0.17
CA LEU A 45 -5.73 -2.61 -0.30
C LEU A 45 -4.45 -2.87 -1.10
N ALA A 46 -3.76 -3.92 -0.72
CA ALA A 46 -2.52 -4.29 -1.39
C ALA A 46 -2.77 -4.36 -2.91
N ARG A 47 -3.85 -5.02 -3.27
CA ARG A 47 -4.20 -5.17 -4.66
C ARG A 47 -4.40 -3.79 -5.31
N HIS A 48 -5.19 -2.97 -4.63
CA HIS A 48 -5.48 -1.63 -5.12
C HIS A 48 -4.16 -0.91 -5.41
N LEU A 49 -3.24 -1.01 -4.46
CA LEU A 49 -1.94 -0.38 -4.61
C LEU A 49 -1.32 -0.78 -5.95
N GLN A 50 -1.36 -2.08 -6.21
CA GLN A 50 -0.81 -2.61 -7.45
C GLN A 50 -1.52 -1.99 -8.65
N LYS A 51 -2.84 -2.01 -8.60
CA LYS A 51 -3.65 -1.45 -9.67
C LYS A 51 -3.03 -0.12 -10.13
N GLU A 52 -2.36 0.53 -9.20
CA GLU A 52 -1.72 1.81 -9.49
C GLU A 52 -0.25 1.59 -9.83
N ALA A 53 0.35 0.63 -9.14
CA ALA A 53 1.75 0.32 -9.37
C ALA A 53 1.92 -0.31 -10.75
N GLN A 54 1.29 -1.46 -10.93
CA GLN A 54 1.35 -2.17 -12.20
C GLN A 54 0.16 -1.80 -13.08
N ALA A 55 -0.14 -0.51 -13.09
CA ALA A 55 -1.26 -0.01 -13.89
C ALA A 55 -1.16 -0.59 -15.30
N GLN A 56 -2.25 -0.44 -16.05
CA GLN A 56 -2.30 -0.93 -17.41
C GLN A 56 -0.96 -0.68 -18.11
N HIS A 57 -0.56 0.58 -18.12
CA HIS A 57 0.69 0.97 -18.76
C HIS A 57 1.34 2.09 -17.96
N ASN A 58 1.52 1.85 -16.67
CA ASN A 58 2.12 2.83 -15.79
C ASN A 58 1.56 4.22 -16.11
N ASN A 59 0.25 4.32 -15.97
CA ASN A 59 -0.44 5.58 -16.24
C ASN A 59 -1.48 5.84 -15.14
N SER A 60 -1.11 6.68 -14.20
CA SER A 60 -2.00 7.02 -13.10
C SER A 60 -1.73 8.45 -12.63
N GLU A 61 -2.59 8.91 -11.74
CA GLU A 61 -2.47 10.26 -11.20
C GLU A 61 -1.07 10.47 -10.63
N PHE A 62 -0.55 9.42 -10.01
CA PHE A 62 0.78 9.48 -9.42
C PHE A 62 1.86 9.20 -10.47
N THR A 63 3.10 9.30 -10.02
CA THR A 63 4.23 9.07 -10.91
C THR A 63 4.93 7.76 -10.53
N GLU A 64 5.73 7.27 -11.47
CA GLU A 64 6.47 6.03 -11.26
C GLU A 64 7.05 6.00 -9.84
N GLU A 65 7.60 7.14 -9.44
CA GLU A 65 8.19 7.25 -8.11
C GLU A 65 7.17 6.87 -7.04
N GLN A 66 6.07 7.59 -7.03
CA GLN A 66 5.00 7.35 -6.07
C GLN A 66 4.46 5.93 -6.24
N LYS A 67 4.10 5.61 -7.48
CA LYS A 67 3.57 4.30 -7.79
C LYS A 67 4.57 3.23 -7.34
N LYS A 68 5.84 3.55 -7.48
CA LYS A 68 6.89 2.63 -7.10
C LYS A 68 6.71 2.25 -5.62
N THR A 69 6.40 3.25 -4.82
CA THR A 69 6.21 3.04 -3.40
C THR A 69 4.89 2.31 -3.14
N ILE A 70 3.86 2.76 -3.85
CA ILE A 70 2.54 2.16 -3.72
C ILE A 70 2.68 0.64 -3.64
N GLY A 71 3.50 0.11 -4.53
CA GLY A 71 3.74 -1.32 -4.57
C GLY A 71 4.38 -1.82 -3.28
N LYS A 72 5.54 -1.24 -2.97
CA LYS A 72 6.25 -1.62 -1.76
C LYS A 72 5.27 -1.76 -0.60
N ILE A 73 4.33 -0.83 -0.57
CA ILE A 73 3.32 -0.84 0.49
C ILE A 73 2.57 -2.17 0.47
N ALA A 74 2.11 -2.54 -0.73
CA ALA A 74 1.39 -3.79 -0.90
C ALA A 74 2.25 -4.95 -0.39
N THR A 75 3.45 -5.03 -0.93
CA THR A 75 4.37 -6.09 -0.54
C THR A 75 4.24 -6.38 0.95
N CYS A 76 4.55 -5.36 1.75
CA CYS A 76 4.49 -5.48 3.19
C CYS A 76 3.18 -6.21 3.54
N LEU A 77 2.08 -5.62 3.10
CA LEU A 77 0.77 -6.21 3.36
C LEU A 77 0.86 -7.72 3.25
N GLU A 78 1.23 -8.18 2.07
CA GLU A 78 1.35 -9.61 1.82
C GLU A 78 2.00 -10.30 3.02
N LEU A 79 3.11 -9.71 3.46
CA LEU A 79 3.83 -10.27 4.59
C LEU A 79 2.93 -10.26 5.83
N ARG A 80 2.37 -9.10 6.11
CA ARG A 80 1.48 -8.94 7.25
C ARG A 80 0.31 -9.92 7.14
N SER A 81 -0.48 -9.73 6.09
CA SER A 81 -1.64 -10.58 5.86
C SER A 81 -1.27 -12.04 6.08
N ALA A 82 -0.15 -12.43 5.48
CA ALA A 82 0.34 -13.79 5.59
C ALA A 82 0.72 -14.07 7.05
N ALA A 83 1.54 -13.18 7.60
CA ALA A 83 1.98 -13.32 8.97
C ALA A 83 0.80 -13.76 9.85
N LEU A 84 -0.30 -13.03 9.71
CA LEU A 84 -1.50 -13.33 10.48
C LEU A 84 -1.88 -14.80 10.26
N GLN A 85 -1.97 -15.17 8.99
CA GLN A 85 -2.32 -16.53 8.64
C GLN A 85 -1.37 -17.52 9.29
N SER A 86 -0.08 -17.28 9.06
CA SER A 86 0.96 -18.13 9.63
C SER A 86 0.92 -18.07 11.16
N THR A 87 1.17 -19.21 11.77
CA THR A 87 1.16 -19.31 13.22
C THR A 87 2.33 -18.51 13.80
N GLN A 88 3.53 -18.97 13.49
CA GLN A 88 4.73 -18.31 13.98
C GLN A 88 5.98 -18.97 13.38
N SER A 89 7.10 -18.80 14.08
CA SER A 89 8.35 -19.38 13.64
C SER A 89 8.61 -18.99 12.18
N GLN A 90 8.79 -17.69 11.95
CA GLN A 90 9.04 -17.19 10.62
C GLN A 90 9.71 -15.82 10.70
N GLU A 91 9.05 -14.90 11.39
CA GLU A 91 9.57 -13.56 11.55
C GLU A 91 9.27 -12.73 10.29
N GLU A 92 7.99 -12.53 10.05
CA GLU A 92 7.55 -11.76 8.89
C GLU A 92 7.41 -10.28 9.26
N PHE A 93 6.44 -9.64 8.64
CA PHE A 93 6.19 -8.23 8.90
C PHE A 93 5.47 -8.03 10.24
N LYS A 94 5.59 -6.82 10.76
CA LYS A 94 4.96 -6.48 12.02
C LYS A 94 3.83 -5.48 11.78
N LEU A 95 3.34 -4.91 12.87
CA LEU A 95 2.26 -3.94 12.79
C LEU A 95 2.86 -2.54 12.72
N GLU A 96 3.88 -2.33 13.53
CA GLU A 96 4.55 -1.03 13.57
C GLU A 96 5.05 -0.66 12.19
N ASP A 97 5.62 -1.65 11.51
CA ASP A 97 6.15 -1.43 10.17
C ASP A 97 5.00 -1.18 9.19
N LEU A 98 3.88 -1.84 9.47
CA LEU A 98 2.70 -1.69 8.63
C LEU A 98 2.13 -0.29 8.80
N LYS A 99 1.79 0.04 10.04
CA LYS A 99 1.24 1.35 10.35
C LYS A 99 2.17 2.44 9.82
N LYS A 100 3.43 2.04 9.63
CA LYS A 100 4.42 2.98 9.12
C LYS A 100 4.12 3.29 7.66
N LEU A 101 3.18 2.56 7.10
CA LEU A 101 2.79 2.75 5.72
C LEU A 101 1.53 3.62 5.67
N GLU A 102 1.01 3.92 6.84
CA GLU A 102 -0.18 4.75 6.94
C GLU A 102 0.09 6.15 6.41
N PRO A 103 1.22 6.74 6.88
CA PRO A 103 1.60 8.07 6.45
C PRO A 103 2.17 8.05 5.03
N ILE A 104 3.06 7.09 4.80
CA ILE A 104 3.68 6.95 3.49
C ILE A 104 2.61 7.04 2.41
N LEU A 105 1.47 6.44 2.70
CA LEU A 105 0.36 6.44 1.77
C LEU A 105 -0.31 7.82 1.76
N LYS A 106 -0.31 8.44 2.93
CA LYS A 106 -0.90 9.76 3.08
C LYS A 106 -0.05 10.78 2.32
N ASN A 107 1.20 10.87 2.70
CA ASN A 107 2.12 11.80 2.06
C ASN A 107 2.77 11.11 0.85
N ILE A 108 1.97 10.32 0.15
CA ILE A 108 2.45 9.60 -1.02
C ILE A 108 3.01 10.61 -2.03
N LEU A 109 2.24 11.66 -2.26
CA LEU A 109 2.64 12.69 -3.19
C LEU A 109 3.97 13.30 -2.74
N THR A 110 4.03 13.62 -1.45
CA THR A 110 5.22 14.20 -0.88
C THR A 110 5.92 13.19 0.04
N TYR A 111 6.14 12.01 -0.49
CA TYR A 111 6.79 10.95 0.26
C TYR A 111 8.24 10.77 -0.18
N ASN A 112 9.13 10.70 0.80
CA ASN A 112 10.54 10.53 0.52
C ASN A 112 10.80 9.10 0.04
N LYS A 113 11.30 9.00 -1.18
CA LYS A 113 11.59 7.71 -1.77
C LYS A 113 12.55 6.94 -0.86
N GLU A 114 13.05 5.84 -1.37
CA GLU A 114 13.98 5.00 -0.63
C GLU A 114 13.29 4.43 0.62
N PHE A 115 12.35 3.53 0.36
CA PHE A 115 11.61 2.90 1.45
C PHE A 115 12.52 2.65 2.66
N PRO A 116 11.91 2.81 3.87
CA PRO A 116 12.65 2.60 5.11
C PRO A 116 12.88 1.12 5.37
N PHE A 117 11.99 0.31 4.82
CA PHE A 117 12.08 -1.13 4.99
C PHE A 117 12.54 -1.81 3.69
N ASP A 118 13.20 -2.94 3.85
CA ASP A 118 13.70 -3.69 2.71
C ASP A 118 12.60 -4.63 2.20
N VAL A 119 11.80 -4.09 1.30
CA VAL A 119 10.70 -4.87 0.72
C VAL A 119 10.67 -4.64 -0.79
N GLN A 120 10.77 -5.75 -1.52
CA GLN A 120 10.76 -5.68 -2.97
C GLN A 120 9.41 -5.13 -3.46
N PRO A 121 9.51 -4.10 -4.34
CA PRO A 121 8.31 -3.47 -4.88
C PRO A 121 7.68 -4.36 -5.96
N ILE A 122 6.39 -4.12 -6.18
CA ILE A 122 5.65 -4.88 -7.18
C ILE A 122 5.98 -4.35 -8.57
N SER A 123 6.30 -5.27 -9.47
CA SER A 123 6.64 -4.91 -10.83
C SER A 123 6.30 -6.07 -11.77
N GLY A 124 5.71 -5.71 -12.91
CA GLY A 124 5.33 -6.70 -13.90
C GLY A 124 6.24 -6.63 -15.13
N PRO A 125 5.60 -6.76 -16.32
CA PRO A 125 6.34 -6.70 -17.57
C PRO A 125 6.75 -5.27 -17.91
N SER A 126 7.97 -5.13 -18.40
CA SER A 126 8.48 -3.81 -18.76
C SER A 126 8.25 -3.56 -20.25
N SER A 127 8.85 -4.41 -21.07
CA SER A 127 8.71 -4.28 -22.51
C SER A 127 9.08 -2.86 -22.95
N GLY A 128 10.37 -2.66 -23.16
CA GLY A 128 10.86 -1.36 -23.58
C GLY A 128 11.24 -0.50 -22.37
N GLY A 1 3.07 8.96 -16.29
CA GLY A 1 3.18 9.27 -17.71
C GLY A 1 3.49 10.76 -17.91
N SER A 2 2.51 11.47 -18.46
CA SER A 2 2.68 12.88 -18.72
C SER A 2 1.50 13.67 -18.12
N SER A 3 1.70 14.12 -16.88
CA SER A 3 0.66 14.87 -16.19
C SER A 3 1.31 15.88 -15.24
N GLY A 4 2.09 15.36 -14.31
CA GLY A 4 2.76 16.20 -13.34
C GLY A 4 3.75 15.40 -12.50
N SER A 5 3.93 15.83 -11.26
CA SER A 5 4.84 15.16 -10.36
C SER A 5 4.22 15.06 -8.96
N SER A 6 3.89 16.23 -8.42
CA SER A 6 3.29 16.29 -7.09
C SER A 6 2.00 17.12 -7.14
N GLY A 7 0.88 16.44 -6.94
CA GLY A 7 -0.41 17.11 -6.96
C GLY A 7 -1.54 16.09 -6.87
N MET A 8 -2.75 16.61 -6.66
CA MET A 8 -3.92 15.75 -6.56
C MET A 8 -4.83 15.92 -7.79
N SER A 9 -6.02 15.35 -7.69
CA SER A 9 -6.98 15.42 -8.78
C SER A 9 -8.30 14.80 -8.34
N GLU A 10 -8.81 15.28 -7.21
CA GLU A 10 -10.07 14.79 -6.69
C GLU A 10 -9.92 13.33 -6.25
N VAL A 11 -9.76 12.46 -7.24
CA VAL A 11 -9.61 11.04 -6.97
C VAL A 11 -8.33 10.81 -6.16
N THR A 12 -7.24 11.39 -6.65
CA THR A 12 -5.97 11.26 -5.99
C THR A 12 -6.13 11.44 -4.47
N ARG A 13 -6.56 12.64 -4.09
CA ARG A 13 -6.75 12.95 -2.69
C ARG A 13 -7.69 11.92 -2.05
N SER A 14 -8.61 11.42 -2.86
CA SER A 14 -9.57 10.43 -2.38
C SER A 14 -8.88 9.08 -2.19
N LEU A 15 -7.80 8.89 -2.93
CA LEU A 15 -7.04 7.65 -2.85
C LEU A 15 -6.27 7.62 -1.53
N LEU A 16 -5.28 8.50 -1.43
CA LEU A 16 -4.45 8.57 -0.24
C LEU A 16 -5.35 8.42 0.99
N GLN A 17 -6.59 8.85 0.84
CA GLN A 17 -7.55 8.77 1.94
C GLN A 17 -8.12 7.35 2.03
N ARG A 18 -8.85 6.97 0.99
CA ARG A 18 -9.46 5.65 0.95
C ARG A 18 -8.41 4.57 1.28
N TRP A 19 -7.19 4.85 0.87
CA TRP A 19 -6.10 3.92 1.11
C TRP A 19 -5.82 3.89 2.61
N GLY A 20 -5.35 5.02 3.11
CA GLY A 20 -5.04 5.13 4.54
C GLY A 20 -6.17 4.54 5.39
N ALA A 21 -7.38 4.62 4.85
CA ALA A 21 -8.54 4.09 5.55
C ALA A 21 -8.42 2.57 5.66
N SER A 22 -8.03 1.96 4.56
CA SER A 22 -7.87 0.51 4.53
C SER A 22 -6.99 0.05 5.68
N LEU A 23 -5.74 0.51 5.65
CA LEU A 23 -4.80 0.16 6.69
C LEU A 23 -5.43 0.39 8.07
N ARG A 24 -5.86 1.62 8.28
CA ARG A 24 -6.49 1.99 9.54
C ARG A 24 -7.43 0.87 10.01
N ARG A 25 -8.31 0.45 9.09
CA ARG A 25 -9.25 -0.60 9.39
C ARG A 25 -8.53 -1.93 9.62
N GLY A 26 -7.60 -2.22 8.72
CA GLY A 26 -6.83 -3.45 8.80
C GLY A 26 -6.15 -3.57 10.16
N ALA A 27 -5.92 -2.42 10.79
CA ALA A 27 -5.28 -2.37 12.08
C ALA A 27 -6.33 -2.52 13.17
N ASP A 28 -7.44 -1.82 12.98
CA ASP A 28 -8.52 -1.86 13.94
C ASP A 28 -8.95 -3.31 14.17
N PHE A 29 -9.10 -4.03 13.06
CA PHE A 29 -9.50 -5.43 13.13
C PHE A 29 -8.47 -6.25 13.91
N ASP A 30 -7.23 -6.16 13.47
CA ASP A 30 -6.16 -6.89 14.12
C ASP A 30 -6.21 -6.64 15.63
N SER A 31 -6.06 -5.37 16.00
CA SER A 31 -6.09 -4.99 17.39
C SER A 31 -7.16 -5.79 18.13
N TRP A 32 -8.41 -5.51 17.79
CA TRP A 32 -9.53 -6.20 18.40
C TRP A 32 -9.22 -7.71 18.41
N GLY A 33 -9.30 -8.29 17.22
CA GLY A 33 -9.05 -9.70 17.07
C GLY A 33 -9.66 -10.24 15.77
N GLN A 34 -9.50 -9.47 14.72
CA GLN A 34 -10.03 -9.85 13.42
C GLN A 34 -8.89 -10.00 12.40
N LEU A 35 -8.15 -11.08 12.57
CA LEU A 35 -7.04 -11.37 11.68
C LEU A 35 -7.57 -11.63 10.27
N VAL A 36 -8.53 -12.54 10.20
CA VAL A 36 -9.13 -12.90 8.92
C VAL A 36 -9.57 -11.63 8.20
N GLU A 37 -10.47 -10.90 8.83
CA GLU A 37 -10.99 -9.67 8.26
C GLU A 37 -9.83 -8.70 7.97
N ALA A 38 -8.89 -8.65 8.90
CA ALA A 38 -7.73 -7.79 8.75
C ALA A 38 -7.03 -8.10 7.43
N ILE A 39 -6.61 -9.34 7.30
CA ILE A 39 -5.93 -9.78 6.09
C ILE A 39 -6.66 -9.23 4.87
N ASP A 40 -7.93 -9.60 4.76
CA ASP A 40 -8.74 -9.15 3.64
C ASP A 40 -8.44 -7.68 3.35
N GLU A 41 -8.50 -6.88 4.41
CA GLU A 41 -8.24 -5.46 4.28
C GLU A 41 -6.89 -5.23 3.58
N TYR A 42 -5.83 -5.61 4.27
CA TYR A 42 -4.49 -5.45 3.74
C TYR A 42 -4.42 -5.93 2.28
N GLN A 43 -4.71 -7.20 2.09
CA GLN A 43 -4.68 -7.79 0.76
C GLN A 43 -5.38 -6.86 -0.23
N ILE A 44 -6.67 -6.64 0.00
CA ILE A 44 -7.46 -5.78 -0.86
C ILE A 44 -6.67 -4.51 -1.16
N LEU A 45 -6.17 -3.90 -0.10
CA LEU A 45 -5.39 -2.67 -0.24
C LEU A 45 -4.14 -2.95 -1.06
N ALA A 46 -3.56 -4.12 -0.83
CA ALA A 46 -2.37 -4.52 -1.55
C ALA A 46 -2.67 -4.58 -3.04
N ARG A 47 -3.76 -5.25 -3.38
CA ARG A 47 -4.17 -5.38 -4.76
C ARG A 47 -4.39 -4.00 -5.39
N HIS A 48 -5.16 -3.17 -4.67
CA HIS A 48 -5.45 -1.83 -5.13
C HIS A 48 -4.15 -1.11 -5.47
N LEU A 49 -3.26 -1.06 -4.48
CA LEU A 49 -1.98 -0.40 -4.66
C LEU A 49 -1.42 -0.75 -6.03
N GLN A 50 -1.62 -1.99 -6.43
CA GLN A 50 -1.15 -2.45 -7.73
C GLN A 50 -1.83 -1.67 -8.86
N LYS A 51 -3.15 -1.70 -8.83
CA LYS A 51 -3.93 -1.00 -9.84
C LYS A 51 -3.29 0.36 -10.12
N GLU A 52 -2.63 0.89 -9.10
CA GLU A 52 -1.98 2.18 -9.21
C GLU A 52 -0.49 1.99 -9.54
N ALA A 53 0.08 0.94 -8.97
CA ALA A 53 1.48 0.64 -9.18
C ALA A 53 1.70 0.27 -10.65
N GLN A 54 0.75 -0.49 -11.18
CA GLN A 54 0.83 -0.93 -12.57
C GLN A 54 -0.26 -0.23 -13.40
N ALA A 55 -1.50 -0.52 -13.05
CA ALA A 55 -2.63 0.07 -13.75
C ALA A 55 -2.78 -0.61 -15.13
N GLN A 56 -1.74 -0.46 -15.93
CA GLN A 56 -1.74 -1.06 -17.27
C GLN A 56 -2.53 -0.17 -18.23
N HIS A 57 -3.81 -0.01 -17.93
CA HIS A 57 -4.67 0.81 -18.76
C HIS A 57 -5.98 1.09 -18.01
N ASN A 58 -5.91 2.07 -17.13
CA ASN A 58 -7.08 2.46 -16.34
C ASN A 58 -6.89 3.87 -15.81
N ASN A 59 -5.70 4.12 -15.27
CA ASN A 59 -5.38 5.42 -14.72
C ASN A 59 -3.89 5.48 -14.38
N SER A 60 -3.46 6.63 -13.91
CA SER A 60 -2.07 6.83 -13.54
C SER A 60 -1.80 8.31 -13.27
N GLU A 61 -2.37 8.80 -12.17
CA GLU A 61 -2.20 10.19 -11.80
C GLU A 61 -1.00 10.34 -10.86
N PHE A 62 -0.10 9.37 -10.94
CA PHE A 62 1.09 9.39 -10.11
C PHE A 62 2.35 9.19 -10.94
N THR A 63 3.49 9.39 -10.30
CA THR A 63 4.77 9.23 -10.97
C THR A 63 5.40 7.89 -10.62
N GLU A 64 6.37 7.50 -11.43
CA GLU A 64 7.06 6.24 -11.22
C GLU A 64 7.27 5.99 -9.72
N GLU A 65 7.97 6.94 -9.10
CA GLU A 65 8.25 6.84 -7.68
C GLU A 65 6.99 6.41 -6.91
N GLN A 66 5.97 7.26 -7.01
CA GLN A 66 4.71 6.99 -6.34
C GLN A 66 4.32 5.52 -6.51
N LYS A 67 4.36 5.08 -7.77
CA LYS A 67 4.02 3.70 -8.08
C LYS A 67 4.94 2.76 -7.32
N LYS A 68 6.23 3.06 -7.40
CA LYS A 68 7.23 2.24 -6.72
C LYS A 68 6.78 1.98 -5.28
N THR A 69 6.63 3.08 -4.54
CA THR A 69 6.21 2.98 -3.16
C THR A 69 4.84 2.31 -3.06
N ILE A 70 3.87 2.88 -3.76
CA ILE A 70 2.52 2.35 -3.77
C ILE A 70 2.58 0.82 -3.82
N GLY A 71 3.35 0.33 -4.78
CA GLY A 71 3.50 -1.10 -4.95
C GLY A 71 4.26 -1.73 -3.77
N LYS A 72 5.37 -1.10 -3.42
CA LYS A 72 6.19 -1.57 -2.33
C LYS A 72 5.31 -1.79 -1.10
N ILE A 73 4.40 -0.85 -0.88
CA ILE A 73 3.49 -0.94 0.25
C ILE A 73 2.78 -2.29 0.23
N ALA A 74 2.21 -2.61 -0.92
CA ALA A 74 1.50 -3.86 -1.09
C ALA A 74 2.42 -5.02 -0.70
N THR A 75 3.60 -5.03 -1.31
CA THR A 75 4.58 -6.08 -1.04
C THR A 75 4.65 -6.35 0.46
N CYS A 76 4.70 -5.27 1.23
CA CYS A 76 4.78 -5.39 2.67
C CYS A 76 3.51 -6.09 3.17
N LEU A 77 2.38 -5.60 2.69
CA LEU A 77 1.09 -6.16 3.07
C LEU A 77 1.18 -7.70 3.00
N GLU A 78 1.53 -8.19 1.82
CA GLU A 78 1.64 -9.62 1.61
C GLU A 78 2.39 -10.27 2.79
N LEU A 79 3.23 -9.47 3.43
CA LEU A 79 3.99 -9.95 4.57
C LEU A 79 3.10 -9.96 5.81
N ARG A 80 2.48 -8.82 6.07
CA ARG A 80 1.61 -8.68 7.22
C ARG A 80 0.50 -9.74 7.17
N SER A 81 -0.34 -9.62 6.16
CA SER A 81 -1.45 -10.55 5.99
C SER A 81 -0.99 -11.97 6.31
N ALA A 82 0.11 -12.36 5.69
CA ALA A 82 0.67 -13.68 5.91
C ALA A 82 1.12 -13.81 7.37
N ALA A 83 1.77 -12.75 7.85
CA ALA A 83 2.26 -12.73 9.22
C ALA A 83 1.13 -13.14 10.17
N LEU A 84 -0.08 -12.72 9.81
CA LEU A 84 -1.25 -13.03 10.61
C LEU A 84 -1.55 -14.52 10.51
N GLN A 85 -1.64 -14.99 9.28
CA GLN A 85 -1.92 -16.40 9.03
C GLN A 85 -0.96 -17.28 9.82
N SER A 86 0.31 -16.90 9.80
CA SER A 86 1.32 -17.65 10.52
C SER A 86 0.92 -17.82 11.98
N THR A 87 1.48 -18.85 12.60
CA THR A 87 1.18 -19.15 13.99
C THR A 87 1.59 -17.97 14.88
N GLN A 88 0.68 -17.00 14.98
CA GLN A 88 0.93 -15.82 15.78
C GLN A 88 2.03 -14.97 15.16
N SER A 89 3.24 -15.50 15.19
CA SER A 89 4.39 -14.80 14.63
C SER A 89 5.61 -15.71 14.64
N GLN A 90 6.58 -15.34 13.82
CA GLN A 90 7.81 -16.12 13.71
C GLN A 90 9.01 -15.19 13.50
N GLU A 91 8.89 -14.33 12.49
CA GLU A 91 9.95 -13.39 12.18
C GLU A 91 9.67 -12.71 10.84
N GLU A 92 8.55 -12.02 10.78
CA GLU A 92 8.16 -11.32 9.57
C GLU A 92 7.59 -9.95 9.90
N PHE A 93 7.06 -9.29 8.89
CA PHE A 93 6.49 -7.96 9.06
C PHE A 93 5.49 -7.95 10.22
N LYS A 94 5.50 -6.85 10.96
CA LYS A 94 4.61 -6.70 12.09
C LYS A 94 3.51 -5.69 11.75
N LEU A 95 2.77 -5.29 12.77
CA LEU A 95 1.69 -4.34 12.59
C LEU A 95 2.28 -2.93 12.51
N GLU A 96 3.08 -2.61 13.52
CA GLU A 96 3.71 -1.30 13.59
C GLU A 96 4.46 -1.01 12.28
N ASP A 97 5.13 -2.03 11.78
CA ASP A 97 5.89 -1.90 10.55
C ASP A 97 4.93 -1.64 9.39
N LEU A 98 3.73 -2.19 9.52
CA LEU A 98 2.71 -2.04 8.49
C LEU A 98 2.08 -0.65 8.62
N LYS A 99 1.80 -0.28 9.86
CA LYS A 99 1.18 1.01 10.14
C LYS A 99 2.08 2.12 9.61
N LYS A 100 3.33 1.75 9.32
CA LYS A 100 4.29 2.70 8.81
C LYS A 100 3.98 3.01 7.34
N LEU A 101 2.96 2.33 6.84
CA LEU A 101 2.54 2.52 5.46
C LEU A 101 1.31 3.44 5.43
N GLU A 102 0.87 3.82 6.61
CA GLU A 102 -0.29 4.70 6.74
C GLU A 102 0.10 6.14 6.43
N PRO A 103 1.24 6.58 7.03
CA PRO A 103 1.72 7.92 6.83
C PRO A 103 2.37 8.08 5.45
N ILE A 104 2.91 6.97 4.96
CA ILE A 104 3.55 6.96 3.65
C ILE A 104 2.51 7.26 2.58
N LEU A 105 1.44 6.45 2.59
CA LEU A 105 0.37 6.60 1.63
C LEU A 105 -0.17 8.03 1.70
N LYS A 106 -0.20 8.56 2.92
CA LYS A 106 -0.69 9.91 3.14
C LYS A 106 0.35 10.92 2.66
N ASN A 107 1.60 10.63 2.99
CA ASN A 107 2.70 11.50 2.60
C ASN A 107 3.25 11.04 1.25
N ILE A 108 2.40 10.38 0.48
CA ILE A 108 2.78 9.88 -0.82
C ILE A 108 3.26 11.06 -1.68
N LEU A 109 2.44 12.09 -1.72
CA LEU A 109 2.76 13.28 -2.50
C LEU A 109 4.10 13.86 -2.01
N THR A 110 4.19 14.03 -0.70
CA THR A 110 5.39 14.56 -0.10
C THR A 110 6.37 13.43 0.23
N TYR A 111 6.39 12.43 -0.63
CA TYR A 111 7.26 11.29 -0.45
C TYR A 111 8.59 11.48 -1.19
N ASN A 112 9.67 11.47 -0.42
CA ASN A 112 10.99 11.65 -1.00
C ASN A 112 11.73 10.31 -0.98
N LYS A 113 11.04 9.28 -1.43
CA LYS A 113 11.61 7.95 -1.48
C LYS A 113 12.23 7.62 -0.12
N GLU A 114 12.93 6.49 -0.08
CA GLU A 114 13.58 6.06 1.16
C GLU A 114 12.57 5.31 2.03
N PHE A 115 12.47 4.01 1.79
CA PHE A 115 11.56 3.18 2.55
C PHE A 115 12.26 2.56 3.77
N PRO A 116 11.49 2.45 4.88
CA PRO A 116 12.02 1.89 6.11
C PRO A 116 12.16 0.37 6.01
N PHE A 117 11.75 -0.15 4.85
CA PHE A 117 11.83 -1.58 4.62
C PHE A 117 12.36 -1.88 3.21
N ASP A 118 13.10 -2.97 3.11
CA ASP A 118 13.67 -3.37 1.84
C ASP A 118 12.65 -4.22 1.07
N VAL A 119 11.71 -3.53 0.44
CA VAL A 119 10.67 -4.20 -0.33
C VAL A 119 10.71 -3.71 -1.78
N GLN A 120 10.59 -4.65 -2.69
CA GLN A 120 10.62 -4.33 -4.11
C GLN A 120 9.22 -3.91 -4.57
N PRO A 121 9.20 -3.07 -5.64
CA PRO A 121 7.95 -2.59 -6.19
C PRO A 121 7.24 -3.69 -7.00
N ILE A 122 5.93 -3.76 -6.83
CA ILE A 122 5.14 -4.76 -7.52
C ILE A 122 4.98 -4.34 -8.99
N SER A 123 5.35 -5.25 -9.88
CA SER A 123 5.26 -4.99 -11.30
C SER A 123 5.05 -6.30 -12.06
N GLY A 124 3.79 -6.65 -12.25
CA GLY A 124 3.44 -7.87 -12.95
C GLY A 124 2.07 -8.38 -12.52
N PRO A 125 1.71 -9.59 -13.04
CA PRO A 125 0.42 -10.19 -12.72
C PRO A 125 0.43 -10.76 -11.30
N SER A 126 -0.74 -10.68 -10.67
CA SER A 126 -0.89 -11.18 -9.31
C SER A 126 -0.19 -12.53 -9.17
N SER A 127 0.89 -12.53 -8.41
CA SER A 127 1.65 -13.75 -8.19
C SER A 127 1.94 -13.93 -6.69
N GLY A 128 1.46 -15.04 -6.16
CA GLY A 128 1.66 -15.33 -4.74
C GLY A 128 0.33 -15.73 -4.08
N GLY A 1 -1.56 22.44 -7.81
CA GLY A 1 -1.33 23.84 -8.12
C GLY A 1 -0.82 24.00 -9.55
N SER A 2 0.49 24.13 -9.66
CA SER A 2 1.12 24.30 -10.97
C SER A 2 2.22 23.25 -11.16
N SER A 3 2.38 22.82 -12.40
CA SER A 3 3.38 21.82 -12.73
C SER A 3 3.13 20.54 -11.93
N GLY A 4 3.84 19.49 -12.32
CA GLY A 4 3.69 18.21 -11.65
C GLY A 4 3.03 17.18 -12.57
N SER A 5 3.74 16.83 -13.63
CA SER A 5 3.23 15.87 -14.59
C SER A 5 2.62 14.67 -13.86
N SER A 6 1.32 14.50 -14.04
CA SER A 6 0.61 13.41 -13.40
C SER A 6 0.75 13.51 -11.88
N GLY A 7 -0.38 13.74 -11.23
CA GLY A 7 -0.39 13.86 -9.79
C GLY A 7 -1.83 13.89 -9.25
N MET A 8 -2.03 14.67 -8.20
CA MET A 8 -3.34 14.79 -7.60
C MET A 8 -4.37 15.29 -8.61
N SER A 9 -5.56 14.71 -8.53
CA SER A 9 -6.64 15.09 -9.42
C SER A 9 -7.98 14.67 -8.84
N GLU A 10 -8.22 15.12 -7.61
CA GLU A 10 -9.46 14.79 -6.93
C GLU A 10 -9.51 13.29 -6.60
N VAL A 11 -9.49 12.50 -7.66
CA VAL A 11 -9.53 11.05 -7.50
C VAL A 11 -8.30 10.59 -6.72
N THR A 12 -7.14 10.97 -7.21
CA THR A 12 -5.89 10.60 -6.57
C THR A 12 -5.91 11.02 -5.10
N ARG A 13 -6.66 12.07 -4.82
CA ARG A 13 -6.77 12.56 -3.46
C ARG A 13 -7.50 11.55 -2.58
N SER A 14 -8.79 11.40 -2.86
CA SER A 14 -9.61 10.46 -2.09
C SER A 14 -8.80 9.20 -1.77
N LEU A 15 -8.06 8.75 -2.78
CA LEU A 15 -7.24 7.55 -2.61
C LEU A 15 -6.44 7.66 -1.31
N LEU A 16 -5.64 8.72 -1.23
CA LEU A 16 -4.82 8.95 -0.06
C LEU A 16 -5.66 8.69 1.20
N GLN A 17 -6.96 8.85 1.05
CA GLN A 17 -7.89 8.64 2.16
C GLN A 17 -8.21 7.15 2.29
N ARG A 18 -9.05 6.69 1.37
CA ARG A 18 -9.45 5.28 1.37
C ARG A 18 -8.25 4.39 1.67
N TRP A 19 -7.15 4.67 0.99
CA TRP A 19 -5.93 3.91 1.18
C TRP A 19 -5.59 3.92 2.68
N GLY A 20 -5.32 5.12 3.17
CA GLY A 20 -4.96 5.28 4.57
C GLY A 20 -6.08 4.76 5.48
N ALA A 21 -7.30 4.78 4.96
CA ALA A 21 -8.45 4.31 5.70
C ALA A 21 -8.38 2.78 5.81
N SER A 22 -7.92 2.17 4.74
CA SER A 22 -7.80 0.71 4.71
C SER A 22 -6.93 0.23 5.85
N LEU A 23 -5.65 0.62 5.79
CA LEU A 23 -4.70 0.23 6.81
C LEU A 23 -5.34 0.41 8.19
N ARG A 24 -5.78 1.64 8.45
CA ARG A 24 -6.40 1.96 9.72
C ARG A 24 -7.46 0.90 10.07
N ARG A 25 -8.49 0.85 9.25
CA ARG A 25 -9.56 -0.11 9.47
C ARG A 25 -8.99 -1.52 9.66
N GLY A 26 -7.93 -1.80 8.92
CA GLY A 26 -7.27 -3.09 9.00
C GLY A 26 -6.66 -3.31 10.39
N ALA A 27 -6.02 -2.25 10.88
CA ALA A 27 -5.38 -2.32 12.19
C ALA A 27 -6.44 -2.55 13.26
N ASP A 28 -7.55 -1.83 13.12
CA ASP A 28 -8.65 -1.95 14.06
C ASP A 28 -8.89 -3.42 14.39
N PHE A 29 -8.87 -4.24 13.33
CA PHE A 29 -9.08 -5.67 13.48
C PHE A 29 -7.95 -6.31 14.30
N ASP A 30 -6.75 -6.23 13.76
CA ASP A 30 -5.59 -6.80 14.41
C ASP A 30 -5.67 -6.52 15.91
N SER A 31 -5.68 -5.23 16.25
CA SER A 31 -5.75 -4.81 17.63
C SER A 31 -6.79 -5.66 18.38
N TRP A 32 -8.02 -5.60 17.89
CA TRP A 32 -9.10 -6.36 18.50
C TRP A 32 -8.74 -7.84 18.43
N GLY A 33 -8.87 -8.40 17.23
CA GLY A 33 -8.56 -9.80 17.02
C GLY A 33 -9.30 -10.35 15.80
N GLN A 34 -9.31 -9.55 14.75
CA GLN A 34 -9.98 -9.94 13.52
C GLN A 34 -8.95 -10.18 12.41
N LEU A 35 -8.17 -11.22 12.58
CA LEU A 35 -7.14 -11.56 11.60
C LEU A 35 -7.79 -11.70 10.22
N VAL A 36 -8.84 -12.50 10.18
CA VAL A 36 -9.56 -12.72 8.93
C VAL A 36 -9.76 -11.38 8.22
N GLU A 37 -10.63 -10.57 8.80
CA GLU A 37 -10.92 -9.27 8.24
C GLU A 37 -9.62 -8.50 7.96
N ALA A 38 -8.73 -8.55 8.92
CA ALA A 38 -7.44 -7.87 8.78
C ALA A 38 -6.80 -8.25 7.45
N ILE A 39 -6.62 -9.55 7.26
CA ILE A 39 -6.03 -10.05 6.03
C ILE A 39 -6.76 -9.46 4.84
N ASP A 40 -8.05 -9.76 4.75
CA ASP A 40 -8.88 -9.26 3.67
C ASP A 40 -8.53 -7.80 3.41
N GLU A 41 -8.71 -6.98 4.44
CA GLU A 41 -8.42 -5.56 4.33
C GLU A 41 -7.06 -5.34 3.68
N TYR A 42 -6.02 -5.72 4.41
CA TYR A 42 -4.67 -5.56 3.91
C TYR A 42 -4.57 -5.98 2.44
N GLN A 43 -4.94 -7.24 2.19
CA GLN A 43 -4.91 -7.77 0.84
C GLN A 43 -5.58 -6.80 -0.13
N ILE A 44 -6.84 -6.53 0.14
CA ILE A 44 -7.61 -5.62 -0.70
C ILE A 44 -6.78 -4.37 -1.00
N LEU A 45 -6.33 -3.72 0.06
CA LEU A 45 -5.53 -2.52 -0.07
C LEU A 45 -4.29 -2.84 -0.91
N ALA A 46 -3.78 -4.05 -0.73
CA ALA A 46 -2.60 -4.48 -1.46
C ALA A 46 -2.92 -4.49 -2.95
N ARG A 47 -4.04 -5.11 -3.29
CA ARG A 47 -4.45 -5.20 -4.68
C ARG A 47 -4.68 -3.80 -5.26
N HIS A 48 -5.43 -3.00 -4.51
CA HIS A 48 -5.73 -1.65 -4.93
C HIS A 48 -4.44 -0.92 -5.28
N LEU A 49 -3.42 -1.18 -4.47
CA LEU A 49 -2.11 -0.56 -4.68
C LEU A 49 -1.58 -0.94 -6.05
N GLN A 50 -1.45 -2.25 -6.26
CA GLN A 50 -0.97 -2.76 -7.53
C GLN A 50 -1.69 -2.08 -8.69
N LYS A 51 -3.01 -2.07 -8.59
CA LYS A 51 -3.83 -1.46 -9.62
C LYS A 51 -3.17 -0.15 -10.09
N GLU A 52 -2.44 0.46 -9.18
CA GLU A 52 -1.75 1.71 -9.49
C GLU A 52 -0.31 1.43 -9.89
N ALA A 53 0.29 0.47 -9.21
CA ALA A 53 1.67 0.10 -9.48
C ALA A 53 1.77 -0.47 -10.90
N GLN A 54 0.82 -1.34 -11.22
CA GLN A 54 0.79 -1.96 -12.54
C GLN A 54 -0.08 -1.14 -13.49
N ALA A 55 0.18 0.17 -13.51
CA ALA A 55 -0.57 1.07 -14.37
C ALA A 55 0.40 2.06 -15.02
N GLN A 56 0.95 1.64 -16.16
CA GLN A 56 1.88 2.48 -16.88
C GLN A 56 1.34 3.92 -16.97
N HIS A 57 0.22 4.05 -17.67
CA HIS A 57 -0.40 5.35 -17.83
C HIS A 57 -1.76 5.19 -18.52
N ASN A 58 -2.81 5.42 -17.74
CA ASN A 58 -4.16 5.29 -18.26
C ASN A 58 -5.15 5.84 -17.22
N ASN A 59 -5.17 5.18 -16.08
CA ASN A 59 -6.06 5.59 -15.00
C ASN A 59 -5.25 6.26 -13.89
N SER A 60 -4.23 5.55 -13.44
CA SER A 60 -3.37 6.05 -12.39
C SER A 60 -2.88 7.46 -12.75
N GLU A 61 -2.86 8.32 -11.74
CA GLU A 61 -2.42 9.70 -11.93
C GLU A 61 -1.25 10.02 -11.01
N PHE A 62 -0.41 9.02 -10.81
CA PHE A 62 0.75 9.17 -9.95
C PHE A 62 2.05 9.05 -10.76
N THR A 63 3.16 9.30 -10.08
CA THR A 63 4.46 9.22 -10.72
C THR A 63 5.24 7.99 -10.21
N GLU A 64 6.21 7.58 -11.00
CA GLU A 64 7.03 6.44 -10.64
C GLU A 64 7.36 6.46 -9.15
N GLU A 65 8.04 7.53 -8.75
CA GLU A 65 8.43 7.69 -7.35
C GLU A 65 7.31 7.20 -6.43
N GLN A 66 6.08 7.51 -6.83
CA GLN A 66 4.92 7.11 -6.06
C GLN A 66 4.54 5.66 -6.36
N LYS A 67 4.24 5.42 -7.64
CA LYS A 67 3.86 4.08 -8.07
C LYS A 67 4.83 3.07 -7.47
N LYS A 68 6.12 3.34 -7.64
CA LYS A 68 7.15 2.46 -7.13
C LYS A 68 6.86 2.15 -5.65
N THR A 69 6.36 3.16 -4.95
CA THR A 69 6.04 3.00 -3.55
C THR A 69 4.72 2.26 -3.38
N ILE A 70 3.70 2.79 -4.05
CA ILE A 70 2.38 2.19 -4.00
C ILE A 70 2.51 0.67 -4.00
N GLY A 71 3.39 0.18 -4.86
CA GLY A 71 3.62 -1.25 -4.97
C GLY A 71 4.25 -1.81 -3.70
N LYS A 72 5.46 -1.34 -3.42
CA LYS A 72 6.18 -1.77 -2.23
C LYS A 72 5.20 -1.90 -1.07
N ILE A 73 4.38 -0.87 -0.91
CA ILE A 73 3.39 -0.87 0.15
C ILE A 73 2.63 -2.19 0.16
N ALA A 74 2.08 -2.52 -1.00
CA ALA A 74 1.32 -3.76 -1.13
C ALA A 74 2.21 -4.94 -0.74
N THR A 75 3.39 -4.99 -1.34
CA THR A 75 4.33 -6.06 -1.06
C THR A 75 4.42 -6.31 0.44
N CYS A 76 4.44 -5.22 1.21
CA CYS A 76 4.52 -5.31 2.64
C CYS A 76 3.26 -6.01 3.15
N LEU A 77 2.12 -5.53 2.67
CA LEU A 77 0.84 -6.09 3.06
C LEU A 77 0.94 -7.62 3.03
N GLU A 78 1.24 -8.13 1.85
CA GLU A 78 1.36 -9.57 1.67
C GLU A 78 2.08 -10.20 2.86
N LEU A 79 3.02 -9.43 3.42
CA LEU A 79 3.78 -9.90 4.56
C LEU A 79 2.90 -9.92 5.80
N ARG A 80 2.26 -8.78 6.05
CA ARG A 80 1.39 -8.66 7.20
C ARG A 80 0.31 -9.75 7.17
N SER A 81 -0.53 -9.69 6.15
CA SER A 81 -1.59 -10.67 5.99
C SER A 81 -1.04 -12.08 6.21
N ALA A 82 -0.03 -12.42 5.42
CA ALA A 82 0.59 -13.73 5.51
C ALA A 82 1.02 -13.98 6.96
N ALA A 83 1.76 -13.03 7.50
CA ALA A 83 2.24 -13.12 8.87
C ALA A 83 1.14 -13.70 9.76
N LEU A 84 -0.08 -13.24 9.49
CA LEU A 84 -1.24 -13.70 10.26
C LEU A 84 -1.47 -15.19 9.96
N GLN A 85 -1.59 -15.50 8.68
CA GLN A 85 -1.81 -16.87 8.27
C GLN A 85 -0.67 -17.78 8.76
N SER A 86 0.54 -17.31 8.53
CA SER A 86 1.73 -18.05 8.94
C SER A 86 1.58 -18.50 10.40
N THR A 87 2.28 -19.57 10.73
CA THR A 87 2.24 -20.10 12.08
C THR A 87 3.64 -20.55 12.53
N GLN A 88 4.13 -21.57 11.83
CA GLN A 88 5.46 -22.10 12.15
C GLN A 88 6.42 -20.96 12.47
N SER A 89 6.48 -19.99 11.57
CA SER A 89 7.36 -18.85 11.76
C SER A 89 6.63 -17.75 12.55
N GLN A 90 7.40 -16.77 12.97
CA GLN A 90 6.84 -15.66 13.74
C GLN A 90 7.86 -14.52 13.84
N GLU A 91 8.38 -14.13 12.68
CA GLU A 91 9.36 -13.06 12.62
C GLU A 91 9.18 -12.25 11.35
N GLU A 92 7.96 -12.24 10.85
CA GLU A 92 7.64 -11.51 9.63
C GLU A 92 7.34 -10.05 9.95
N PHE A 93 6.44 -9.48 9.17
CA PHE A 93 6.05 -8.09 9.36
C PHE A 93 5.13 -7.94 10.56
N LYS A 94 5.27 -6.81 11.25
CA LYS A 94 4.46 -6.54 12.42
C LYS A 94 3.41 -5.47 12.06
N LEU A 95 2.75 -4.98 13.10
CA LEU A 95 1.72 -3.97 12.91
C LEU A 95 2.39 -2.61 12.65
N GLU A 96 3.22 -2.21 13.60
CA GLU A 96 3.93 -0.95 13.48
C GLU A 96 4.58 -0.82 12.10
N ASP A 97 5.40 -1.82 11.77
CA ASP A 97 6.08 -1.83 10.49
C ASP A 97 5.05 -1.70 9.37
N LEU A 98 3.81 -2.02 9.71
CA LEU A 98 2.73 -1.95 8.74
C LEU A 98 2.07 -0.57 8.82
N LYS A 99 1.90 -0.09 10.04
CA LYS A 99 1.30 1.21 10.26
C LYS A 99 2.19 2.30 9.66
N LYS A 100 3.40 1.89 9.28
CA LYS A 100 4.35 2.81 8.70
C LYS A 100 3.98 3.05 7.23
N LEU A 101 2.90 2.41 6.81
CA LEU A 101 2.44 2.55 5.44
C LEU A 101 1.26 3.51 5.40
N GLU A 102 0.77 3.86 6.57
CA GLU A 102 -0.35 4.78 6.68
C GLU A 102 0.09 6.20 6.32
N PRO A 103 1.26 6.60 6.88
CA PRO A 103 1.80 7.92 6.61
C PRO A 103 2.40 8.01 5.21
N ILE A 104 3.01 6.91 4.79
CA ILE A 104 3.63 6.84 3.49
C ILE A 104 2.56 7.06 2.42
N LEU A 105 1.43 6.38 2.60
CA LEU A 105 0.33 6.49 1.66
C LEU A 105 -0.22 7.93 1.69
N LYS A 106 -0.15 8.53 2.86
CA LYS A 106 -0.63 9.90 3.04
C LYS A 106 0.38 10.87 2.45
N ASN A 107 1.65 10.58 2.70
CA ASN A 107 2.73 11.41 2.20
C ASN A 107 3.16 10.91 0.82
N ILE A 108 2.26 10.19 0.17
CA ILE A 108 2.53 9.66 -1.14
C ILE A 108 2.94 10.79 -2.08
N LEU A 109 2.27 11.93 -1.93
CA LEU A 109 2.55 13.09 -2.75
C LEU A 109 3.93 13.64 -2.37
N THR A 110 4.17 13.71 -1.06
CA THR A 110 5.43 14.22 -0.56
C THR A 110 6.29 13.07 0.00
N TYR A 111 6.34 11.98 -0.76
CA TYR A 111 7.10 10.83 -0.35
C TYR A 111 8.52 10.87 -0.93
N ASN A 112 8.61 11.37 -2.15
CA ASN A 112 9.89 11.48 -2.82
C ASN A 112 10.48 10.08 -3.03
N LYS A 113 11.08 9.56 -1.97
CA LYS A 113 11.67 8.23 -2.03
C LYS A 113 12.20 7.86 -0.64
N GLU A 114 12.90 6.74 -0.60
CA GLU A 114 13.46 6.26 0.65
C GLU A 114 12.39 5.58 1.49
N PHE A 115 12.35 4.26 1.40
CA PHE A 115 11.38 3.48 2.15
C PHE A 115 11.95 3.04 3.50
N PRO A 116 11.02 2.95 4.50
CA PRO A 116 11.42 2.54 5.83
C PRO A 116 11.70 1.04 5.89
N PHE A 117 11.47 0.38 4.77
CA PHE A 117 11.70 -1.06 4.68
C PHE A 117 12.31 -1.43 3.33
N ASP A 118 12.75 -2.68 3.25
CA ASP A 118 13.36 -3.18 2.02
C ASP A 118 12.47 -4.26 1.42
N VAL A 119 11.58 -3.84 0.54
CA VAL A 119 10.66 -4.77 -0.10
C VAL A 119 10.60 -4.45 -1.60
N GLN A 120 10.77 -5.50 -2.40
CA GLN A 120 10.74 -5.34 -3.84
C GLN A 120 9.35 -4.85 -4.30
N PRO A 121 9.37 -4.00 -5.35
CA PRO A 121 8.14 -3.45 -5.89
C PRO A 121 7.37 -4.50 -6.69
N ILE A 122 6.05 -4.36 -6.69
CA ILE A 122 5.21 -5.29 -7.42
C ILE A 122 5.10 -4.85 -8.88
N SER A 123 5.29 -5.80 -9.78
CA SER A 123 5.22 -5.52 -11.19
C SER A 123 6.38 -4.61 -11.60
N GLY A 124 6.94 -4.90 -12.77
CA GLY A 124 8.05 -4.12 -13.29
C GLY A 124 9.24 -5.02 -13.63
N PRO A 125 10.46 -4.42 -13.54
CA PRO A 125 11.68 -5.16 -13.83
C PRO A 125 12.02 -6.12 -12.69
N SER A 126 11.26 -7.18 -12.61
CA SER A 126 11.47 -8.19 -11.57
C SER A 126 11.22 -9.58 -12.14
N SER A 127 11.95 -10.55 -11.60
CA SER A 127 11.83 -11.93 -12.03
C SER A 127 11.93 -12.87 -10.84
N GLY A 128 10.88 -13.65 -10.63
CA GLY A 128 10.85 -14.59 -9.53
C GLY A 128 9.95 -15.79 -9.86
N GLY A 1 -2.48 27.85 -17.85
CA GLY A 1 -2.80 26.68 -18.64
C GLY A 1 -1.92 25.49 -18.23
N SER A 2 -0.96 25.19 -19.08
CA SER A 2 -0.05 24.09 -18.81
C SER A 2 -0.83 22.89 -18.25
N SER A 3 -1.38 22.11 -19.16
CA SER A 3 -2.15 20.94 -18.76
C SER A 3 -1.37 19.66 -19.10
N GLY A 4 -0.93 18.98 -18.05
CA GLY A 4 -0.18 17.75 -18.23
C GLY A 4 -0.51 16.73 -17.13
N SER A 5 0.46 16.51 -16.25
CA SER A 5 0.29 15.58 -15.16
C SER A 5 0.62 16.25 -13.83
N SER A 6 -0.09 15.86 -12.80
CA SER A 6 0.12 16.42 -11.47
C SER A 6 -0.46 15.48 -10.41
N GLY A 7 0.38 15.14 -9.45
CA GLY A 7 -0.02 14.26 -8.37
C GLY A 7 -1.20 14.86 -7.58
N MET A 8 -2.11 13.99 -7.19
CA MET A 8 -3.28 14.42 -6.44
C MET A 8 -4.12 15.41 -7.24
N SER A 9 -5.31 14.96 -7.60
CA SER A 9 -6.21 15.80 -8.37
C SER A 9 -7.66 15.41 -8.08
N GLU A 10 -8.12 15.80 -6.90
CA GLU A 10 -9.48 15.50 -6.49
C GLU A 10 -9.66 13.99 -6.31
N VAL A 11 -9.57 13.28 -7.42
CA VAL A 11 -9.72 11.83 -7.39
C VAL A 11 -8.65 11.23 -6.48
N THR A 12 -7.43 11.18 -6.99
CA THR A 12 -6.33 10.63 -6.23
C THR A 12 -6.42 11.05 -4.77
N ARG A 13 -6.73 12.32 -4.56
CA ARG A 13 -6.85 12.86 -3.22
C ARG A 13 -7.69 11.92 -2.36
N SER A 14 -8.85 11.56 -2.87
CA SER A 14 -9.76 10.67 -2.16
C SER A 14 -9.16 9.26 -2.11
N LEU A 15 -8.28 8.98 -3.06
CA LEU A 15 -7.64 7.69 -3.12
C LEU A 15 -6.72 7.51 -1.92
N LEU A 16 -5.76 8.42 -1.79
CA LEU A 16 -4.83 8.38 -0.69
C LEU A 16 -5.58 8.14 0.62
N GLN A 17 -6.84 8.54 0.60
CA GLN A 17 -7.69 8.38 1.78
C GLN A 17 -8.18 6.94 1.89
N ARG A 18 -9.07 6.58 0.98
CA ARG A 18 -9.62 5.23 0.96
C ARG A 18 -8.52 4.20 1.18
N TRP A 19 -7.32 4.56 0.76
CA TRP A 19 -6.17 3.68 0.90
C TRP A 19 -5.83 3.58 2.39
N GLY A 20 -5.38 4.70 2.93
CA GLY A 20 -5.02 4.75 4.34
C GLY A 20 -6.16 4.21 5.22
N ALA A 21 -7.38 4.51 4.80
CA ALA A 21 -8.56 4.07 5.53
C ALA A 21 -8.50 2.56 5.71
N SER A 22 -8.26 1.87 4.61
CA SER A 22 -8.17 0.43 4.63
C SER A 22 -7.22 -0.03 5.74
N LEU A 23 -5.96 0.35 5.57
CA LEU A 23 -4.94 -0.01 6.54
C LEU A 23 -5.43 0.32 7.94
N ARG A 24 -5.81 1.58 8.12
CA ARG A 24 -6.30 2.04 9.41
C ARG A 24 -7.23 0.98 10.03
N ARG A 25 -8.19 0.55 9.23
CA ARG A 25 -9.14 -0.45 9.68
C ARG A 25 -8.43 -1.78 9.95
N GLY A 26 -7.61 -2.18 8.99
CA GLY A 26 -6.87 -3.43 9.11
C GLY A 26 -6.21 -3.54 10.48
N ALA A 27 -5.93 -2.38 11.06
CA ALA A 27 -5.28 -2.33 12.37
C ALA A 27 -6.36 -2.47 13.45
N ASP A 28 -7.48 -1.82 13.21
CA ASP A 28 -8.59 -1.87 14.16
C ASP A 28 -9.01 -3.32 14.38
N PHE A 29 -8.96 -4.09 13.30
CA PHE A 29 -9.33 -5.49 13.36
C PHE A 29 -8.30 -6.30 14.15
N ASP A 30 -7.05 -6.19 13.72
CA ASP A 30 -5.96 -6.90 14.38
C ASP A 30 -6.03 -6.64 15.89
N SER A 31 -5.97 -5.37 16.24
CA SER A 31 -6.02 -4.97 17.64
C SER A 31 -7.12 -5.77 18.36
N TRP A 32 -8.36 -5.41 18.07
CA TRP A 32 -9.50 -6.06 18.67
C TRP A 32 -9.23 -7.57 18.68
N GLY A 33 -9.37 -8.17 17.51
CA GLY A 33 -9.14 -9.61 17.37
C GLY A 33 -9.70 -10.11 16.04
N GLN A 34 -9.51 -9.31 15.00
CA GLN A 34 -9.99 -9.67 13.68
C GLN A 34 -8.82 -9.87 12.72
N LEU A 35 -8.53 -11.14 12.45
CA LEU A 35 -7.44 -11.48 11.56
C LEU A 35 -7.95 -11.57 10.13
N VAL A 36 -9.04 -12.32 9.97
CA VAL A 36 -9.65 -12.50 8.66
C VAL A 36 -9.81 -11.12 8.00
N GLU A 37 -10.51 -10.24 8.70
CA GLU A 37 -10.74 -8.90 8.19
C GLU A 37 -9.42 -8.17 7.98
N ALA A 38 -8.53 -8.31 8.97
CA ALA A 38 -7.24 -7.67 8.91
C ALA A 38 -6.53 -8.07 7.60
N ILE A 39 -6.49 -9.37 7.36
CA ILE A 39 -5.86 -9.90 6.17
C ILE A 39 -6.66 -9.45 4.93
N ASP A 40 -7.98 -9.53 5.07
CA ASP A 40 -8.87 -9.15 3.99
C ASP A 40 -8.56 -7.71 3.57
N GLU A 41 -8.65 -6.81 4.54
CA GLU A 41 -8.38 -5.41 4.29
C GLU A 41 -7.01 -5.24 3.63
N TYR A 42 -5.98 -5.49 4.41
CA TYR A 42 -4.62 -5.37 3.92
C TYR A 42 -4.51 -5.89 2.48
N GLN A 43 -4.80 -7.18 2.33
CA GLN A 43 -4.74 -7.81 1.02
C GLN A 43 -5.43 -6.93 -0.02
N ILE A 44 -6.74 -6.78 0.14
CA ILE A 44 -7.52 -5.97 -0.77
C ILE A 44 -6.75 -4.70 -1.11
N LEU A 45 -6.42 -3.95 -0.06
CA LEU A 45 -5.69 -2.70 -0.23
C LEU A 45 -4.41 -2.97 -1.02
N ALA A 46 -3.80 -4.11 -0.70
CA ALA A 46 -2.56 -4.49 -1.37
C ALA A 46 -2.82 -4.65 -2.87
N ARG A 47 -3.91 -5.35 -3.17
CA ARG A 47 -4.28 -5.59 -4.56
C ARG A 47 -4.57 -4.27 -5.26
N HIS A 48 -5.11 -3.32 -4.49
CA HIS A 48 -5.43 -2.01 -5.02
C HIS A 48 -4.14 -1.25 -5.34
N LEU A 49 -3.25 -1.23 -4.36
CA LEU A 49 -1.98 -0.54 -4.50
C LEU A 49 -1.42 -0.82 -5.90
N GLN A 50 -1.51 -2.08 -6.30
CA GLN A 50 -1.02 -2.49 -7.61
C GLN A 50 -1.84 -1.82 -8.72
N LYS A 51 -3.16 -1.90 -8.58
CA LYS A 51 -4.06 -1.32 -9.54
C LYS A 51 -3.56 0.08 -9.93
N GLU A 52 -2.88 0.71 -8.98
CA GLU A 52 -2.34 2.04 -9.19
C GLU A 52 -0.88 1.95 -9.63
N ALA A 53 -0.19 0.95 -9.11
CA ALA A 53 1.21 0.75 -9.43
C ALA A 53 1.33 0.18 -10.84
N GLN A 54 0.81 -1.03 -11.01
CA GLN A 54 0.85 -1.70 -12.30
C GLN A 54 -0.01 -0.94 -13.31
N ALA A 55 -1.08 -0.35 -12.80
CA ALA A 55 -2.00 0.41 -13.65
C ALA A 55 -2.42 -0.46 -14.83
N GLN A 56 -3.10 -1.55 -14.51
CA GLN A 56 -3.58 -2.47 -15.54
C GLN A 56 -4.18 -1.68 -16.70
N HIS A 57 -5.28 -1.00 -16.41
CA HIS A 57 -5.96 -0.22 -17.42
C HIS A 57 -6.33 1.15 -16.85
N ASN A 58 -5.30 1.87 -16.41
CA ASN A 58 -5.50 3.19 -15.84
C ASN A 58 -4.19 3.68 -15.21
N ASN A 59 -3.46 4.46 -15.98
CA ASN A 59 -2.19 4.99 -15.51
C ASN A 59 -2.45 6.05 -14.43
N SER A 60 -2.44 5.59 -13.19
CA SER A 60 -2.67 6.47 -12.07
C SER A 60 -1.91 7.79 -12.26
N GLU A 61 -2.28 8.78 -11.47
CA GLU A 61 -1.64 10.08 -11.54
C GLU A 61 -0.45 10.15 -10.59
N PHE A 62 0.24 9.02 -10.47
CA PHE A 62 1.39 8.93 -9.60
C PHE A 62 2.68 8.78 -10.40
N THR A 63 3.70 9.52 -9.99
CA THR A 63 4.99 9.48 -10.67
C THR A 63 5.70 8.16 -10.36
N GLU A 64 6.70 7.87 -11.18
CA GLU A 64 7.47 6.64 -11.01
C GLU A 64 7.82 6.43 -9.53
N GLU A 65 8.45 7.44 -8.96
CA GLU A 65 8.84 7.38 -7.56
C GLU A 65 7.61 7.15 -6.68
N GLN A 66 6.47 7.57 -7.19
CA GLN A 66 5.23 7.41 -6.46
C GLN A 66 4.67 5.99 -6.64
N LYS A 67 4.29 5.70 -7.88
CA LYS A 67 3.75 4.39 -8.20
C LYS A 67 4.65 3.31 -7.62
N LYS A 68 5.93 3.66 -7.48
CA LYS A 68 6.90 2.73 -6.94
C LYS A 68 6.48 2.33 -5.52
N THR A 69 6.57 3.30 -4.61
CA THR A 69 6.20 3.05 -3.23
C THR A 69 4.92 2.22 -3.15
N ILE A 70 3.88 2.73 -3.79
CA ILE A 70 2.60 2.05 -3.79
C ILE A 70 2.83 0.55 -3.98
N GLY A 71 3.63 0.23 -4.98
CA GLY A 71 3.93 -1.17 -5.28
C GLY A 71 4.70 -1.81 -4.12
N LYS A 72 5.58 -1.03 -3.54
CA LYS A 72 6.39 -1.51 -2.42
C LYS A 72 5.49 -1.74 -1.21
N ILE A 73 4.59 -0.78 -0.99
CA ILE A 73 3.68 -0.85 0.13
C ILE A 73 2.97 -2.21 0.11
N ALA A 74 2.35 -2.50 -1.02
CA ALA A 74 1.64 -3.76 -1.19
C ALA A 74 2.51 -4.91 -0.69
N THR A 75 3.67 -5.05 -1.32
CA THR A 75 4.60 -6.09 -0.94
C THR A 75 4.61 -6.29 0.57
N CYS A 76 4.83 -5.19 1.28
CA CYS A 76 4.87 -5.23 2.73
C CYS A 76 3.60 -5.92 3.22
N LEU A 77 2.46 -5.43 2.73
CA LEU A 77 1.18 -5.99 3.11
C LEU A 77 1.25 -7.53 3.04
N GLU A 78 1.57 -8.02 1.85
CA GLU A 78 1.67 -9.45 1.63
C GLU A 78 2.39 -10.11 2.82
N LEU A 79 3.30 -9.36 3.41
CA LEU A 79 4.06 -9.85 4.55
C LEU A 79 3.14 -9.89 5.78
N ARG A 80 2.46 -8.79 6.01
CA ARG A 80 1.55 -8.69 7.15
C ARG A 80 0.44 -9.74 7.02
N SER A 81 -0.39 -9.56 6.01
CA SER A 81 -1.49 -10.47 5.78
C SER A 81 -1.05 -11.91 6.08
N ALA A 82 0.00 -12.33 5.40
CA ALA A 82 0.53 -13.67 5.59
C ALA A 82 0.90 -13.87 7.05
N ALA A 83 1.72 -12.95 7.56
CA ALA A 83 2.16 -13.01 8.94
C ALA A 83 0.97 -13.41 9.83
N LEU A 84 -0.18 -12.86 9.49
CA LEU A 84 -1.39 -13.14 10.24
C LEU A 84 -1.78 -14.61 10.06
N GLN A 85 -1.89 -15.01 8.80
CA GLN A 85 -2.24 -16.38 8.47
C GLN A 85 -1.29 -17.35 9.16
N SER A 86 -0.01 -17.17 8.87
CA SER A 86 1.02 -18.03 9.45
C SER A 86 0.83 -18.10 10.97
N THR A 87 1.52 -19.06 11.58
CA THR A 87 1.46 -19.24 13.02
C THR A 87 2.83 -19.56 13.58
N GLN A 88 3.20 -20.83 13.48
CA GLN A 88 4.49 -21.28 13.98
C GLN A 88 5.61 -20.37 13.47
N SER A 89 6.39 -19.86 14.41
CA SER A 89 7.49 -18.98 14.07
C SER A 89 7.07 -18.03 12.95
N GLN A 90 6.45 -16.93 13.35
CA GLN A 90 6.00 -15.94 12.39
C GLN A 90 6.54 -14.56 12.76
N GLU A 91 7.07 -13.88 11.76
CA GLU A 91 7.62 -12.55 11.96
C GLU A 91 8.23 -12.01 10.67
N GLU A 92 7.35 -11.76 9.70
CA GLU A 92 7.78 -11.25 8.41
C GLU A 92 7.43 -9.77 8.28
N PHE A 93 6.64 -9.30 9.23
CA PHE A 93 6.22 -7.91 9.23
C PHE A 93 5.24 -7.63 10.37
N LYS A 94 5.79 -7.07 11.45
CA LYS A 94 4.98 -6.75 12.61
C LYS A 94 3.82 -5.85 12.19
N LEU A 95 3.13 -5.33 13.19
CA LEU A 95 1.99 -4.45 12.94
C LEU A 95 2.50 -3.03 12.68
N GLU A 96 3.23 -2.50 13.66
CA GLU A 96 3.78 -1.16 13.56
C GLU A 96 4.43 -0.97 12.19
N ASP A 97 5.16 -1.99 11.76
CA ASP A 97 5.84 -1.94 10.48
C ASP A 97 4.81 -1.73 9.37
N LEU A 98 3.62 -2.28 9.59
CA LEU A 98 2.55 -2.17 8.62
C LEU A 98 1.94 -0.76 8.70
N LYS A 99 1.70 -0.33 9.92
CA LYS A 99 1.13 1.00 10.14
C LYS A 99 2.15 2.06 9.73
N LYS A 100 3.36 1.60 9.49
CA LYS A 100 4.43 2.50 9.08
C LYS A 100 4.20 2.95 7.64
N LEU A 101 3.21 2.33 7.02
CA LEU A 101 2.87 2.65 5.65
C LEU A 101 1.64 3.57 5.63
N GLU A 102 1.00 3.67 6.77
CA GLU A 102 -0.18 4.50 6.90
C GLU A 102 0.13 5.93 6.45
N PRO A 103 1.26 6.48 6.99
CA PRO A 103 1.68 7.83 6.65
C PRO A 103 2.29 7.87 5.24
N ILE A 104 3.20 6.95 5.00
CA ILE A 104 3.87 6.88 3.72
C ILE A 104 2.83 7.05 2.60
N LEU A 105 1.79 6.25 2.68
CA LEU A 105 0.73 6.30 1.69
C LEU A 105 0.10 7.70 1.70
N LYS A 106 0.01 8.26 2.89
CA LYS A 106 -0.56 9.59 3.06
C LYS A 106 0.39 10.63 2.43
N ASN A 107 1.64 10.56 2.85
CA ASN A 107 2.64 11.48 2.35
C ASN A 107 3.26 10.91 1.07
N ILE A 108 2.41 10.23 0.30
CA ILE A 108 2.86 9.64 -0.95
C ILE A 108 3.34 10.74 -1.89
N LEU A 109 2.89 11.95 -1.62
CA LEU A 109 3.26 13.09 -2.43
C LEU A 109 4.55 13.70 -1.88
N THR A 110 4.73 13.56 -0.57
CA THR A 110 5.91 14.09 0.09
C THR A 110 6.72 12.96 0.73
N TYR A 111 6.79 11.86 0.00
CA TYR A 111 7.53 10.69 0.47
C TYR A 111 8.91 10.62 -0.18
N ASN A 112 9.04 11.31 -1.31
CA ASN A 112 10.30 11.32 -2.04
C ASN A 112 10.68 9.89 -2.41
N LYS A 113 11.46 9.27 -1.53
CA LYS A 113 11.90 7.91 -1.76
C LYS A 113 12.69 7.42 -0.54
N GLU A 114 13.36 6.28 -0.73
CA GLU A 114 14.14 5.71 0.34
C GLU A 114 13.25 4.91 1.30
N PHE A 115 12.70 3.83 0.78
CA PHE A 115 11.83 2.98 1.57
C PHE A 115 12.57 2.39 2.77
N PRO A 116 11.86 2.33 3.92
CA PRO A 116 12.44 1.79 5.14
C PRO A 116 12.52 0.27 5.08
N PHE A 117 11.42 -0.34 4.67
CA PHE A 117 11.36 -1.79 4.57
C PHE A 117 11.89 -2.26 3.20
N ASP A 118 12.62 -3.36 3.24
CA ASP A 118 13.18 -3.93 2.02
C ASP A 118 12.08 -4.65 1.23
N VAL A 119 11.29 -3.85 0.52
CA VAL A 119 10.21 -4.39 -0.27
C VAL A 119 10.29 -3.83 -1.70
N GLN A 120 10.42 -4.73 -2.65
CA GLN A 120 10.50 -4.33 -4.04
C GLN A 120 9.12 -3.94 -4.57
N PRO A 121 9.14 -3.13 -5.67
CA PRO A 121 7.89 -2.68 -6.28
C PRO A 121 7.23 -3.80 -7.07
N ILE A 122 5.91 -3.89 -6.92
CA ILE A 122 5.14 -4.91 -7.62
C ILE A 122 4.83 -4.44 -9.03
N SER A 123 5.16 -5.28 -10.00
CA SER A 123 4.92 -4.96 -11.39
C SER A 123 4.20 -6.12 -12.09
N GLY A 124 3.03 -5.82 -12.60
CA GLY A 124 2.23 -6.82 -13.29
C GLY A 124 2.74 -7.05 -14.71
N PRO A 125 1.85 -7.60 -15.57
CA PRO A 125 2.19 -7.87 -16.95
C PRO A 125 2.23 -6.58 -17.77
N SER A 126 3.45 -6.17 -18.10
CA SER A 126 3.64 -4.95 -18.88
C SER A 126 3.57 -5.27 -20.38
N SER A 127 2.79 -4.46 -21.09
CA SER A 127 2.63 -4.65 -22.52
C SER A 127 3.97 -4.51 -23.22
N GLY A 128 4.24 -5.45 -24.11
CA GLY A 128 5.49 -5.45 -24.85
C GLY A 128 5.24 -5.16 -26.34
N GLY A 1 0.88 -2.21 -17.23
CA GLY A 1 0.54 -1.27 -18.29
C GLY A 1 1.10 0.13 -17.98
N SER A 2 1.87 0.65 -18.92
CA SER A 2 2.46 1.97 -18.75
C SER A 2 1.68 3.00 -19.58
N SER A 3 1.48 4.16 -18.97
CA SER A 3 0.76 5.23 -19.64
C SER A 3 1.48 6.57 -19.42
N GLY A 4 1.69 6.90 -18.15
CA GLY A 4 2.36 8.13 -17.80
C GLY A 4 1.37 9.29 -17.70
N SER A 5 0.62 9.28 -16.61
CA SER A 5 -0.37 10.33 -16.37
C SER A 5 -0.11 11.00 -15.02
N SER A 6 -0.21 12.32 -15.02
CA SER A 6 0.00 13.08 -13.80
C SER A 6 -1.07 14.17 -13.67
N GLY A 7 -1.22 14.66 -12.45
CA GLY A 7 -2.20 15.69 -12.18
C GLY A 7 -2.66 15.64 -10.72
N MET A 8 -3.47 14.63 -10.42
CA MET A 8 -3.99 14.44 -9.08
C MET A 8 -4.82 15.65 -8.65
N SER A 9 -6.02 15.36 -8.16
CA SER A 9 -6.92 16.41 -7.71
C SER A 9 -7.83 15.87 -6.60
N GLU A 10 -8.95 15.31 -7.03
CA GLU A 10 -9.91 14.76 -6.09
C GLU A 10 -10.01 13.24 -6.25
N VAL A 11 -9.55 12.77 -7.40
CA VAL A 11 -9.57 11.35 -7.70
C VAL A 11 -8.40 10.67 -7.00
N THR A 12 -7.22 11.23 -7.18
CA THR A 12 -6.02 10.69 -6.58
C THR A 12 -5.95 11.06 -5.10
N ARG A 13 -6.28 12.31 -4.82
CA ARG A 13 -6.26 12.82 -3.46
C ARG A 13 -7.06 11.89 -2.55
N SER A 14 -8.32 11.69 -2.92
CA SER A 14 -9.21 10.83 -2.15
C SER A 14 -8.54 9.47 -1.90
N LEU A 15 -7.82 9.01 -2.92
CA LEU A 15 -7.12 7.73 -2.82
C LEU A 15 -6.26 7.72 -1.56
N LEU A 16 -5.54 8.81 -1.36
CA LEU A 16 -4.67 8.94 -0.20
C LEU A 16 -5.48 8.66 1.07
N GLN A 17 -6.80 8.80 0.94
CA GLN A 17 -7.69 8.57 2.06
C GLN A 17 -8.10 7.10 2.12
N ARG A 18 -8.95 6.71 1.18
CA ARG A 18 -9.42 5.34 1.11
C ARG A 18 -8.28 4.37 1.42
N TRP A 19 -7.14 4.64 0.82
CA TRP A 19 -5.97 3.81 1.02
C TRP A 19 -5.69 3.74 2.52
N GLY A 20 -5.35 4.89 3.08
CA GLY A 20 -5.05 4.97 4.50
C GLY A 20 -6.21 4.42 5.34
N ALA A 21 -7.43 4.67 4.84
CA ALA A 21 -8.61 4.21 5.53
C ALA A 21 -8.57 2.68 5.65
N SER A 22 -8.12 2.05 4.58
CA SER A 22 -8.03 0.60 4.55
C SER A 22 -7.07 0.12 5.64
N LEU A 23 -5.85 0.62 5.57
CA LEU A 23 -4.84 0.25 6.55
C LEU A 23 -5.38 0.47 7.96
N ARG A 24 -5.77 1.70 8.22
CA ARG A 24 -6.32 2.05 9.52
C ARG A 24 -7.27 0.95 10.01
N ARG A 25 -8.24 0.63 9.18
CA ARG A 25 -9.21 -0.40 9.51
C ARG A 25 -8.51 -1.74 9.72
N GLY A 26 -7.75 -2.15 8.70
CA GLY A 26 -7.03 -3.41 8.78
C GLY A 26 -6.38 -3.59 10.14
N ALA A 27 -5.98 -2.47 10.73
CA ALA A 27 -5.34 -2.50 12.04
C ALA A 27 -6.40 -2.70 13.11
N ASP A 28 -7.43 -1.87 13.04
CA ASP A 28 -8.52 -1.94 14.00
C ASP A 28 -8.90 -3.41 14.21
N PHE A 29 -8.85 -4.17 13.13
CA PHE A 29 -9.19 -5.58 13.19
C PHE A 29 -8.10 -6.38 13.90
N ASP A 30 -6.87 -6.18 13.45
CA ASP A 30 -5.73 -6.87 14.03
C ASP A 30 -5.74 -6.68 15.54
N SER A 31 -5.73 -5.41 15.94
CA SER A 31 -5.74 -5.08 17.35
C SER A 31 -6.73 -5.98 18.11
N TRP A 32 -8.00 -5.77 17.82
CA TRP A 32 -9.05 -6.55 18.45
C TRP A 32 -8.68 -8.04 18.32
N GLY A 33 -8.74 -8.53 17.09
CA GLY A 33 -8.42 -9.92 16.83
C GLY A 33 -9.18 -10.43 15.60
N GLN A 34 -9.16 -9.63 14.55
CA GLN A 34 -9.84 -9.99 13.31
C GLN A 34 -8.82 -10.19 12.19
N LEU A 35 -8.04 -11.25 12.31
CA LEU A 35 -7.03 -11.56 11.31
C LEU A 35 -7.70 -11.71 9.95
N VAL A 36 -8.63 -12.65 9.89
CA VAL A 36 -9.36 -12.91 8.66
C VAL A 36 -9.74 -11.58 8.00
N GLU A 37 -10.66 -10.88 8.66
CA GLU A 37 -11.11 -9.59 8.16
C GLU A 37 -9.92 -8.68 7.87
N ALA A 38 -8.97 -8.68 8.79
CA ALA A 38 -7.79 -7.86 8.64
C ALA A 38 -7.11 -8.18 7.30
N ILE A 39 -6.66 -9.43 7.20
CA ILE A 39 -6.01 -9.88 5.99
C ILE A 39 -6.73 -9.31 4.77
N ASP A 40 -8.00 -9.66 4.67
CA ASP A 40 -8.83 -9.18 3.56
C ASP A 40 -8.50 -7.72 3.28
N GLU A 41 -8.69 -6.89 4.30
CA GLU A 41 -8.42 -5.48 4.17
C GLU A 41 -7.03 -5.24 3.59
N TYR A 42 -6.03 -5.59 4.38
CA TYR A 42 -4.65 -5.42 3.95
C TYR A 42 -4.46 -5.88 2.50
N GLN A 43 -4.75 -7.16 2.27
CA GLN A 43 -4.63 -7.74 0.94
C GLN A 43 -5.33 -6.85 -0.08
N ILE A 44 -6.63 -6.71 0.09
CA ILE A 44 -7.43 -5.90 -0.81
C ILE A 44 -6.67 -4.61 -1.13
N LEU A 45 -6.29 -3.91 -0.07
CA LEU A 45 -5.56 -2.65 -0.22
C LEU A 45 -4.33 -2.89 -1.09
N ALA A 46 -3.69 -4.04 -0.86
CA ALA A 46 -2.50 -4.39 -1.61
C ALA A 46 -2.84 -4.43 -3.10
N ARG A 47 -3.92 -5.11 -3.42
CA ARG A 47 -4.36 -5.23 -4.80
C ARG A 47 -4.58 -3.84 -5.40
N HIS A 48 -5.29 -3.01 -4.64
CA HIS A 48 -5.59 -1.66 -5.09
C HIS A 48 -4.29 -0.94 -5.44
N LEU A 49 -3.35 -0.98 -4.51
CA LEU A 49 -2.06 -0.35 -4.71
C LEU A 49 -1.56 -0.65 -6.12
N GLN A 50 -1.66 -1.91 -6.49
CA GLN A 50 -1.23 -2.34 -7.81
C GLN A 50 -1.99 -1.58 -8.90
N LYS A 51 -3.31 -1.54 -8.73
CA LYS A 51 -4.16 -0.85 -9.68
C LYS A 51 -3.48 0.46 -10.12
N GLU A 52 -2.72 1.03 -9.21
CA GLU A 52 -2.02 2.27 -9.48
C GLU A 52 -0.58 1.98 -9.91
N ALA A 53 -0.01 0.96 -9.29
CA ALA A 53 1.36 0.57 -9.61
C ALA A 53 1.41 -0.01 -11.02
N GLN A 54 0.69 -1.10 -11.21
CA GLN A 54 0.65 -1.75 -12.51
C GLN A 54 -0.11 -0.88 -13.51
N ALA A 55 -1.11 -0.18 -13.01
CA ALA A 55 -1.92 0.68 -13.85
C ALA A 55 -2.16 0.01 -15.21
N GLN A 56 -2.80 -1.14 -15.15
CA GLN A 56 -3.08 -1.89 -16.37
C GLN A 56 -4.21 -1.22 -17.16
N HIS A 57 -5.41 -1.30 -16.60
CA HIS A 57 -6.57 -0.70 -17.25
C HIS A 57 -6.54 0.82 -17.05
N ASN A 58 -6.41 1.21 -15.80
CA ASN A 58 -6.38 2.63 -15.46
C ASN A 58 -4.93 3.13 -15.56
N ASN A 59 -4.79 4.45 -15.57
CA ASN A 59 -3.49 5.06 -15.67
C ASN A 59 -3.22 5.91 -14.41
N SER A 60 -2.56 5.29 -13.45
CA SER A 60 -2.25 5.98 -12.21
C SER A 60 -1.80 7.42 -12.50
N GLU A 61 -2.36 8.35 -11.72
CA GLU A 61 -2.03 9.75 -11.89
C GLU A 61 -0.85 10.13 -10.99
N PHE A 62 -0.11 9.10 -10.58
CA PHE A 62 1.04 9.32 -9.71
C PHE A 62 2.35 9.25 -10.51
N THR A 63 3.43 9.59 -9.83
CA THR A 63 4.74 9.57 -10.46
C THR A 63 5.42 8.21 -10.23
N GLU A 64 6.40 7.93 -11.08
CA GLU A 64 7.13 6.68 -10.98
C GLU A 64 7.37 6.32 -9.52
N GLU A 65 8.08 7.21 -8.82
CA GLU A 65 8.37 7.00 -7.42
C GLU A 65 7.14 6.49 -6.68
N GLN A 66 6.11 7.33 -6.67
CA GLN A 66 4.87 6.99 -6.00
C GLN A 66 4.45 5.56 -6.35
N LYS A 67 4.30 5.32 -7.65
CA LYS A 67 3.91 4.01 -8.13
C LYS A 67 4.76 2.95 -7.45
N LYS A 68 6.07 3.14 -7.52
CA LYS A 68 7.00 2.21 -6.92
C LYS A 68 6.58 1.94 -5.47
N THR A 69 6.56 3.01 -4.68
CA THR A 69 6.18 2.89 -3.29
C THR A 69 4.80 2.23 -3.16
N ILE A 70 3.85 2.74 -3.93
CA ILE A 70 2.51 2.20 -3.92
C ILE A 70 2.57 0.68 -3.90
N GLY A 71 3.33 0.13 -4.84
CA GLY A 71 3.47 -1.31 -4.93
C GLY A 71 4.15 -1.88 -3.69
N LYS A 72 5.34 -1.37 -3.42
CA LYS A 72 6.10 -1.81 -2.26
C LYS A 72 5.15 -2.02 -1.08
N ILE A 73 4.37 -0.98 -0.80
CA ILE A 73 3.42 -1.03 0.30
C ILE A 73 2.70 -2.37 0.28
N ALA A 74 2.19 -2.71 -0.91
CA ALA A 74 1.46 -3.96 -1.08
C ALA A 74 2.33 -5.11 -0.59
N THR A 75 3.50 -5.23 -1.19
CA THR A 75 4.43 -6.29 -0.82
C THR A 75 4.46 -6.47 0.70
N CYS A 76 4.59 -5.34 1.39
CA CYS A 76 4.62 -5.37 2.84
C CYS A 76 3.35 -6.05 3.35
N LEU A 77 2.23 -5.63 2.77
CA LEU A 77 0.95 -6.19 3.15
C LEU A 77 1.02 -7.71 3.09
N GLU A 78 1.37 -8.22 1.92
CA GLU A 78 1.47 -9.65 1.71
C GLU A 78 2.19 -10.31 2.90
N LEU A 79 3.07 -9.53 3.52
CA LEU A 79 3.82 -10.02 4.65
C LEU A 79 2.93 -10.01 5.90
N ARG A 80 2.42 -8.83 6.20
CA ARG A 80 1.55 -8.67 7.35
C ARG A 80 0.48 -9.76 7.36
N SER A 81 -0.41 -9.69 6.38
CA SER A 81 -1.48 -10.67 6.27
C SER A 81 -0.95 -12.06 6.57
N ALA A 82 -0.04 -12.52 5.72
CA ALA A 82 0.56 -13.83 5.89
C ALA A 82 1.02 -14.00 7.34
N ALA A 83 1.81 -13.04 7.77
CA ALA A 83 2.33 -13.07 9.14
C ALA A 83 1.22 -13.49 10.10
N LEU A 84 0.03 -12.97 9.83
CA LEU A 84 -1.13 -13.28 10.67
C LEU A 84 -1.45 -14.77 10.54
N GLN A 85 -1.62 -15.20 9.31
CA GLN A 85 -1.93 -16.61 9.03
C GLN A 85 -0.87 -17.51 9.64
N SER A 86 0.38 -17.13 9.43
CA SER A 86 1.50 -17.91 9.95
C SER A 86 1.36 -18.06 11.47
N THR A 87 2.12 -19.01 12.00
CA THR A 87 2.09 -19.27 13.43
C THR A 87 3.37 -19.98 13.88
N GLN A 88 3.55 -21.19 13.37
CA GLN A 88 4.73 -21.97 13.71
C GLN A 88 5.96 -21.07 13.76
N SER A 89 6.16 -20.32 12.69
CA SER A 89 7.29 -19.42 12.60
C SER A 89 6.81 -17.97 12.46
N GLN A 90 6.88 -17.25 13.56
CA GLN A 90 6.45 -15.85 13.56
C GLN A 90 7.67 -14.92 13.59
N GLU A 91 7.90 -14.28 12.46
CA GLU A 91 9.02 -13.36 12.35
C GLU A 91 8.90 -12.53 11.06
N GLU A 92 7.67 -12.17 10.74
CA GLU A 92 7.40 -11.39 9.55
C GLU A 92 6.99 -9.96 9.93
N PHE A 93 6.56 -9.22 8.93
CA PHE A 93 6.13 -7.84 9.15
C PHE A 93 5.26 -7.73 10.40
N LYS A 94 5.45 -6.63 11.11
CA LYS A 94 4.70 -6.38 12.33
C LYS A 94 3.64 -5.31 12.06
N LEU A 95 3.02 -4.86 13.15
CA LEU A 95 2.00 -3.83 13.04
C LEU A 95 2.66 -2.47 12.84
N GLU A 96 3.52 -2.13 13.79
CA GLU A 96 4.23 -0.86 13.74
C GLU A 96 4.85 -0.66 12.35
N ASP A 97 5.32 -1.76 11.78
CA ASP A 97 5.94 -1.72 10.47
C ASP A 97 4.86 -1.47 9.41
N LEU A 98 3.67 -1.97 9.70
CA LEU A 98 2.56 -1.80 8.78
C LEU A 98 2.02 -0.37 8.88
N LYS A 99 1.74 0.04 10.11
CA LYS A 99 1.22 1.38 10.35
C LYS A 99 2.18 2.40 9.73
N LYS A 100 3.41 1.96 9.50
CA LYS A 100 4.42 2.82 8.92
C LYS A 100 4.05 3.12 7.47
N LEU A 101 3.04 2.41 6.99
CA LEU A 101 2.59 2.60 5.62
C LEU A 101 1.40 3.55 5.62
N GLU A 102 0.97 3.93 6.81
CA GLU A 102 -0.16 4.82 6.96
C GLU A 102 0.21 6.23 6.49
N PRO A 103 1.38 6.72 7.01
CA PRO A 103 1.86 8.03 6.64
C PRO A 103 2.45 8.04 5.23
N ILE A 104 2.97 6.89 4.83
CA ILE A 104 3.56 6.75 3.52
C ILE A 104 2.48 6.95 2.46
N LEU A 105 1.37 6.28 2.66
CA LEU A 105 0.25 6.38 1.73
C LEU A 105 -0.35 7.78 1.82
N LYS A 106 -0.29 8.35 3.01
CA LYS A 106 -0.82 9.68 3.23
C LYS A 106 0.10 10.71 2.58
N ASN A 107 1.37 10.63 2.92
CA ASN A 107 2.36 11.55 2.39
C ASN A 107 2.95 10.95 1.10
N ILE A 108 2.21 10.02 0.52
CA ILE A 108 2.65 9.36 -0.69
C ILE A 108 3.30 10.40 -1.62
N LEU A 109 2.71 11.59 -1.63
CA LEU A 109 3.22 12.67 -2.45
C LEU A 109 4.51 13.21 -1.83
N THR A 110 4.42 13.58 -0.56
CA THR A 110 5.55 14.12 0.16
C THR A 110 6.24 13.03 0.98
N TYR A 111 6.47 11.90 0.32
CA TYR A 111 7.10 10.76 0.97
C TYR A 111 8.51 10.53 0.41
N ASN A 112 9.44 10.29 1.33
CA ASN A 112 10.82 10.05 0.95
C ASN A 112 10.97 8.61 0.46
N LYS A 113 11.57 8.48 -0.72
CA LYS A 113 11.77 7.17 -1.30
C LYS A 113 12.65 6.33 -0.38
N GLU A 114 13.09 5.19 -0.89
CA GLU A 114 13.94 4.30 -0.12
C GLU A 114 13.17 3.73 1.08
N PHE A 115 12.19 2.88 0.76
CA PHE A 115 11.38 2.27 1.78
C PHE A 115 12.21 1.90 3.02
N PRO A 116 11.57 1.98 4.20
CA PRO A 116 12.24 1.65 5.45
C PRO A 116 12.41 0.15 5.60
N PHE A 117 11.69 -0.59 4.79
CA PHE A 117 11.75 -2.04 4.82
C PHE A 117 12.12 -2.60 3.45
N ASP A 118 12.71 -3.80 3.48
CA ASP A 118 13.12 -4.46 2.25
C ASP A 118 11.90 -5.09 1.58
N VAL A 119 11.28 -4.32 0.70
CA VAL A 119 10.10 -4.78 -0.01
C VAL A 119 10.12 -4.23 -1.44
N GLN A 120 10.29 -5.14 -2.39
CA GLN A 120 10.33 -4.76 -3.79
C GLN A 120 8.95 -4.27 -4.24
N PRO A 121 8.96 -3.45 -5.33
CA PRO A 121 7.73 -2.91 -5.87
C PRO A 121 6.95 -3.99 -6.65
N ILE A 122 5.63 -3.89 -6.55
CA ILE A 122 4.77 -4.83 -7.24
C ILE A 122 5.13 -4.88 -8.72
N SER A 123 4.37 -4.13 -9.51
CA SER A 123 4.60 -4.08 -10.94
C SER A 123 6.09 -4.07 -11.24
N GLY A 124 6.45 -4.61 -12.39
CA GLY A 124 7.85 -4.67 -12.79
C GLY A 124 8.18 -3.55 -13.79
N PRO A 125 9.06 -3.89 -14.76
CA PRO A 125 9.47 -2.92 -15.76
C PRO A 125 8.37 -2.71 -16.80
N SER A 126 7.82 -1.50 -16.80
CA SER A 126 6.76 -1.16 -17.73
C SER A 126 7.32 -1.07 -19.15
N SER A 127 6.40 -0.94 -20.10
CA SER A 127 6.79 -0.85 -21.50
C SER A 127 5.66 -0.22 -22.32
N GLY A 128 6.03 0.78 -23.11
CA GLY A 128 5.06 1.46 -23.94
C GLY A 128 5.75 2.43 -24.91
N GLY A 1 -4.36 8.77 -23.51
CA GLY A 1 -2.93 8.57 -23.45
C GLY A 1 -2.33 9.22 -22.20
N SER A 2 -1.57 10.28 -22.43
CA SER A 2 -0.94 11.00 -21.33
C SER A 2 -1.43 12.45 -21.30
N SER A 3 -1.49 13.00 -20.10
CA SER A 3 -1.94 14.37 -19.93
C SER A 3 -0.74 15.33 -20.03
N GLY A 4 0.20 15.15 -19.11
CA GLY A 4 1.39 15.98 -19.10
C GLY A 4 2.01 16.01 -17.70
N SER A 5 1.63 17.00 -16.92
CA SER A 5 2.14 17.14 -15.57
C SER A 5 1.01 17.57 -14.63
N SER A 6 0.62 16.63 -13.77
CA SER A 6 -0.44 16.88 -12.81
C SER A 6 -0.27 15.99 -11.58
N GLY A 7 -0.51 16.58 -10.43
CA GLY A 7 -0.37 15.85 -9.18
C GLY A 7 -1.64 16.01 -8.32
N MET A 8 -2.27 14.88 -8.03
CA MET A 8 -3.48 14.88 -7.23
C MET A 8 -4.61 15.64 -7.93
N SER A 9 -5.79 15.03 -7.92
CA SER A 9 -6.94 15.66 -8.56
C SER A 9 -8.22 14.95 -8.09
N GLU A 10 -8.54 15.16 -6.81
CA GLU A 10 -9.73 14.56 -6.24
C GLU A 10 -9.60 13.04 -6.22
N VAL A 11 -9.79 12.45 -7.38
CA VAL A 11 -9.71 11.01 -7.51
C VAL A 11 -8.53 10.49 -6.67
N THR A 12 -7.38 11.10 -6.91
CA THR A 12 -6.17 10.72 -6.19
C THR A 12 -6.28 11.13 -4.72
N ARG A 13 -6.91 12.28 -4.49
CA ARG A 13 -7.09 12.78 -3.14
C ARG A 13 -7.93 11.81 -2.32
N SER A 14 -8.84 11.13 -3.00
CA SER A 14 -9.71 10.17 -2.36
C SER A 14 -8.97 8.85 -2.14
N LEU A 15 -7.96 8.63 -2.96
CA LEU A 15 -7.16 7.42 -2.86
C LEU A 15 -6.35 7.44 -1.57
N LEU A 16 -5.43 8.40 -1.51
CA LEU A 16 -4.57 8.54 -0.35
C LEU A 16 -5.41 8.36 0.92
N GLN A 17 -6.69 8.69 0.79
CA GLN A 17 -7.61 8.57 1.92
C GLN A 17 -8.20 7.15 1.97
N ARG A 18 -9.02 6.86 0.97
CA ARG A 18 -9.65 5.55 0.89
C ARG A 18 -8.64 4.45 1.19
N TRP A 19 -7.40 4.70 0.79
CA TRP A 19 -6.33 3.74 1.02
C TRP A 19 -6.07 3.67 2.53
N GLY A 20 -5.59 4.78 3.06
CA GLY A 20 -5.29 4.87 4.48
C GLY A 20 -6.50 4.42 5.32
N ALA A 21 -7.68 4.56 4.72
CA ALA A 21 -8.91 4.18 5.40
C ALA A 21 -8.97 2.66 5.50
N SER A 22 -8.18 2.00 4.67
CA SER A 22 -8.15 0.55 4.64
C SER A 22 -7.16 0.04 5.70
N LEU A 23 -5.92 0.51 5.58
CA LEU A 23 -4.88 0.10 6.51
C LEU A 23 -5.38 0.29 7.94
N ARG A 24 -5.73 1.53 8.26
CA ARG A 24 -6.23 1.85 9.58
C ARG A 24 -7.26 0.81 10.03
N ARG A 25 -8.36 0.78 9.30
CA ARG A 25 -9.43 -0.16 9.61
C ARG A 25 -8.87 -1.57 9.81
N GLY A 26 -7.78 -1.84 9.10
CA GLY A 26 -7.14 -3.14 9.18
C GLY A 26 -6.53 -3.36 10.57
N ALA A 27 -6.05 -2.27 11.14
CA ALA A 27 -5.44 -2.32 12.46
C ALA A 27 -6.53 -2.60 13.51
N ASP A 28 -7.66 -1.94 13.32
CA ASP A 28 -8.77 -2.10 14.24
C ASP A 28 -9.00 -3.59 14.50
N PHE A 29 -8.89 -4.37 13.43
CA PHE A 29 -9.08 -5.81 13.53
C PHE A 29 -7.90 -6.47 14.23
N ASP A 30 -6.71 -6.22 13.69
CA ASP A 30 -5.50 -6.79 14.25
C ASP A 30 -5.50 -6.58 15.77
N SER A 31 -5.82 -5.36 16.17
CA SER A 31 -5.86 -5.02 17.59
C SER A 31 -6.92 -5.87 18.29
N TRP A 32 -8.18 -5.57 17.99
CA TRP A 32 -9.28 -6.29 18.58
C TRP A 32 -8.97 -7.79 18.49
N GLY A 33 -9.10 -8.30 17.28
CA GLY A 33 -8.84 -9.72 17.04
C GLY A 33 -9.58 -10.20 15.79
N GLN A 34 -9.53 -9.39 14.76
CA GLN A 34 -10.19 -9.73 13.51
C GLN A 34 -9.16 -9.98 12.41
N LEU A 35 -8.16 -10.80 12.75
CA LEU A 35 -7.12 -11.13 11.81
C LEU A 35 -7.72 -11.38 10.43
N VAL A 36 -8.70 -12.28 10.40
CA VAL A 36 -9.36 -12.62 9.15
C VAL A 36 -9.60 -11.34 8.35
N GLU A 37 -10.55 -10.54 8.82
CA GLU A 37 -10.88 -9.29 8.16
C GLU A 37 -9.60 -8.51 7.84
N ALA A 38 -8.70 -8.48 8.82
CA ALA A 38 -7.44 -7.77 8.66
C ALA A 38 -6.79 -8.18 7.34
N ILE A 39 -6.58 -9.48 7.20
CA ILE A 39 -5.97 -10.02 5.99
C ILE A 39 -6.71 -9.47 4.77
N ASP A 40 -8.01 -9.68 4.77
CA ASP A 40 -8.84 -9.22 3.67
C ASP A 40 -8.52 -7.76 3.37
N GLU A 41 -8.64 -6.94 4.42
CA GLU A 41 -8.36 -5.51 4.28
C GLU A 41 -7.00 -5.29 3.62
N TYR A 42 -5.96 -5.64 4.36
CA TYR A 42 -4.59 -5.48 3.86
C TYR A 42 -4.50 -5.93 2.41
N GLN A 43 -4.70 -7.23 2.21
CA GLN A 43 -4.63 -7.79 0.87
C GLN A 43 -5.35 -6.89 -0.12
N ILE A 44 -6.63 -6.68 0.12
CA ILE A 44 -7.44 -5.84 -0.75
C ILE A 44 -6.65 -4.58 -1.10
N LEU A 45 -6.33 -3.81 -0.07
CA LEU A 45 -5.58 -2.58 -0.25
C LEU A 45 -4.34 -2.86 -1.08
N ALA A 46 -3.73 -4.01 -0.81
CA ALA A 46 -2.53 -4.43 -1.52
C ALA A 46 -2.83 -4.52 -3.01
N ARG A 47 -3.85 -5.31 -3.33
CA ARG A 47 -4.25 -5.49 -4.71
C ARG A 47 -4.66 -4.16 -5.33
N HIS A 48 -5.12 -3.27 -4.47
CA HIS A 48 -5.55 -1.95 -4.91
C HIS A 48 -4.33 -1.08 -5.24
N LEU A 49 -3.30 -1.26 -4.42
CA LEU A 49 -2.06 -0.51 -4.60
C LEU A 49 -1.52 -0.77 -6.00
N GLN A 50 -1.41 -2.05 -6.33
CA GLN A 50 -0.90 -2.44 -7.63
C GLN A 50 -1.68 -1.75 -8.74
N LYS A 51 -3.00 -1.72 -8.57
CA LYS A 51 -3.87 -1.08 -9.55
C LYS A 51 -3.19 0.18 -10.09
N GLU A 52 -2.41 0.81 -9.21
CA GLU A 52 -1.71 2.02 -9.58
C GLU A 52 -0.29 1.70 -10.03
N ALA A 53 0.33 0.78 -9.31
CA ALA A 53 1.69 0.37 -9.62
C ALA A 53 1.73 -0.20 -11.04
N GLN A 54 0.60 -0.76 -11.46
CA GLN A 54 0.50 -1.33 -12.79
C GLN A 54 -0.56 -0.60 -13.60
N ALA A 55 -0.70 0.69 -13.34
CA ALA A 55 -1.67 1.51 -14.03
C ALA A 55 -1.63 1.18 -15.53
N GLN A 56 -2.76 0.68 -16.02
CA GLN A 56 -2.86 0.31 -17.42
C GLN A 56 -2.33 1.44 -18.30
N HIS A 57 -1.33 1.10 -19.11
CA HIS A 57 -0.72 2.07 -20.00
C HIS A 57 -0.55 3.40 -19.27
N ASN A 58 -0.09 3.31 -18.03
CA ASN A 58 0.13 4.49 -17.21
C ASN A 58 -1.08 5.42 -17.36
N ASN A 59 -2.07 5.19 -16.51
CA ASN A 59 -3.28 6.00 -16.53
C ASN A 59 -3.57 6.51 -15.12
N SER A 60 -2.67 7.34 -14.61
CA SER A 60 -2.82 7.91 -13.29
C SER A 60 -2.05 9.23 -13.18
N GLU A 61 -2.23 9.89 -12.04
CA GLU A 61 -1.56 11.15 -11.80
C GLU A 61 -0.40 10.97 -10.82
N PHE A 62 0.09 9.74 -10.77
CA PHE A 62 1.20 9.43 -9.88
C PHE A 62 2.50 9.21 -10.66
N THR A 63 3.60 9.56 -10.00
CA THR A 63 4.90 9.42 -10.63
C THR A 63 5.53 8.07 -10.25
N GLU A 64 6.44 7.62 -11.11
CA GLU A 64 7.11 6.35 -10.89
C GLU A 64 7.56 6.24 -9.42
N GLU A 65 8.32 7.23 -9.00
CA GLU A 65 8.83 7.25 -7.64
C GLU A 65 7.69 7.01 -6.65
N GLN A 66 6.52 7.49 -7.00
CA GLN A 66 5.35 7.32 -6.16
C GLN A 66 4.76 5.91 -6.34
N LYS A 67 4.59 5.54 -7.60
CA LYS A 67 4.03 4.24 -7.92
C LYS A 67 4.94 3.15 -7.33
N LYS A 68 6.21 3.22 -7.71
CA LYS A 68 7.18 2.25 -7.23
C LYS A 68 6.98 2.02 -5.74
N THR A 69 6.52 3.07 -5.06
CA THR A 69 6.27 2.99 -3.64
C THR A 69 4.91 2.36 -3.36
N ILE A 70 3.93 2.76 -4.17
CA ILE A 70 2.59 2.25 -4.03
C ILE A 70 2.62 0.72 -3.99
N GLY A 71 3.41 0.15 -4.89
CA GLY A 71 3.55 -1.29 -4.97
C GLY A 71 4.23 -1.84 -3.72
N LYS A 72 5.37 -1.25 -3.38
CA LYS A 72 6.12 -1.67 -2.22
C LYS A 72 5.16 -1.85 -1.03
N ILE A 73 4.43 -0.78 -0.76
CA ILE A 73 3.47 -0.80 0.34
C ILE A 73 2.71 -2.13 0.34
N ALA A 74 2.17 -2.45 -0.83
CA ALA A 74 1.43 -3.69 -0.98
C ALA A 74 2.29 -4.87 -0.53
N THR A 75 3.46 -4.96 -1.13
CA THR A 75 4.39 -6.03 -0.79
C THR A 75 4.35 -6.33 0.70
N CYS A 76 4.50 -5.27 1.49
CA CYS A 76 4.49 -5.40 2.94
C CYS A 76 3.21 -6.13 3.34
N LEU A 77 2.09 -5.58 2.87
CA LEU A 77 0.79 -6.17 3.17
C LEU A 77 0.89 -7.69 3.10
N GLU A 78 1.22 -8.17 1.91
CA GLU A 78 1.35 -9.60 1.69
C GLU A 78 2.05 -10.26 2.88
N LEU A 79 3.12 -9.61 3.34
CA LEU A 79 3.88 -10.12 4.46
C LEU A 79 3.00 -10.12 5.72
N ARG A 80 2.33 -8.99 5.93
CA ARG A 80 1.46 -8.85 7.08
C ARG A 80 0.32 -9.87 7.00
N SER A 81 -0.44 -9.78 5.92
CA SER A 81 -1.56 -10.68 5.72
C SER A 81 -1.15 -12.12 6.07
N ALA A 82 -0.02 -12.53 5.50
CA ALA A 82 0.49 -13.87 5.73
C ALA A 82 0.86 -14.01 7.21
N ALA A 83 1.59 -13.02 7.70
CA ALA A 83 2.02 -13.02 9.09
C ALA A 83 0.86 -13.48 9.98
N LEU A 84 -0.31 -12.92 9.70
CA LEU A 84 -1.50 -13.27 10.47
C LEU A 84 -1.77 -14.76 10.33
N GLN A 85 -1.85 -15.21 9.08
CA GLN A 85 -2.10 -16.61 8.81
C GLN A 85 -1.02 -17.48 9.45
N SER A 86 0.19 -16.97 9.43
CA SER A 86 1.32 -17.69 10.02
C SER A 86 1.20 -17.71 11.53
N THR A 87 1.31 -18.91 12.09
CA THR A 87 1.22 -19.09 13.53
C THR A 87 2.43 -19.88 14.05
N GLN A 88 2.74 -19.65 15.32
CA GLN A 88 3.85 -20.33 15.95
C GLN A 88 5.18 -19.78 15.41
N SER A 89 5.34 -19.91 14.10
CA SER A 89 6.55 -19.44 13.45
C SER A 89 6.26 -18.15 12.68
N GLN A 90 6.34 -17.04 13.39
CA GLN A 90 6.09 -15.75 12.79
C GLN A 90 7.36 -14.89 12.80
N GLU A 91 7.74 -14.44 11.62
CA GLU A 91 8.93 -13.62 11.49
C GLU A 91 8.82 -12.71 10.26
N GLU A 92 7.59 -12.44 9.88
CA GLU A 92 7.34 -11.59 8.73
C GLU A 92 7.13 -10.13 9.16
N PHE A 93 6.24 -9.46 8.46
CA PHE A 93 5.95 -8.06 8.76
C PHE A 93 5.13 -7.95 10.05
N LYS A 94 5.34 -6.85 10.75
CA LYS A 94 4.63 -6.60 11.98
C LYS A 94 3.56 -5.52 11.76
N LEU A 95 2.99 -5.06 12.86
CA LEU A 95 1.96 -4.04 12.80
C LEU A 95 2.62 -2.67 12.60
N GLU A 96 3.54 -2.35 13.50
CA GLU A 96 4.25 -1.08 13.44
C GLU A 96 4.78 -0.85 12.01
N ASP A 97 5.47 -1.86 11.52
CA ASP A 97 6.05 -1.77 10.18
C ASP A 97 4.92 -1.57 9.15
N LEU A 98 3.77 -2.13 9.48
CA LEU A 98 2.61 -2.01 8.60
C LEU A 98 2.05 -0.59 8.69
N LYS A 99 1.69 -0.20 9.90
CA LYS A 99 1.15 1.13 10.13
C LYS A 99 2.15 2.18 9.66
N LYS A 100 3.39 1.73 9.50
CA LYS A 100 4.45 2.62 9.05
C LYS A 100 4.17 3.06 7.62
N LEU A 101 3.20 2.40 7.00
CA LEU A 101 2.82 2.72 5.64
C LEU A 101 1.59 3.63 5.64
N GLU A 102 1.06 3.84 6.85
CA GLU A 102 -0.11 4.68 7.00
C GLU A 102 0.19 6.11 6.55
N PRO A 103 1.35 6.63 7.03
CA PRO A 103 1.77 7.98 6.67
C PRO A 103 2.30 8.03 5.25
N ILE A 104 3.15 7.06 4.92
CA ILE A 104 3.72 6.98 3.59
C ILE A 104 2.63 7.20 2.55
N LEU A 105 1.57 6.42 2.68
CA LEU A 105 0.45 6.51 1.76
C LEU A 105 -0.13 7.93 1.81
N LYS A 106 -0.02 8.54 2.99
CA LYS A 106 -0.51 9.89 3.18
C LYS A 106 0.44 10.89 2.52
N ASN A 107 1.72 10.71 2.81
CA ASN A 107 2.74 11.59 2.26
C ASN A 107 3.25 11.00 0.95
N ILE A 108 2.41 10.18 0.33
CA ILE A 108 2.75 9.56 -0.93
C ILE A 108 3.20 10.63 -1.93
N LEU A 109 2.49 11.76 -1.88
CA LEU A 109 2.80 12.86 -2.77
C LEU A 109 4.12 13.50 -2.34
N THR A 110 4.22 13.79 -1.05
CA THR A 110 5.42 14.40 -0.50
C THR A 110 6.39 13.32 -0.02
N TYR A 111 6.42 12.22 -0.76
CA TYR A 111 7.31 11.12 -0.41
C TYR A 111 8.64 11.24 -1.14
N ASN A 112 9.71 11.02 -0.39
CA ASN A 112 11.05 11.10 -0.95
C ASN A 112 11.39 9.77 -1.64
N LYS A 113 11.97 8.87 -0.85
CA LYS A 113 12.34 7.57 -1.37
C LYS A 113 13.11 6.80 -0.29
N GLU A 114 13.73 5.71 -0.72
CA GLU A 114 14.49 4.88 0.21
C GLU A 114 13.58 3.87 0.90
N PHE A 115 12.45 4.37 1.37
CA PHE A 115 11.48 3.52 2.05
C PHE A 115 12.04 3.00 3.38
N PRO A 116 11.12 2.80 4.36
CA PRO A 116 11.52 2.31 5.67
C PRO A 116 11.84 0.81 5.61
N PHE A 117 11.72 0.25 4.41
CA PHE A 117 11.99 -1.16 4.21
C PHE A 117 12.55 -1.41 2.80
N ASP A 118 12.98 -2.65 2.59
CA ASP A 118 13.54 -3.04 1.30
C ASP A 118 12.85 -4.32 0.82
N VAL A 119 11.75 -4.12 0.12
CA VAL A 119 10.99 -5.25 -0.41
C VAL A 119 10.69 -5.00 -1.89
N GLN A 120 11.10 -5.95 -2.71
CA GLN A 120 10.89 -5.86 -4.14
C GLN A 120 9.52 -5.25 -4.44
N PRO A 121 9.53 -4.11 -5.17
CA PRO A 121 8.30 -3.42 -5.51
C PRO A 121 7.56 -4.16 -6.63
N ILE A 122 6.28 -4.42 -6.37
CA ILE A 122 5.45 -5.12 -7.34
C ILE A 122 5.58 -4.44 -8.71
N SER A 123 4.63 -3.58 -9.00
CA SER A 123 4.62 -2.86 -10.26
C SER A 123 4.26 -3.81 -11.41
N GLY A 124 5.07 -4.85 -11.55
CA GLY A 124 4.84 -5.84 -12.59
C GLY A 124 3.83 -6.90 -12.13
N PRO A 125 3.72 -7.98 -12.95
CA PRO A 125 2.80 -9.06 -12.64
C PRO A 125 3.34 -9.93 -11.51
N SER A 126 2.46 -10.28 -10.59
CA SER A 126 2.83 -11.11 -9.46
C SER A 126 3.19 -12.51 -9.93
N SER A 127 4.48 -12.82 -9.88
CA SER A 127 4.95 -14.11 -10.31
C SER A 127 4.58 -15.18 -9.27
N GLY A 128 3.49 -15.86 -9.54
CA GLY A 128 3.02 -16.90 -8.64
C GLY A 128 1.50 -16.86 -8.50
N GLY A 1 -9.56 17.41 -25.83
CA GLY A 1 -10.91 16.91 -25.66
C GLY A 1 -10.92 15.71 -24.70
N SER A 2 -10.70 16.00 -23.43
CA SER A 2 -10.69 14.96 -22.41
C SER A 2 -10.85 15.60 -21.03
N SER A 3 -11.30 14.77 -20.09
CA SER A 3 -11.50 15.22 -18.72
C SER A 3 -10.28 14.87 -17.87
N GLY A 4 -9.57 15.91 -17.46
CA GLY A 4 -8.37 15.73 -16.65
C GLY A 4 -7.46 16.95 -16.74
N SER A 5 -6.93 17.33 -15.59
CA SER A 5 -6.04 18.48 -15.52
C SER A 5 -5.28 18.48 -14.19
N SER A 6 -3.97 18.62 -14.29
CA SER A 6 -3.12 18.64 -13.11
C SER A 6 -3.10 17.25 -12.47
N GLY A 7 -2.03 16.99 -11.72
CA GLY A 7 -1.88 15.71 -11.04
C GLY A 7 -2.94 15.54 -9.95
N MET A 8 -2.49 15.64 -8.71
CA MET A 8 -3.38 15.49 -7.58
C MET A 8 -4.39 16.64 -7.53
N SER A 9 -5.63 16.28 -7.20
CA SER A 9 -6.70 17.27 -7.12
C SER A 9 -7.74 16.82 -6.09
N GLU A 10 -8.82 16.24 -6.59
CA GLU A 10 -9.89 15.76 -5.73
C GLU A 10 -10.13 14.28 -5.96
N VAL A 11 -9.41 13.73 -6.93
CA VAL A 11 -9.55 12.32 -7.26
C VAL A 11 -8.39 11.55 -6.61
N THR A 12 -7.26 12.22 -6.50
CA THR A 12 -6.08 11.61 -5.91
C THR A 12 -6.12 11.73 -4.38
N ARG A 13 -6.55 12.91 -3.93
CA ARG A 13 -6.63 13.16 -2.50
C ARG A 13 -7.54 12.13 -1.83
N SER A 14 -8.51 11.66 -2.59
CA SER A 14 -9.45 10.67 -2.08
C SER A 14 -8.85 9.26 -2.21
N LEU A 15 -7.90 9.14 -3.13
CA LEU A 15 -7.25 7.86 -3.35
C LEU A 15 -6.33 7.55 -2.17
N LEU A 16 -5.76 8.61 -1.61
CA LEU A 16 -4.86 8.47 -0.47
C LEU A 16 -5.69 8.25 0.80
N GLN A 17 -6.74 9.04 0.92
CA GLN A 17 -7.61 8.95 2.09
C GLN A 17 -8.23 7.56 2.18
N ARG A 18 -8.45 6.97 1.01
CA ARG A 18 -9.04 5.64 0.95
C ARG A 18 -7.97 4.58 1.24
N TRP A 19 -6.81 4.77 0.64
CA TRP A 19 -5.71 3.84 0.82
C TRP A 19 -5.35 3.83 2.31
N GLY A 20 -5.54 4.98 2.93
CA GLY A 20 -5.23 5.12 4.35
C GLY A 20 -6.38 4.62 5.21
N ALA A 21 -7.55 4.53 4.58
CA ALA A 21 -8.74 4.07 5.28
C ALA A 21 -8.67 2.55 5.45
N SER A 22 -7.88 1.93 4.59
CA SER A 22 -7.72 0.48 4.63
C SER A 22 -6.74 0.10 5.76
N LEU A 23 -5.50 0.51 5.58
CA LEU A 23 -4.47 0.23 6.57
C LEU A 23 -5.02 0.47 7.97
N ARG A 24 -5.51 1.69 8.18
CA ARG A 24 -6.07 2.06 9.47
C ARG A 24 -7.03 0.98 9.96
N ARG A 25 -7.96 0.60 9.07
CA ARG A 25 -8.94 -0.42 9.41
C ARG A 25 -8.24 -1.76 9.65
N GLY A 26 -7.42 -2.15 8.68
CA GLY A 26 -6.70 -3.40 8.78
C GLY A 26 -6.07 -3.57 10.18
N ALA A 27 -5.80 -2.45 10.81
CA ALA A 27 -5.21 -2.45 12.13
C ALA A 27 -6.32 -2.61 13.19
N ASP A 28 -7.44 -1.94 12.92
CA ASP A 28 -8.57 -2.01 13.82
C ASP A 28 -8.99 -3.47 14.02
N PHE A 29 -9.04 -4.19 12.91
CA PHE A 29 -9.43 -5.59 12.94
C PHE A 29 -8.37 -6.42 13.67
N ASP A 30 -7.13 -6.25 13.24
CA ASP A 30 -6.03 -6.99 13.84
C ASP A 30 -6.04 -6.77 15.36
N SER A 31 -5.98 -5.51 15.75
CA SER A 31 -5.98 -5.15 17.15
C SER A 31 -7.11 -5.90 17.88
N TRP A 32 -8.33 -5.54 17.55
CA TRP A 32 -9.49 -6.16 18.16
C TRP A 32 -9.25 -7.67 18.19
N GLY A 33 -9.31 -8.28 17.02
CA GLY A 33 -9.09 -9.72 16.91
C GLY A 33 -9.75 -10.27 15.64
N GLN A 34 -9.57 -9.53 14.55
CA GLN A 34 -10.13 -9.94 13.27
C GLN A 34 -9.02 -10.16 12.25
N LEU A 35 -8.29 -11.26 12.44
CA LEU A 35 -7.20 -11.60 11.55
C LEU A 35 -7.75 -11.82 10.14
N VAL A 36 -8.74 -12.70 10.05
CA VAL A 36 -9.36 -13.00 8.78
C VAL A 36 -9.70 -11.70 8.05
N GLU A 37 -10.55 -10.91 8.69
CA GLU A 37 -10.96 -9.64 8.13
C GLU A 37 -9.73 -8.77 7.81
N ALA A 38 -8.79 -8.77 8.75
CA ALA A 38 -7.57 -7.99 8.59
C ALA A 38 -6.92 -8.36 7.25
N ILE A 39 -6.50 -9.61 7.17
CA ILE A 39 -5.85 -10.11 5.96
C ILE A 39 -6.59 -9.55 4.73
N ASP A 40 -7.86 -9.90 4.65
CA ASP A 40 -8.68 -9.44 3.54
C ASP A 40 -8.45 -7.95 3.31
N GLU A 41 -8.53 -7.20 4.40
CA GLU A 41 -8.32 -5.76 4.33
C GLU A 41 -6.99 -5.43 3.66
N TYR A 42 -5.91 -5.83 4.34
CA TYR A 42 -4.58 -5.58 3.82
C TYR A 42 -4.46 -6.06 2.37
N GLN A 43 -4.61 -7.36 2.19
CA GLN A 43 -4.52 -7.95 0.86
C GLN A 43 -5.21 -7.04 -0.16
N ILE A 44 -6.51 -6.87 0.02
CA ILE A 44 -7.28 -6.03 -0.87
C ILE A 44 -6.49 -4.76 -1.20
N LEU A 45 -6.19 -4.00 -0.16
CA LEU A 45 -5.44 -2.77 -0.32
C LEU A 45 -4.18 -3.04 -1.15
N ALA A 46 -3.60 -4.21 -0.90
CA ALA A 46 -2.39 -4.60 -1.60
C ALA A 46 -2.67 -4.63 -3.12
N ARG A 47 -3.57 -5.52 -3.50
CA ARG A 47 -3.94 -5.66 -4.89
C ARG A 47 -4.48 -4.33 -5.43
N HIS A 48 -5.08 -3.57 -4.54
CA HIS A 48 -5.64 -2.28 -4.90
C HIS A 48 -4.51 -1.29 -5.18
N LEU A 49 -3.41 -1.49 -4.48
CA LEU A 49 -2.25 -0.61 -4.66
C LEU A 49 -1.68 -0.82 -6.06
N GLN A 50 -1.62 -2.07 -6.46
CA GLN A 50 -1.09 -2.41 -7.78
C GLN A 50 -1.92 -1.74 -8.87
N LYS A 51 -3.23 -1.84 -8.73
CA LYS A 51 -4.15 -1.25 -9.68
C LYS A 51 -3.61 0.11 -10.13
N GLU A 52 -2.94 0.77 -9.20
CA GLU A 52 -2.36 2.08 -9.48
C GLU A 52 -0.89 1.94 -9.86
N ALA A 53 -0.22 1.01 -9.20
CA ALA A 53 1.19 0.77 -9.47
C ALA A 53 1.35 0.24 -10.89
N GLN A 54 0.73 -0.91 -11.14
CA GLN A 54 0.80 -1.53 -12.45
C GLN A 54 0.00 -0.72 -13.46
N ALA A 55 -1.09 -0.14 -12.97
CA ALA A 55 -1.96 0.66 -13.83
C ALA A 55 -2.30 -0.14 -15.09
N GLN A 56 -3.23 -1.07 -14.91
CA GLN A 56 -3.66 -1.91 -16.02
C GLN A 56 -3.79 -1.07 -17.30
N HIS A 57 -4.94 -0.43 -17.44
CA HIS A 57 -5.20 0.40 -18.60
C HIS A 57 -4.78 1.84 -18.31
N ASN A 58 -3.51 1.98 -17.93
CA ASN A 58 -2.97 3.29 -17.61
C ASN A 58 -4.00 4.09 -16.82
N ASN A 59 -4.11 3.75 -15.54
CA ASN A 59 -5.04 4.42 -14.67
C ASN A 59 -4.33 4.80 -13.36
N SER A 60 -3.87 6.04 -13.32
CA SER A 60 -3.17 6.53 -12.14
C SER A 60 -2.63 7.94 -12.40
N GLU A 61 -3.00 8.86 -11.53
CA GLU A 61 -2.57 10.24 -11.66
C GLU A 61 -1.30 10.47 -10.82
N PHE A 62 -0.42 9.48 -10.84
CA PHE A 62 0.82 9.56 -10.09
C PHE A 62 2.02 9.37 -11.00
N THR A 63 3.20 9.47 -10.40
CA THR A 63 4.44 9.32 -11.15
C THR A 63 5.07 7.95 -10.83
N GLU A 64 6.10 7.62 -11.60
CA GLU A 64 6.80 6.36 -11.42
C GLU A 64 7.21 6.20 -9.95
N GLU A 65 7.88 7.21 -9.44
CA GLU A 65 8.33 7.18 -8.06
C GLU A 65 7.20 6.71 -7.14
N GLN A 66 6.10 7.46 -7.17
CA GLN A 66 4.96 7.13 -6.36
C GLN A 66 4.53 5.68 -6.59
N LYS A 67 4.20 5.40 -7.84
CA LYS A 67 3.77 4.05 -8.21
C LYS A 67 4.65 3.03 -7.50
N LYS A 68 5.95 3.23 -7.59
CA LYS A 68 6.90 2.34 -6.95
C LYS A 68 6.44 2.05 -5.52
N THR A 69 6.50 3.08 -4.70
CA THR A 69 6.11 2.96 -3.31
C THR A 69 4.75 2.25 -3.20
N ILE A 70 3.78 2.81 -3.92
CA ILE A 70 2.44 2.24 -3.92
C ILE A 70 2.53 0.71 -3.96
N GLY A 71 3.43 0.23 -4.82
CA GLY A 71 3.62 -1.20 -4.96
C GLY A 71 4.34 -1.78 -3.75
N LYS A 72 5.47 -1.16 -3.41
CA LYS A 72 6.25 -1.62 -2.27
C LYS A 72 5.33 -1.83 -1.07
N ILE A 73 4.39 -0.92 -0.90
CA ILE A 73 3.44 -1.00 0.19
C ILE A 73 2.76 -2.37 0.17
N ALA A 74 2.14 -2.67 -0.96
CA ALA A 74 1.46 -3.94 -1.13
C ALA A 74 2.37 -5.08 -0.66
N THR A 75 3.56 -5.13 -1.25
CA THR A 75 4.52 -6.15 -0.90
C THR A 75 4.52 -6.39 0.60
N CYS A 76 4.61 -5.30 1.35
CA CYS A 76 4.62 -5.37 2.80
C CYS A 76 3.35 -6.10 3.24
N LEU A 77 2.23 -5.64 2.73
CA LEU A 77 0.95 -6.24 3.07
C LEU A 77 1.08 -7.76 3.05
N GLU A 78 1.45 -8.27 1.88
CA GLU A 78 1.61 -9.70 1.71
C GLU A 78 2.32 -10.31 2.92
N LEU A 79 3.12 -9.48 3.58
CA LEU A 79 3.85 -9.91 4.76
C LEU A 79 2.92 -9.90 5.96
N ARG A 80 2.36 -8.73 6.24
CA ARG A 80 1.46 -8.58 7.36
C ARG A 80 0.40 -9.68 7.34
N SER A 81 -0.43 -9.65 6.31
CA SER A 81 -1.49 -10.63 6.16
C SER A 81 -0.96 -12.02 6.53
N ALA A 82 0.04 -12.47 5.79
CA ALA A 82 0.63 -13.76 6.03
C ALA A 82 1.00 -13.89 7.52
N ALA A 83 1.63 -12.84 8.02
CA ALA A 83 2.04 -12.82 9.42
C ALA A 83 0.85 -13.22 10.30
N LEU A 84 -0.33 -12.80 9.89
CA LEU A 84 -1.54 -13.11 10.63
C LEU A 84 -1.81 -14.61 10.52
N GLN A 85 -1.79 -15.11 9.29
CA GLN A 85 -2.02 -16.52 9.05
C GLN A 85 -0.89 -17.37 9.64
N SER A 86 0.23 -16.71 9.88
CA SER A 86 1.39 -17.38 10.43
C SER A 86 1.26 -17.47 11.96
N THR A 87 0.31 -16.72 12.48
CA THR A 87 0.06 -16.71 13.92
C THR A 87 1.34 -16.30 14.66
N GLN A 88 1.16 -15.97 15.93
CA GLN A 88 2.28 -15.56 16.77
C GLN A 88 3.46 -16.51 16.57
N SER A 89 4.35 -16.12 15.67
CA SER A 89 5.52 -16.92 15.37
C SER A 89 6.36 -16.24 14.28
N GLN A 90 7.61 -16.65 14.21
CA GLN A 90 8.53 -16.09 13.22
C GLN A 90 8.73 -14.59 13.48
N GLU A 91 9.55 -13.98 12.63
CA GLU A 91 9.84 -12.57 12.75
C GLU A 91 9.51 -11.84 11.44
N GLU A 92 8.24 -11.88 11.09
CA GLU A 92 7.78 -11.23 9.87
C GLU A 92 7.41 -9.78 10.15
N PHE A 93 6.39 -9.30 9.43
CA PHE A 93 5.93 -7.94 9.60
C PHE A 93 4.92 -7.83 10.73
N LYS A 94 5.02 -6.73 11.46
CA LYS A 94 4.11 -6.50 12.57
C LYS A 94 3.18 -5.33 12.23
N LEU A 95 2.47 -4.86 13.25
CA LEU A 95 1.54 -3.76 13.06
C LEU A 95 2.30 -2.44 13.10
N GLU A 96 3.07 -2.27 14.17
CA GLU A 96 3.86 -1.06 14.34
C GLU A 96 4.69 -0.78 13.09
N ASP A 97 5.12 -1.86 12.45
CA ASP A 97 5.91 -1.75 11.24
C ASP A 97 5.00 -1.50 10.04
N LEU A 98 3.75 -1.96 10.19
CA LEU A 98 2.77 -1.80 9.13
C LEU A 98 2.22 -0.37 9.18
N LYS A 99 2.00 0.11 10.39
CA LYS A 99 1.49 1.46 10.58
C LYS A 99 2.40 2.46 9.88
N LYS A 100 3.61 2.00 9.59
CA LYS A 100 4.59 2.86 8.93
C LYS A 100 4.17 3.06 7.48
N LEU A 101 3.12 2.36 7.09
CA LEU A 101 2.61 2.45 5.73
C LEU A 101 1.38 3.37 5.71
N GLU A 102 1.07 3.91 6.88
CA GLU A 102 -0.06 4.81 7.02
C GLU A 102 0.30 6.20 6.52
N PRO A 103 1.45 6.72 7.03
CA PRO A 103 1.92 8.03 6.64
C PRO A 103 2.51 8.01 5.24
N ILE A 104 3.06 6.87 4.87
CA ILE A 104 3.67 6.70 3.56
C ILE A 104 2.61 6.91 2.49
N LEU A 105 1.46 6.28 2.71
CA LEU A 105 0.35 6.38 1.77
C LEU A 105 -0.23 7.79 1.84
N LYS A 106 -0.16 8.37 3.03
CA LYS A 106 -0.68 9.70 3.25
C LYS A 106 0.23 10.73 2.57
N ASN A 107 1.52 10.62 2.88
CA ASN A 107 2.51 11.51 2.31
C ASN A 107 3.08 10.90 1.03
N ILE A 108 2.29 10.02 0.44
CA ILE A 108 2.70 9.36 -0.80
C ILE A 108 3.30 10.39 -1.74
N LEU A 109 2.73 11.58 -1.72
CA LEU A 109 3.20 12.65 -2.58
C LEU A 109 4.44 13.29 -1.96
N THR A 110 4.44 13.34 -0.63
CA THR A 110 5.56 13.92 0.10
C THR A 110 6.29 12.83 0.89
N TYR A 111 6.65 11.77 0.19
CA TYR A 111 7.36 10.67 0.81
C TYR A 111 8.73 10.45 0.16
N ASN A 112 9.76 10.47 1.00
CA ASN A 112 11.11 10.27 0.52
C ASN A 112 11.30 8.81 0.11
N LYS A 113 11.70 8.63 -1.14
CA LYS A 113 11.92 7.29 -1.67
C LYS A 113 12.87 6.54 -0.75
N GLU A 114 13.22 5.32 -1.17
CA GLU A 114 14.12 4.49 -0.39
C GLU A 114 13.36 3.85 0.78
N PHE A 115 12.35 3.06 0.43
CA PHE A 115 11.55 2.39 1.44
C PHE A 115 12.41 1.94 2.62
N PRO A 116 11.78 1.95 3.83
CA PRO A 116 12.47 1.55 5.04
C PRO A 116 12.65 0.03 5.10
N PHE A 117 11.62 -0.66 4.65
CA PHE A 117 11.65 -2.12 4.65
C PHE A 117 12.32 -2.65 3.38
N ASP A 118 12.54 -1.74 2.44
CA ASP A 118 13.17 -2.10 1.18
C ASP A 118 12.63 -3.46 0.73
N VAL A 119 11.47 -3.43 0.09
CA VAL A 119 10.85 -4.64 -0.40
C VAL A 119 10.57 -4.49 -1.90
N GLN A 120 11.03 -5.49 -2.65
CA GLN A 120 10.84 -5.48 -4.09
C GLN A 120 9.46 -4.93 -4.44
N PRO A 121 9.45 -3.87 -5.29
CA PRO A 121 8.21 -3.25 -5.72
C PRO A 121 7.48 -4.12 -6.74
N ILE A 122 6.16 -4.04 -6.71
CA ILE A 122 5.34 -4.81 -7.63
C ILE A 122 5.44 -4.21 -9.03
N SER A 123 5.52 -5.10 -10.00
CA SER A 123 5.64 -4.67 -11.39
C SER A 123 4.73 -3.46 -11.63
N GLY A 124 5.36 -2.33 -11.92
CA GLY A 124 4.64 -1.10 -12.17
C GLY A 124 4.47 -0.86 -13.67
N PRO A 125 5.12 0.24 -14.15
CA PRO A 125 5.06 0.60 -15.56
C PRO A 125 5.94 -0.33 -16.39
N SER A 126 7.17 -0.48 -15.95
CA SER A 126 8.12 -1.33 -16.64
C SER A 126 9.37 -1.55 -15.78
N SER A 127 10.23 -2.45 -16.24
CA SER A 127 11.44 -2.75 -15.52
C SER A 127 12.54 -3.17 -16.50
N GLY A 128 13.79 -2.92 -16.10
CA GLY A 128 14.93 -3.26 -16.93
C GLY A 128 15.20 -4.76 -16.90
N GLY A 1 -10.34 25.41 -20.98
CA GLY A 1 -11.17 24.24 -21.22
C GLY A 1 -12.18 24.05 -20.08
N SER A 2 -12.65 22.82 -19.94
CA SER A 2 -13.62 22.50 -18.90
C SER A 2 -12.96 21.62 -17.84
N SER A 3 -12.46 20.47 -18.27
CA SER A 3 -11.81 19.55 -17.37
C SER A 3 -10.40 20.02 -17.06
N GLY A 4 -10.18 20.35 -15.79
CA GLY A 4 -8.87 20.81 -15.36
C GLY A 4 -8.69 20.62 -13.84
N SER A 5 -7.69 19.84 -13.50
CA SER A 5 -7.41 19.56 -12.10
C SER A 5 -6.35 20.53 -11.58
N SER A 6 -6.64 21.12 -10.43
CA SER A 6 -5.73 22.07 -9.82
C SER A 6 -4.77 21.34 -8.88
N GLY A 7 -5.35 20.73 -7.84
CA GLY A 7 -4.55 19.99 -6.88
C GLY A 7 -4.22 18.59 -7.38
N MET A 8 -5.26 17.78 -7.50
CA MET A 8 -5.09 16.41 -7.97
C MET A 8 -6.44 15.69 -8.04
N SER A 9 -7.30 16.18 -8.92
CA SER A 9 -8.62 15.59 -9.10
C SER A 9 -9.20 15.21 -7.73
N GLU A 10 -10.07 14.22 -7.76
CA GLU A 10 -10.72 13.75 -6.54
C GLU A 10 -10.36 12.29 -6.28
N VAL A 11 -10.30 11.53 -7.36
CA VAL A 11 -9.97 10.11 -7.26
C VAL A 11 -8.61 9.96 -6.57
N THR A 12 -7.68 10.81 -6.96
CA THR A 12 -6.35 10.78 -6.38
C THR A 12 -6.38 11.26 -4.93
N ARG A 13 -7.15 12.32 -4.70
CA ARG A 13 -7.28 12.88 -3.38
C ARG A 13 -8.04 11.93 -2.46
N SER A 14 -8.86 11.10 -3.09
CA SER A 14 -9.65 10.13 -2.35
C SER A 14 -8.85 8.84 -2.15
N LEU A 15 -7.82 8.69 -2.97
CA LEU A 15 -6.97 7.51 -2.90
C LEU A 15 -6.13 7.58 -1.62
N LEU A 16 -5.21 8.54 -1.60
CA LEU A 16 -4.34 8.72 -0.45
C LEU A 16 -5.14 8.55 0.83
N GLN A 17 -6.43 8.87 0.73
CA GLN A 17 -7.32 8.75 1.87
C GLN A 17 -7.88 7.33 1.96
N ARG A 18 -8.75 7.02 1.02
CA ARG A 18 -9.37 5.70 0.99
C ARG A 18 -8.34 4.62 1.34
N TRP A 19 -7.10 4.89 0.96
CA TRP A 19 -6.02 3.96 1.23
C TRP A 19 -5.76 3.94 2.73
N GLY A 20 -5.30 5.09 3.23
CA GLY A 20 -5.00 5.22 4.65
C GLY A 20 -6.18 4.73 5.49
N ALA A 21 -7.36 4.76 4.89
CA ALA A 21 -8.57 4.33 5.57
C ALA A 21 -8.55 2.81 5.74
N SER A 22 -7.98 2.14 4.74
CA SER A 22 -7.88 0.70 4.76
C SER A 22 -7.02 0.25 5.94
N LEU A 23 -5.76 0.67 5.91
CA LEU A 23 -4.82 0.32 6.96
C LEU A 23 -5.45 0.65 8.32
N ARG A 24 -5.79 1.91 8.48
CA ARG A 24 -6.39 2.37 9.73
C ARG A 24 -7.35 1.31 10.27
N ARG A 25 -8.18 0.80 9.37
CA ARG A 25 -9.15 -0.22 9.76
C ARG A 25 -8.45 -1.57 9.98
N GLY A 26 -7.60 -1.93 9.02
CA GLY A 26 -6.86 -3.18 9.10
C GLY A 26 -6.31 -3.39 10.50
N ALA A 27 -5.87 -2.30 11.10
CA ALA A 27 -5.30 -2.36 12.44
C ALA A 27 -6.40 -2.74 13.44
N ASP A 28 -7.49 -2.00 13.39
CA ASP A 28 -8.62 -2.26 14.27
C ASP A 28 -8.84 -3.76 14.38
N PHE A 29 -9.04 -4.39 13.22
CA PHE A 29 -9.26 -5.83 13.18
C PHE A 29 -8.11 -6.57 13.86
N ASP A 30 -6.91 -6.27 13.43
CA ASP A 30 -5.73 -6.91 13.99
C ASP A 30 -5.74 -6.74 15.52
N SER A 31 -5.64 -5.49 15.94
CA SER A 31 -5.63 -5.19 17.36
C SER A 31 -6.67 -6.05 18.09
N TRP A 32 -7.92 -5.81 17.77
CA TRP A 32 -9.01 -6.56 18.37
C TRP A 32 -8.66 -8.05 18.29
N GLY A 33 -8.80 -8.59 17.09
CA GLY A 33 -8.51 -9.99 16.88
C GLY A 33 -9.26 -10.53 15.66
N GLN A 34 -9.27 -9.73 14.61
CA GLN A 34 -9.95 -10.11 13.38
C GLN A 34 -8.94 -10.31 12.25
N LEU A 35 -8.15 -11.36 12.39
CA LEU A 35 -7.14 -11.68 11.39
C LEU A 35 -7.81 -11.83 10.03
N VAL A 36 -8.75 -12.79 9.97
CA VAL A 36 -9.47 -13.05 8.74
C VAL A 36 -9.85 -11.71 8.07
N GLU A 37 -10.80 -11.04 8.69
CA GLU A 37 -11.25 -9.76 8.18
C GLU A 37 -10.06 -8.83 7.93
N ALA A 38 -9.16 -8.80 8.90
CA ALA A 38 -7.97 -7.97 8.80
C ALA A 38 -7.26 -8.24 7.48
N ILE A 39 -6.82 -9.49 7.32
CA ILE A 39 -6.13 -9.90 6.12
C ILE A 39 -6.86 -9.33 4.90
N ASP A 40 -8.16 -9.60 4.85
CA ASP A 40 -8.97 -9.12 3.75
C ASP A 40 -8.67 -7.65 3.48
N GLU A 41 -8.76 -6.85 4.54
CA GLU A 41 -8.49 -5.43 4.44
C GLU A 41 -7.14 -5.20 3.73
N TYR A 42 -6.08 -5.62 4.40
CA TYR A 42 -4.74 -5.46 3.87
C TYR A 42 -4.69 -5.90 2.40
N GLN A 43 -4.89 -7.19 2.19
CA GLN A 43 -4.86 -7.75 0.84
C GLN A 43 -5.58 -6.80 -0.12
N ILE A 44 -6.87 -6.64 0.11
CA ILE A 44 -7.67 -5.77 -0.74
C ILE A 44 -6.90 -4.49 -1.02
N LEU A 45 -6.48 -3.84 0.05
CA LEU A 45 -5.75 -2.60 -0.06
C LEU A 45 -4.48 -2.84 -0.90
N ALA A 46 -3.85 -3.98 -0.65
CA ALA A 46 -2.64 -4.34 -1.36
C ALA A 46 -2.92 -4.34 -2.86
N ARG A 47 -3.89 -5.16 -3.24
CA ARG A 47 -4.26 -5.27 -4.65
C ARG A 47 -4.62 -3.90 -5.20
N HIS A 48 -5.22 -3.08 -4.35
CA HIS A 48 -5.61 -1.73 -4.74
C HIS A 48 -4.36 -0.90 -5.04
N LEU A 49 -3.33 -1.14 -4.25
CA LEU A 49 -2.08 -0.43 -4.42
C LEU A 49 -1.45 -0.79 -5.77
N GLN A 50 -1.21 -2.08 -5.94
CA GLN A 50 -0.62 -2.57 -7.18
C GLN A 50 -1.35 -1.97 -8.38
N LYS A 51 -2.67 -1.98 -8.30
CA LYS A 51 -3.50 -1.44 -9.38
C LYS A 51 -2.87 -0.14 -9.89
N GLU A 52 -2.17 0.53 -9.00
CA GLU A 52 -1.52 1.79 -9.35
C GLU A 52 -0.07 1.53 -9.76
N ALA A 53 0.58 0.64 -9.02
CA ALA A 53 1.96 0.30 -9.28
C ALA A 53 2.07 -0.28 -10.70
N GLN A 54 1.06 -1.05 -11.07
CA GLN A 54 1.03 -1.67 -12.38
C GLN A 54 -0.15 -1.14 -13.20
N ALA A 55 -0.36 0.17 -13.09
CA ALA A 55 -1.45 0.81 -13.81
C ALA A 55 -1.47 0.32 -15.25
N GLN A 56 -2.47 -0.51 -15.55
CA GLN A 56 -2.61 -1.06 -16.88
C GLN A 56 -3.71 -0.32 -17.65
N HIS A 57 -4.91 -0.37 -17.09
CA HIS A 57 -6.05 0.29 -17.71
C HIS A 57 -6.01 1.78 -17.40
N ASN A 58 -5.93 2.09 -16.11
CA ASN A 58 -5.88 3.48 -15.68
C ASN A 58 -4.42 3.86 -15.37
N ASN A 59 -3.80 4.52 -16.34
CA ASN A 59 -2.42 4.94 -16.18
C ASN A 59 -2.25 5.61 -14.81
N SER A 60 -3.26 6.38 -14.44
CA SER A 60 -3.23 7.07 -13.16
C SER A 60 -2.30 8.29 -13.24
N GLU A 61 -2.68 9.35 -12.55
CA GLU A 61 -1.90 10.57 -12.54
C GLU A 61 -0.86 10.52 -11.42
N PHE A 62 -0.06 9.46 -11.45
CA PHE A 62 0.98 9.28 -10.45
C PHE A 62 2.34 9.04 -11.12
N THR A 63 3.37 9.59 -10.51
CA THR A 63 4.72 9.44 -11.03
C THR A 63 5.30 8.09 -10.61
N GLU A 64 6.27 7.65 -11.38
CA GLU A 64 6.92 6.37 -11.11
C GLU A 64 7.31 6.28 -9.62
N GLU A 65 8.18 7.19 -9.22
CA GLU A 65 8.63 7.21 -7.84
C GLU A 65 7.46 6.98 -6.88
N GLN A 66 6.29 7.45 -7.31
CA GLN A 66 5.08 7.30 -6.52
C GLN A 66 4.48 5.91 -6.71
N LYS A 67 4.33 5.53 -7.96
CA LYS A 67 3.78 4.22 -8.29
C LYS A 67 4.63 3.13 -7.61
N LYS A 68 5.92 3.37 -7.59
CA LYS A 68 6.85 2.43 -6.98
C LYS A 68 6.48 2.23 -5.51
N THR A 69 6.41 3.35 -4.79
CA THR A 69 6.06 3.32 -3.38
C THR A 69 4.77 2.53 -3.17
N ILE A 70 3.72 2.99 -3.82
CA ILE A 70 2.42 2.33 -3.71
C ILE A 70 2.62 0.81 -3.72
N GLY A 71 3.48 0.37 -4.63
CA GLY A 71 3.77 -1.05 -4.75
C GLY A 71 4.46 -1.59 -3.49
N LYS A 72 5.58 -0.97 -3.15
CA LYS A 72 6.33 -1.36 -1.98
C LYS A 72 5.36 -1.67 -0.84
N ILE A 73 4.32 -0.86 -0.75
CA ILE A 73 3.32 -1.03 0.29
C ILE A 73 2.64 -2.38 0.11
N ALA A 74 2.04 -2.57 -1.06
CA ALA A 74 1.34 -3.80 -1.37
C ALA A 74 2.20 -4.99 -0.90
N THR A 75 3.49 -4.90 -1.21
CA THR A 75 4.42 -5.95 -0.83
C THR A 75 4.33 -6.24 0.67
N CYS A 76 4.57 -5.20 1.45
CA CYS A 76 4.51 -5.32 2.89
C CYS A 76 3.23 -6.06 3.26
N LEU A 77 2.11 -5.51 2.81
CA LEU A 77 0.81 -6.11 3.08
C LEU A 77 0.93 -7.63 3.00
N GLU A 78 1.26 -8.11 1.81
CA GLU A 78 1.41 -9.54 1.60
C GLU A 78 2.05 -10.20 2.81
N LEU A 79 3.18 -9.63 3.24
CA LEU A 79 3.89 -10.15 4.38
C LEU A 79 2.94 -10.22 5.58
N ARG A 80 2.37 -9.07 5.90
CA ARG A 80 1.45 -8.99 7.02
C ARG A 80 0.30 -9.98 6.84
N SER A 81 -0.44 -9.80 5.77
CA SER A 81 -1.57 -10.68 5.47
C SER A 81 -1.21 -12.12 5.81
N ALA A 82 -0.08 -12.56 5.26
CA ALA A 82 0.39 -13.91 5.50
C ALA A 82 0.75 -14.07 6.97
N ALA A 83 1.51 -13.11 7.46
CA ALA A 83 1.94 -13.14 8.86
C ALA A 83 0.78 -13.59 9.73
N LEU A 84 -0.34 -12.90 9.58
CA LEU A 84 -1.54 -13.23 10.36
C LEU A 84 -1.85 -14.72 10.19
N GLN A 85 -1.86 -15.16 8.93
CA GLN A 85 -2.15 -16.55 8.62
C GLN A 85 -1.13 -17.46 9.31
N SER A 86 0.12 -17.01 9.30
CA SER A 86 1.20 -17.78 9.91
C SER A 86 1.09 -17.72 11.44
N THR A 87 1.33 -18.86 12.06
CA THR A 87 1.26 -18.94 13.51
C THR A 87 2.18 -20.05 14.02
N GLN A 88 3.48 -19.79 13.91
CA GLN A 88 4.47 -20.76 14.36
C GLN A 88 5.87 -20.14 14.32
N SER A 89 6.18 -19.37 15.35
CA SER A 89 7.48 -18.71 15.43
C SER A 89 7.90 -18.21 14.05
N GLN A 90 7.24 -17.13 13.62
CA GLN A 90 7.55 -16.54 12.33
C GLN A 90 8.26 -15.21 12.51
N GLU A 91 8.66 -14.63 11.38
CA GLU A 91 9.36 -13.36 11.41
C GLU A 91 9.05 -12.56 10.13
N GLU A 92 7.80 -12.14 10.02
CA GLU A 92 7.37 -11.39 8.86
C GLU A 92 7.09 -9.93 9.25
N PHE A 93 6.17 -9.31 8.52
CA PHE A 93 5.81 -7.94 8.78
C PHE A 93 4.90 -7.83 10.00
N LYS A 94 5.13 -6.78 10.77
CA LYS A 94 4.34 -6.54 11.97
C LYS A 94 3.37 -5.39 11.72
N LEU A 95 2.73 -4.95 12.80
CA LEU A 95 1.78 -3.85 12.72
C LEU A 95 2.54 -2.53 12.55
N GLU A 96 3.37 -2.24 13.54
CA GLU A 96 4.15 -1.02 13.52
C GLU A 96 4.76 -0.80 12.13
N ASP A 97 5.34 -1.87 11.61
CA ASP A 97 5.96 -1.80 10.29
C ASP A 97 4.91 -1.43 9.25
N LEU A 98 3.72 -1.99 9.44
CA LEU A 98 2.62 -1.72 8.53
C LEU A 98 2.09 -0.30 8.77
N LYS A 99 1.91 0.01 10.04
CA LYS A 99 1.40 1.33 10.42
C LYS A 99 2.29 2.41 9.78
N LYS A 100 3.51 2.02 9.46
CA LYS A 100 4.46 2.93 8.85
C LYS A 100 4.04 3.20 7.40
N LEU A 101 3.02 2.48 6.98
CA LEU A 101 2.51 2.63 5.62
C LEU A 101 1.28 3.52 5.64
N GLU A 102 0.88 3.91 6.84
CA GLU A 102 -0.29 4.76 7.00
C GLU A 102 0.04 6.19 6.55
N PRO A 103 1.18 6.71 7.08
CA PRO A 103 1.61 8.06 6.73
C PRO A 103 2.20 8.10 5.33
N ILE A 104 3.08 7.16 5.06
CA ILE A 104 3.73 7.08 3.76
C ILE A 104 2.67 7.26 2.66
N LEU A 105 1.61 6.46 2.77
CA LEU A 105 0.53 6.51 1.80
C LEU A 105 0.05 7.96 1.67
N LYS A 106 0.07 8.67 2.79
CA LYS A 106 -0.35 10.06 2.80
C LYS A 106 0.76 10.94 2.26
N ASN A 107 1.99 10.57 2.62
CA ASN A 107 3.16 11.32 2.18
C ASN A 107 3.64 10.77 0.84
N ILE A 108 2.76 10.01 0.20
CA ILE A 108 3.08 9.41 -1.08
C ILE A 108 3.52 10.51 -2.06
N LEU A 109 3.00 11.70 -1.83
CA LEU A 109 3.32 12.85 -2.67
C LEU A 109 4.67 13.43 -2.23
N THR A 110 4.81 13.60 -0.92
CA THR A 110 6.03 14.15 -0.36
C THR A 110 6.99 13.02 0.01
N TYR A 111 6.95 11.96 -0.78
CA TYR A 111 7.81 10.81 -0.54
C TYR A 111 9.20 11.04 -1.13
N ASN A 112 10.21 10.87 -0.27
CA ASN A 112 11.57 11.06 -0.70
C ASN A 112 12.20 9.70 -1.00
N LYS A 113 11.34 8.77 -1.41
CA LYS A 113 11.78 7.43 -1.74
C LYS A 113 12.64 6.88 -0.60
N GLU A 114 13.12 5.66 -0.78
CA GLU A 114 13.96 5.01 0.21
C GLU A 114 13.09 4.44 1.33
N PHE A 115 12.43 3.33 1.02
CA PHE A 115 11.58 2.67 1.99
C PHE A 115 12.35 2.29 3.25
N PRO A 116 11.65 2.39 4.41
CA PRO A 116 12.27 2.08 5.69
C PRO A 116 12.40 0.56 5.86
N PHE A 117 11.69 -0.17 5.01
CA PHE A 117 11.73 -1.62 5.05
C PHE A 117 12.33 -2.20 3.77
N ASP A 118 12.92 -3.37 3.92
CA ASP A 118 13.53 -4.04 2.78
C ASP A 118 12.44 -4.68 1.91
N VAL A 119 11.66 -3.82 1.27
CA VAL A 119 10.58 -4.28 0.42
C VAL A 119 10.75 -3.67 -0.97
N GLN A 120 10.64 -4.52 -1.98
CA GLN A 120 10.78 -4.09 -3.36
C GLN A 120 9.42 -3.66 -3.91
N PRO A 121 9.48 -2.82 -4.98
CA PRO A 121 8.27 -2.32 -5.61
C PRO A 121 7.60 -3.41 -6.45
N ILE A 122 6.28 -3.53 -6.28
CA ILE A 122 5.52 -4.52 -7.02
C ILE A 122 5.98 -4.52 -8.48
N SER A 123 5.29 -3.73 -9.29
CA SER A 123 5.61 -3.64 -10.70
C SER A 123 7.14 -3.65 -10.90
N GLY A 124 7.57 -4.51 -11.80
CA GLY A 124 8.99 -4.64 -12.09
C GLY A 124 9.27 -4.39 -13.58
N PRO A 125 10.01 -5.35 -14.19
CA PRO A 125 10.36 -5.25 -15.59
C PRO A 125 9.16 -5.58 -16.48
N SER A 126 8.27 -4.60 -16.61
CA SER A 126 7.08 -4.77 -17.41
C SER A 126 6.72 -3.45 -18.11
N SER A 127 7.25 -3.29 -19.31
CA SER A 127 6.99 -2.09 -20.08
C SER A 127 5.53 -2.04 -20.51
N GLY A 128 4.84 -0.99 -20.08
CA GLY A 128 3.44 -0.82 -20.40
C GLY A 128 2.83 0.33 -19.61
N GLY A 1 -13.23 19.74 -23.25
CA GLY A 1 -12.17 20.68 -23.56
C GLY A 1 -10.80 20.01 -23.53
N SER A 2 -9.80 20.79 -23.16
CA SER A 2 -8.44 20.27 -23.09
C SER A 2 -8.08 19.95 -21.64
N SER A 3 -7.00 19.19 -21.48
CA SER A 3 -6.54 18.80 -20.16
C SER A 3 -5.06 19.13 -20.00
N GLY A 4 -4.80 20.31 -19.45
CA GLY A 4 -3.44 20.75 -19.23
C GLY A 4 -2.68 19.77 -18.34
N SER A 5 -2.50 20.16 -17.10
CA SER A 5 -1.80 19.33 -16.14
C SER A 5 -2.37 19.53 -14.73
N SER A 6 -3.40 18.74 -14.44
CA SER A 6 -4.05 18.82 -13.14
C SER A 6 -3.73 17.58 -12.32
N GLY A 7 -2.53 17.56 -11.77
CA GLY A 7 -2.09 16.43 -10.96
C GLY A 7 -2.77 16.45 -9.60
N MET A 8 -3.38 15.32 -9.26
CA MET A 8 -4.07 15.17 -7.99
C MET A 8 -5.20 16.20 -7.87
N SER A 9 -6.39 15.69 -7.61
CA SER A 9 -7.57 16.54 -7.47
C SER A 9 -8.54 15.93 -6.47
N GLU A 10 -9.52 15.22 -7.02
CA GLU A 10 -10.53 14.58 -6.18
C GLU A 10 -10.44 13.05 -6.32
N VAL A 11 -9.74 12.63 -7.36
CA VAL A 11 -9.58 11.21 -7.63
C VAL A 11 -8.38 10.69 -6.82
N THR A 12 -7.35 11.51 -6.75
CA THR A 12 -6.14 11.15 -6.03
C THR A 12 -6.35 11.37 -4.52
N ARG A 13 -6.84 12.55 -4.19
CA ARG A 13 -7.09 12.88 -2.79
C ARG A 13 -7.89 11.77 -2.11
N SER A 14 -8.86 11.25 -2.83
CA SER A 14 -9.70 10.19 -2.31
C SER A 14 -8.88 8.92 -2.11
N LEU A 15 -7.84 8.78 -2.94
CA LEU A 15 -6.98 7.63 -2.87
C LEU A 15 -6.16 7.69 -1.57
N LEU A 16 -5.36 8.74 -1.46
CA LEU A 16 -4.52 8.94 -0.30
C LEU A 16 -5.33 8.60 0.97
N GLN A 17 -6.65 8.79 0.85
CA GLN A 17 -7.54 8.51 1.97
C GLN A 17 -8.00 7.06 1.92
N ARG A 18 -8.84 6.77 0.94
CA ARG A 18 -9.36 5.42 0.77
C ARG A 18 -8.27 4.39 1.08
N TRP A 19 -7.05 4.76 0.74
CA TRP A 19 -5.92 3.87 0.99
C TRP A 19 -5.68 3.79 2.48
N GLY A 20 -5.25 4.92 3.04
CA GLY A 20 -4.99 4.99 4.48
C GLY A 20 -6.17 4.45 5.28
N ALA A 21 -7.35 4.58 4.70
CA ALA A 21 -8.56 4.11 5.34
C ALA A 21 -8.50 2.59 5.51
N SER A 22 -8.02 1.94 4.47
CA SER A 22 -7.91 0.48 4.48
C SER A 22 -7.00 0.05 5.62
N LEU A 23 -5.73 0.47 5.53
CA LEU A 23 -4.76 0.13 6.55
C LEU A 23 -5.36 0.39 7.94
N ARG A 24 -5.73 1.64 8.16
CA ARG A 24 -6.32 2.03 9.43
C ARG A 24 -7.28 0.94 9.93
N ARG A 25 -8.14 0.50 9.01
CA ARG A 25 -9.11 -0.53 9.33
C ARG A 25 -8.41 -1.87 9.58
N GLY A 26 -7.48 -2.18 8.68
CA GLY A 26 -6.74 -3.42 8.79
C GLY A 26 -6.14 -3.60 10.19
N ALA A 27 -5.74 -2.48 10.77
CA ALA A 27 -5.16 -2.49 12.10
C ALA A 27 -6.26 -2.75 13.13
N ASP A 28 -7.37 -2.05 12.95
CA ASP A 28 -8.50 -2.19 13.84
C ASP A 28 -8.83 -3.68 14.02
N PHE A 29 -9.04 -4.34 12.89
CA PHE A 29 -9.36 -5.75 12.90
C PHE A 29 -8.34 -6.54 13.73
N ASP A 30 -7.09 -6.45 13.32
CA ASP A 30 -6.02 -7.13 14.02
C ASP A 30 -6.05 -6.76 15.50
N SER A 31 -6.01 -5.46 15.75
CA SER A 31 -6.05 -4.96 17.11
C SER A 31 -7.02 -5.78 17.96
N TRP A 32 -8.30 -5.62 17.64
CA TRP A 32 -9.34 -6.35 18.35
C TRP A 32 -9.02 -7.84 18.28
N GLY A 33 -9.08 -8.37 17.06
CA GLY A 33 -8.80 -9.78 16.84
C GLY A 33 -9.58 -10.30 15.64
N GLN A 34 -9.51 -9.55 14.55
CA GLN A 34 -10.21 -9.93 13.33
C GLN A 34 -9.20 -10.21 12.21
N LEU A 35 -8.16 -10.96 12.56
CA LEU A 35 -7.12 -11.30 11.61
C LEU A 35 -7.76 -11.53 10.23
N VAL A 36 -8.89 -12.24 10.25
CA VAL A 36 -9.60 -12.52 9.01
C VAL A 36 -9.88 -11.22 8.27
N GLU A 37 -10.61 -10.34 8.93
CA GLU A 37 -10.96 -9.06 8.35
C GLU A 37 -9.70 -8.24 8.06
N ALA A 38 -8.75 -8.33 8.99
CA ALA A 38 -7.50 -7.61 8.85
C ALA A 38 -6.83 -8.02 7.54
N ILE A 39 -6.73 -9.33 7.35
CA ILE A 39 -6.11 -9.86 6.15
C ILE A 39 -6.79 -9.27 4.91
N ASP A 40 -8.09 -9.52 4.82
CA ASP A 40 -8.87 -9.01 3.70
C ASP A 40 -8.48 -7.55 3.44
N GLU A 41 -8.70 -6.72 4.44
CA GLU A 41 -8.39 -5.31 4.33
C GLU A 41 -7.00 -5.13 3.72
N TYR A 42 -6.00 -5.68 4.42
CA TYR A 42 -4.63 -5.58 3.95
C TYR A 42 -4.51 -6.03 2.50
N GLN A 43 -4.82 -7.29 2.26
CA GLN A 43 -4.75 -7.84 0.92
C GLN A 43 -5.44 -6.91 -0.07
N ILE A 44 -6.74 -6.72 0.14
CA ILE A 44 -7.52 -5.86 -0.74
C ILE A 44 -6.70 -4.62 -1.08
N LEU A 45 -6.27 -3.92 -0.03
CA LEU A 45 -5.48 -2.71 -0.22
C LEU A 45 -4.25 -3.03 -1.07
N ALA A 46 -3.64 -4.16 -0.76
CA ALA A 46 -2.46 -4.59 -1.49
C ALA A 46 -2.78 -4.66 -2.98
N ARG A 47 -3.84 -5.39 -3.29
CA ARG A 47 -4.26 -5.54 -4.67
C ARG A 47 -4.72 -4.20 -5.24
N HIS A 48 -5.18 -3.34 -4.35
CA HIS A 48 -5.63 -2.02 -4.75
C HIS A 48 -4.44 -1.14 -5.10
N LEU A 49 -3.42 -1.25 -4.27
CA LEU A 49 -2.20 -0.47 -4.48
C LEU A 49 -1.69 -0.70 -5.89
N GLN A 50 -1.50 -1.97 -6.22
CA GLN A 50 -1.02 -2.34 -7.54
C GLN A 50 -1.83 -1.64 -8.62
N LYS A 51 -3.15 -1.67 -8.45
CA LYS A 51 -4.05 -1.04 -9.40
C LYS A 51 -3.45 0.28 -9.87
N GLU A 52 -2.69 0.90 -8.98
CA GLU A 52 -2.05 2.17 -9.29
C GLU A 52 -0.61 1.94 -9.75
N ALA A 53 0.05 0.99 -9.10
CA ALA A 53 1.42 0.67 -9.43
C ALA A 53 1.48 0.18 -10.89
N GLN A 54 0.76 -0.91 -11.14
CA GLN A 54 0.72 -1.49 -12.47
C GLN A 54 -0.56 -1.09 -13.18
N ALA A 55 -0.91 0.18 -13.05
CA ALA A 55 -2.11 0.70 -13.68
C ALA A 55 -2.17 0.22 -15.14
N GLN A 56 -2.91 -0.87 -15.34
CA GLN A 56 -3.04 -1.43 -16.66
C GLN A 56 -3.20 -0.32 -17.71
N HIS A 57 -3.77 0.80 -17.25
CA HIS A 57 -3.97 1.93 -18.13
C HIS A 57 -2.95 3.02 -17.80
N ASN A 58 -2.02 3.21 -18.72
CA ASN A 58 -0.99 4.21 -18.54
C ASN A 58 -0.16 3.89 -17.29
N ASN A 59 -0.65 4.38 -16.16
CA ASN A 59 0.02 4.14 -14.90
C ASN A 59 -0.52 5.11 -13.85
N SER A 60 -1.84 5.27 -13.85
CA SER A 60 -2.50 6.15 -12.91
C SER A 60 -2.00 7.58 -13.11
N GLU A 61 -2.24 8.41 -12.10
CA GLU A 61 -1.82 9.80 -12.16
C GLU A 61 -0.59 10.02 -11.29
N PHE A 62 -0.03 8.92 -10.81
CA PHE A 62 1.14 8.98 -9.96
C PHE A 62 2.42 8.85 -10.80
N THR A 63 3.48 9.47 -10.30
CA THR A 63 4.76 9.43 -10.99
C THR A 63 5.46 8.09 -10.72
N GLU A 64 6.36 7.74 -11.63
CA GLU A 64 7.10 6.50 -11.52
C GLU A 64 7.45 6.23 -10.06
N GLU A 65 8.13 7.21 -9.46
CA GLU A 65 8.53 7.09 -8.08
C GLU A 65 7.35 6.65 -7.20
N GLN A 66 6.26 7.39 -7.33
CA GLN A 66 5.06 7.10 -6.57
C GLN A 66 4.62 5.65 -6.81
N LYS A 67 4.28 5.38 -8.07
CA LYS A 67 3.83 4.05 -8.45
C LYS A 67 4.92 3.04 -8.07
N LYS A 68 6.12 3.54 -7.88
CA LYS A 68 7.24 2.70 -7.52
C LYS A 68 7.19 2.38 -6.02
N THR A 69 6.64 3.34 -5.28
CA THR A 69 6.52 3.18 -3.84
C THR A 69 5.21 2.47 -3.49
N ILE A 70 4.13 2.93 -4.12
CA ILE A 70 2.82 2.35 -3.88
C ILE A 70 2.95 0.83 -3.78
N GLY A 71 3.50 0.24 -4.83
CA GLY A 71 3.68 -1.20 -4.87
C GLY A 71 4.34 -1.71 -3.58
N LYS A 72 5.46 -1.08 -3.25
CA LYS A 72 6.19 -1.47 -2.06
C LYS A 72 5.21 -1.63 -0.90
N ILE A 73 4.40 -0.61 -0.69
CA ILE A 73 3.42 -0.63 0.37
C ILE A 73 2.65 -1.96 0.32
N ALA A 74 2.12 -2.26 -0.85
CA ALA A 74 1.37 -3.48 -1.04
C ALA A 74 2.22 -4.67 -0.57
N THR A 75 3.39 -4.79 -1.16
CA THR A 75 4.30 -5.87 -0.82
C THR A 75 4.25 -6.16 0.68
N CYS A 76 4.61 -5.15 1.46
CA CYS A 76 4.60 -5.28 2.90
C CYS A 76 3.33 -6.03 3.32
N LEU A 77 2.21 -5.56 2.80
CA LEU A 77 0.92 -6.17 3.10
C LEU A 77 1.07 -7.69 3.01
N GLU A 78 1.62 -8.13 1.89
CA GLU A 78 1.81 -9.56 1.67
C GLU A 78 2.47 -10.21 2.89
N LEU A 79 3.24 -9.40 3.60
CA LEU A 79 3.93 -9.88 4.79
C LEU A 79 2.95 -9.94 5.95
N ARG A 80 2.39 -8.79 6.29
CA ARG A 80 1.43 -8.70 7.37
C ARG A 80 0.41 -9.84 7.27
N SER A 81 -0.41 -9.75 6.23
CA SER A 81 -1.44 -10.76 6.01
C SER A 81 -0.87 -12.16 6.28
N ALA A 82 0.01 -12.60 5.39
CA ALA A 82 0.63 -13.90 5.53
C ALA A 82 1.01 -14.13 7.00
N ALA A 83 1.53 -13.07 7.61
CA ALA A 83 1.94 -13.14 9.00
C ALA A 83 0.84 -13.81 9.82
N LEU A 84 -0.36 -13.24 9.70
CA LEU A 84 -1.50 -13.76 10.44
C LEU A 84 -1.69 -15.24 10.10
N GLN A 85 -1.90 -15.51 8.81
CA GLN A 85 -2.08 -16.87 8.35
C GLN A 85 -0.97 -17.77 8.88
N SER A 86 0.27 -17.30 8.68
CA SER A 86 1.42 -18.05 9.12
C SER A 86 1.15 -18.71 10.48
N THR A 87 1.64 -19.93 10.62
CA THR A 87 1.45 -20.67 11.85
C THR A 87 2.60 -20.40 12.82
N GLN A 88 2.38 -20.79 14.06
CA GLN A 88 3.38 -20.59 15.10
C GLN A 88 3.52 -19.10 15.44
N SER A 89 4.00 -18.35 14.45
CA SER A 89 4.18 -16.92 14.63
C SER A 89 4.68 -16.30 13.33
N GLN A 90 5.97 -16.53 13.06
CA GLN A 90 6.58 -16.00 11.86
C GLN A 90 6.70 -14.47 11.95
N GLU A 91 5.55 -13.82 11.81
CA GLU A 91 5.52 -12.36 11.87
C GLU A 91 6.42 -11.76 10.81
N GLU A 92 5.94 -11.75 9.58
CA GLU A 92 6.70 -11.21 8.47
C GLU A 92 6.55 -9.69 8.43
N PHE A 93 5.79 -9.16 9.37
CA PHE A 93 5.56 -7.73 9.46
C PHE A 93 4.66 -7.38 10.64
N LYS A 94 5.29 -6.83 11.67
CA LYS A 94 4.56 -6.44 12.87
C LYS A 94 3.54 -5.36 12.51
N LEU A 95 2.95 -4.79 13.56
CA LEU A 95 1.96 -3.74 13.37
C LEU A 95 2.68 -2.39 13.22
N GLU A 96 3.47 -2.06 14.24
CA GLU A 96 4.21 -0.81 14.23
C GLU A 96 4.90 -0.60 12.88
N ASP A 97 5.13 -1.72 12.20
CA ASP A 97 5.79 -1.69 10.91
C ASP A 97 4.74 -1.45 9.81
N LEU A 98 3.58 -2.06 10.01
CA LEU A 98 2.50 -1.93 9.05
C LEU A 98 1.93 -0.51 9.13
N LYS A 99 1.67 -0.08 10.36
CA LYS A 99 1.13 1.25 10.58
C LYS A 99 2.12 2.30 10.08
N LYS A 100 3.34 1.85 9.84
CA LYS A 100 4.39 2.72 9.35
C LYS A 100 4.16 3.01 7.86
N LEU A 101 3.13 2.38 7.32
CA LEU A 101 2.80 2.55 5.92
C LEU A 101 1.59 3.47 5.80
N GLU A 102 1.08 3.89 6.95
CA GLU A 102 -0.07 4.78 6.99
C GLU A 102 0.29 6.14 6.40
N PRO A 103 1.39 6.72 6.93
CA PRO A 103 1.85 8.02 6.46
C PRO A 103 2.53 7.91 5.10
N ILE A 104 3.13 6.75 4.88
CA ILE A 104 3.82 6.50 3.62
C ILE A 104 2.81 6.55 2.47
N LEU A 105 1.59 6.13 2.77
CA LEU A 105 0.53 6.13 1.77
C LEU A 105 -0.15 7.49 1.77
N LYS A 106 -0.27 8.06 2.96
CA LYS A 106 -0.90 9.37 3.09
C LYS A 106 -0.02 10.44 2.44
N ASN A 107 1.27 10.33 2.69
CA ASN A 107 2.23 11.26 2.14
C ASN A 107 2.92 10.63 0.93
N ILE A 108 2.22 9.71 0.29
CA ILE A 108 2.75 9.03 -0.87
C ILE A 108 3.43 10.04 -1.79
N LEU A 109 2.72 11.14 -2.02
CA LEU A 109 3.24 12.20 -2.88
C LEU A 109 4.61 12.63 -2.36
N THR A 110 4.61 13.19 -1.15
CA THR A 110 5.83 13.66 -0.53
C THR A 110 6.24 12.73 0.61
N TYR A 111 6.43 11.46 0.26
CA TYR A 111 6.82 10.46 1.24
C TYR A 111 8.33 10.22 1.19
N ASN A 112 8.92 10.57 0.06
CA ASN A 112 10.35 10.41 -0.11
C ASN A 112 10.70 8.92 -0.03
N LYS A 113 11.37 8.45 -1.07
CA LYS A 113 11.77 7.05 -1.12
C LYS A 113 12.63 6.71 0.11
N GLU A 114 13.32 5.58 0.02
CA GLU A 114 14.17 5.15 1.10
C GLU A 114 13.35 4.42 2.17
N PHE A 115 12.48 3.54 1.70
CA PHE A 115 11.62 2.77 2.58
C PHE A 115 12.38 2.37 3.86
N PRO A 116 11.63 2.39 5.00
CA PRO A 116 12.21 2.04 6.28
C PRO A 116 12.42 0.52 6.39
N PHE A 117 11.87 -0.18 5.42
CA PHE A 117 11.99 -1.63 5.40
C PHE A 117 12.50 -2.13 4.04
N ASP A 118 12.97 -3.35 4.03
CA ASP A 118 13.49 -3.96 2.81
C ASP A 118 12.37 -4.72 2.11
N VAL A 119 11.64 -4.01 1.27
CA VAL A 119 10.53 -4.60 0.54
C VAL A 119 10.65 -4.23 -0.93
N GLN A 120 10.55 -5.24 -1.79
CA GLN A 120 10.64 -5.03 -3.22
C GLN A 120 9.31 -4.51 -3.76
N PRO A 121 9.42 -3.59 -4.76
CA PRO A 121 8.24 -3.00 -5.36
C PRO A 121 7.57 -4.00 -6.33
N ILE A 122 6.25 -3.86 -6.45
CA ILE A 122 5.49 -4.73 -7.33
C ILE A 122 5.56 -4.19 -8.76
N SER A 123 5.81 -5.11 -9.68
CA SER A 123 5.90 -4.74 -11.09
C SER A 123 5.58 -5.95 -11.97
N GLY A 124 4.83 -5.69 -13.03
CA GLY A 124 4.45 -6.74 -13.95
C GLY A 124 4.77 -6.35 -15.40
N PRO A 125 4.04 -6.99 -16.34
CA PRO A 125 4.23 -6.72 -17.75
C PRO A 125 3.62 -5.37 -18.15
N SER A 126 4.33 -4.31 -17.78
CA SER A 126 3.86 -2.97 -18.08
C SER A 126 4.83 -2.28 -19.05
N SER A 127 6.08 -2.19 -18.63
CA SER A 127 7.11 -1.56 -19.43
C SER A 127 7.19 -2.26 -20.80
N GLY A 128 7.44 -3.56 -20.76
CA GLY A 128 7.54 -4.34 -21.97
C GLY A 128 8.81 -4.00 -22.74
#